data_6XDY
# 
_entry.id   6XDY 
# 
_audit_conform.dict_name       mmcif_pdbx.dic 
_audit_conform.dict_version    5.380 
_audit_conform.dict_location   http://mmcif.pdb.org/dictionaries/ascii/mmcif_pdbx.dic 
# 
loop_
_database_2.database_id 
_database_2.database_code 
_database_2.pdbx_database_accession 
_database_2.pdbx_DOI 
PDB   6XDY         pdb_00006xdy 10.2210/pdb6xdy/pdb 
WWPDB D_1000249242 ?            ?                   
# 
_pdbx_database_status.status_code                     REL 
_pdbx_database_status.status_code_sf                  REL 
_pdbx_database_status.status_code_mr                  ? 
_pdbx_database_status.entry_id                        6XDY 
_pdbx_database_status.recvd_initial_deposition_date   2020-06-11 
_pdbx_database_status.SG_entry                        N 
_pdbx_database_status.deposit_site                    RCSB 
_pdbx_database_status.process_site                    RCSB 
_pdbx_database_status.status_code_cs                  ? 
_pdbx_database_status.status_code_nmr_data            ? 
_pdbx_database_status.methods_development_category    ? 
_pdbx_database_status.pdb_format_compatible           Y 
# 
loop_
_audit_author.name 
_audit_author.pdbx_ordinal 
_audit_author.identifier_ORCID 
'Simmons, C.R.'      1 0000-0002-2290-6132 
'MacCulloch, T.'     2 0000-0001-5875-3361 
'Stephanopoulos, N.' 3 0000-0001-7859-410X 
'Yan, H.'            4 0000-0001-7397-9852 
# 
_citation.abstract                  ? 
_citation.abstract_id_CAS           ? 
_citation.book_id_ISBN              ? 
_citation.book_publisher            ? 
_citation.book_publisher_city       ? 
_citation.book_title                ? 
_citation.coordinate_linkage        ? 
_citation.country                   UK 
_citation.database_id_Medline       ? 
_citation.details                   ? 
_citation.id                        primary 
_citation.journal_abbrev            'Nat Commun' 
_citation.journal_id_ASTM           ? 
_citation.journal_id_CSD            ? 
_citation.journal_id_ISSN           2041-1723 
_citation.journal_full              ? 
_citation.journal_issue             ? 
_citation.journal_volume            13 
_citation.language                  ? 
_citation.page_first                3112 
_citation.page_last                 3112 
_citation.title                     'The influence of Holliday junction sequence and dynamics on DNA crystal self-assembly.' 
_citation.year                      2022 
_citation.database_id_CSD           ? 
_citation.pdbx_database_id_DOI      10.1038/s41467-022-30779-6 
_citation.pdbx_database_id_PubMed   35662248 
_citation.unpublished_flag          ? 
# 
loop_
_citation_author.citation_id 
_citation_author.name 
_citation_author.ordinal 
_citation_author.identifier_ORCID 
primary 'Simmons, C.R.'      1  ?                   
primary 'MacCulloch, T.'     2  ?                   
primary 'Krepl, M.'          3  0000-0002-9833-4281 
primary 'Matthies, M.'       4  ?                   
primary 'Buchberger, A.'     5  ?                   
primary 'Crawford, I.'       6  ?                   
primary 'Sponer, J.'         7  0000-0001-6558-6186 
primary 'Sulc, P.'           8  0000-0003-1565-6769 
primary 'Stephanopoulos, N.' 9  0000-0001-7859-410X 
primary 'Yan, H.'            10 0000-0001-7397-9852 
# 
_cell.angle_alpha                  90.000 
_cell.angle_alpha_esd              ? 
_cell.angle_beta                   90.000 
_cell.angle_beta_esd               ? 
_cell.angle_gamma                  120.000 
_cell.angle_gamma_esd              ? 
_cell.entry_id                     6XDY 
_cell.details                      ? 
_cell.formula_units_Z              ? 
_cell.length_a                     67.780 
_cell.length_a_esd                 ? 
_cell.length_b                     67.780 
_cell.length_b_esd                 ? 
_cell.length_c                     60.506 
_cell.length_c_esd                 ? 
_cell.volume                       ? 
_cell.volume_esd                   ? 
_cell.Z_PDB                        6 
_cell.reciprocal_angle_alpha       ? 
_cell.reciprocal_angle_beta        ? 
_cell.reciprocal_angle_gamma       ? 
_cell.reciprocal_angle_alpha_esd   ? 
_cell.reciprocal_angle_beta_esd    ? 
_cell.reciprocal_angle_gamma_esd   ? 
_cell.reciprocal_length_a          ? 
_cell.reciprocal_length_b          ? 
_cell.reciprocal_length_c          ? 
_cell.reciprocal_length_a_esd      ? 
_cell.reciprocal_length_b_esd      ? 
_cell.reciprocal_length_c_esd      ? 
_cell.pdbx_unique_axis             ? 
# 
_symmetry.entry_id                         6XDY 
_symmetry.cell_setting                     ? 
_symmetry.Int_Tables_number                154 
_symmetry.space_group_name_Hall            ? 
_symmetry.space_group_name_H-M             'P 32 2 1' 
_symmetry.pdbx_full_space_group_name_H-M   ? 
# 
loop_
_entity.id 
_entity.type 
_entity.src_method 
_entity.pdbx_description 
_entity.formula_weight 
_entity.pdbx_number_of_molecules 
_entity.pdbx_ec 
_entity.pdbx_mutation 
_entity.pdbx_fragment 
_entity.details 
1 polymer syn 
;DNA (5'-D(*GP*AP*GP*CP*AP*GP*AP*CP*CP*AP*G)-3')
;
3392.238 1 ? ? ? ? 
2 polymer syn 
;DNA (5'-D(P*AP*CP*GP*TP*CP*AP*CP*TP*CP*A)-3')
;
2988.982 1 ? ? ? ? 
3 polymer syn 
;DNA (5'-D(P*CP*TP*CP*GP*T)-3')
;
1470.998 1 ? ? ? ? 
4 polymer syn 
;DNA (5'-D(*TP*CP*TP*GP*AP*GP*TP*GP*AP*GP*GP*TP*CP*TP*GP*C)-3')
;
4945.200 1 ? ? ? ? 
# 
loop_
_entity_poly.entity_id 
_entity_poly.type 
_entity_poly.nstd_linkage 
_entity_poly.nstd_monomer 
_entity_poly.pdbx_seq_one_letter_code 
_entity_poly.pdbx_seq_one_letter_code_can 
_entity_poly.pdbx_strand_id 
_entity_poly.pdbx_target_identifier 
1 polydeoxyribonucleotide no no '(DG)(DA)(DG)(DC)(DA)(DG)(DA)(DC)(DC)(DA)(DG)'                     GAGCAGACCAG      A ? 
2 polydeoxyribonucleotide no no '(DA)(DC)(DG)(DT)(DC)(DA)(DC)(DT)(DC)(DA)'                         ACGTCACTCA       B ? 
3 polydeoxyribonucleotide no no '(DC)(DT)(DC)(DG)(DT)'                                             CTCGT            C ? 
4 polydeoxyribonucleotide no no '(DT)(DC)(DT)(DG)(DA)(DG)(DT)(DG)(DA)(DG)(DG)(DT)(DC)(DT)(DG)(DC)' TCTGAGTGAGGTCTGC D ? 
# 
loop_
_entity_poly_seq.entity_id 
_entity_poly_seq.num 
_entity_poly_seq.mon_id 
_entity_poly_seq.hetero 
1 1  DG n 
1 2  DA n 
1 3  DG n 
1 4  DC n 
1 5  DA n 
1 6  DG n 
1 7  DA n 
1 8  DC n 
1 9  DC n 
1 10 DA n 
1 11 DG n 
2 1  DA n 
2 2  DC n 
2 3  DG n 
2 4  DT n 
2 5  DC n 
2 6  DA n 
2 7  DC n 
2 8  DT n 
2 9  DC n 
2 10 DA n 
3 1  DC n 
3 2  DT n 
3 3  DC n 
3 4  DG n 
3 5  DT n 
4 1  DT n 
4 2  DC n 
4 3  DT n 
4 4  DG n 
4 5  DA n 
4 6  DG n 
4 7  DT n 
4 8  DG n 
4 9  DA n 
4 10 DG n 
4 11 DG n 
4 12 DT n 
4 13 DC n 
4 14 DT n 
4 15 DG n 
4 16 DC n 
# 
loop_
_pdbx_entity_src_syn.entity_id 
_pdbx_entity_src_syn.pdbx_src_id 
_pdbx_entity_src_syn.pdbx_alt_source_flag 
_pdbx_entity_src_syn.pdbx_beg_seq_num 
_pdbx_entity_src_syn.pdbx_end_seq_num 
_pdbx_entity_src_syn.organism_scientific 
_pdbx_entity_src_syn.organism_common_name 
_pdbx_entity_src_syn.ncbi_taxonomy_id 
_pdbx_entity_src_syn.details 
1 1 sample 1 11 'synthetic construct' ? 32630 ? 
2 1 sample 1 10 'synthetic construct' ? 32630 ? 
3 1 sample 1 5  'synthetic construct' ? 32630 ? 
4 1 sample 1 16 'synthetic construct' ? 32630 ? 
# 
loop_
_struct_ref.id 
_struct_ref.db_name 
_struct_ref.db_code 
_struct_ref.pdbx_db_accession 
_struct_ref.pdbx_db_isoform 
_struct_ref.entity_id 
_struct_ref.pdbx_seq_one_letter_code 
_struct_ref.pdbx_align_begin 
1 PDB 6XDY 6XDY ? 1 ? 1 
2 PDB 6XDY 6XDY ? 2 ? 1 
3 PDB 6XDY 6XDY ? 3 ? 1 
4 PDB 6XDY 6XDY ? 4 ? 1 
# 
loop_
_struct_ref_seq.align_id 
_struct_ref_seq.ref_id 
_struct_ref_seq.pdbx_PDB_id_code 
_struct_ref_seq.pdbx_strand_id 
_struct_ref_seq.seq_align_beg 
_struct_ref_seq.pdbx_seq_align_beg_ins_code 
_struct_ref_seq.seq_align_end 
_struct_ref_seq.pdbx_seq_align_end_ins_code 
_struct_ref_seq.pdbx_db_accession 
_struct_ref_seq.db_align_beg 
_struct_ref_seq.pdbx_db_align_beg_ins_code 
_struct_ref_seq.db_align_end 
_struct_ref_seq.pdbx_db_align_end_ins_code 
_struct_ref_seq.pdbx_auth_seq_align_beg 
_struct_ref_seq.pdbx_auth_seq_align_end 
1 1 6XDY A 1 ? 11 ? 6XDY 1  ? 11 ? 1  11 
2 2 6XDY B 1 ? 10 ? 6XDY 12 ? 21 ? 12 21 
3 3 6XDY C 1 ? 5  ? 6XDY 1  ? 5  ? 1  5  
4 4 6XDY D 1 ? 16 ? 6XDY 1  ? 16 ? 1  16 
# 
loop_
_chem_comp.id 
_chem_comp.type 
_chem_comp.mon_nstd_flag 
_chem_comp.name 
_chem_comp.pdbx_synonyms 
_chem_comp.formula 
_chem_comp.formula_weight 
DA 'DNA linking' y "2'-DEOXYADENOSINE-5'-MONOPHOSPHATE" ? 'C10 H14 N5 O6 P' 331.222 
DC 'DNA linking' y "2'-DEOXYCYTIDINE-5'-MONOPHOSPHATE"  ? 'C9 H14 N3 O7 P'  307.197 
DG 'DNA linking' y "2'-DEOXYGUANOSINE-5'-MONOPHOSPHATE" ? 'C10 H14 N5 O7 P' 347.221 
DT 'DNA linking' y "THYMIDINE-5'-MONOPHOSPHATE"         ? 'C10 H15 N2 O8 P' 322.208 
# 
_exptl.absorpt_coefficient_mu     ? 
_exptl.absorpt_correction_T_max   ? 
_exptl.absorpt_correction_T_min   ? 
_exptl.absorpt_correction_type    ? 
_exptl.absorpt_process_details    ? 
_exptl.entry_id                   6XDY 
_exptl.crystals_number            1 
_exptl.details                    ? 
_exptl.method                     'X-RAY DIFFRACTION' 
_exptl.method_details             ? 
# 
_exptl_crystal.colour                      ? 
_exptl_crystal.density_diffrn              ? 
_exptl_crystal.density_Matthews            3.14 
_exptl_crystal.density_method              ? 
_exptl_crystal.density_percent_sol         60.77 
_exptl_crystal.description                 ? 
_exptl_crystal.F_000                       ? 
_exptl_crystal.id                          1 
_exptl_crystal.preparation                 ? 
_exptl_crystal.size_max                    ? 
_exptl_crystal.size_mid                    ? 
_exptl_crystal.size_min                    ? 
_exptl_crystal.size_rad                    ? 
_exptl_crystal.colour_lustre               ? 
_exptl_crystal.colour_modifier             ? 
_exptl_crystal.colour_primary              ? 
_exptl_crystal.density_meas                ? 
_exptl_crystal.density_meas_esd            ? 
_exptl_crystal.density_meas_gt             ? 
_exptl_crystal.density_meas_lt             ? 
_exptl_crystal.density_meas_temp           ? 
_exptl_crystal.density_meas_temp_esd       ? 
_exptl_crystal.density_meas_temp_gt        ? 
_exptl_crystal.density_meas_temp_lt        ? 
_exptl_crystal.pdbx_crystal_image_url      ? 
_exptl_crystal.pdbx_crystal_image_format   ? 
_exptl_crystal.pdbx_mosaicity              ? 
_exptl_crystal.pdbx_mosaicity_esd          ? 
# 
_exptl_crystal_grow.apparatus       ? 
_exptl_crystal_grow.atmosphere      ? 
_exptl_crystal_grow.crystal_id      1 
_exptl_crystal_grow.details         ? 
_exptl_crystal_grow.method          'VAPOR DIFFUSION, SITTING DROP' 
_exptl_crystal_grow.method_ref      ? 
_exptl_crystal_grow.pH              ? 
_exptl_crystal_grow.pressure        ? 
_exptl_crystal_grow.pressure_esd    ? 
_exptl_crystal_grow.seeding         ? 
_exptl_crystal_grow.seeding_ref     ? 
_exptl_crystal_grow.temp            298 
_exptl_crystal_grow.temp_details    'temperature gradient generated from 60 to 25 C at 0.3 degrees per hour' 
_exptl_crystal_grow.temp_esd        ? 
_exptl_crystal_grow.time            ? 
_exptl_crystal_grow.pdbx_details    
;0.5 mL of 0.05 M Cacodylate pH 7.0 with 20 mM MgCl2, 1.0 mM spermine, 1.0 mM CoH18N6, and 15% Ethanol was added to the reservoir with 2 uL added to the drop containing 4 uL of DNA stock
;
_exptl_crystal_grow.pdbx_pH_range   ? 
# 
_diffrn.ambient_environment              ? 
_diffrn.ambient_temp                     100 
_diffrn.ambient_temp_details             ? 
_diffrn.ambient_temp_esd                 ? 
_diffrn.crystal_id                       1 
_diffrn.crystal_support                  ? 
_diffrn.crystal_treatment                ? 
_diffrn.details                          ? 
_diffrn.id                               1 
_diffrn.ambient_pressure                 ? 
_diffrn.ambient_pressure_esd             ? 
_diffrn.ambient_pressure_gt              ? 
_diffrn.ambient_pressure_lt              ? 
_diffrn.ambient_temp_gt                  ? 
_diffrn.ambient_temp_lt                  ? 
_diffrn.pdbx_serial_crystal_experiment   N 
# 
_diffrn_detector.details                      ? 
_diffrn_detector.detector                     PIXEL 
_diffrn_detector.diffrn_id                    1 
_diffrn_detector.type                         'DECTRIS PILATUS3 6M' 
_diffrn_detector.area_resol_mean              ? 
_diffrn_detector.dtime                        ? 
_diffrn_detector.pdbx_frames_total            ? 
_diffrn_detector.pdbx_collection_time_total   ? 
_diffrn_detector.pdbx_collection_date         2018-08-15 
_diffrn_detector.pdbx_frequency               ? 
# 
_diffrn_radiation.collimation                      ? 
_diffrn_radiation.diffrn_id                        1 
_diffrn_radiation.filter_edge                      ? 
_diffrn_radiation.inhomogeneity                    ? 
_diffrn_radiation.monochromator                    ? 
_diffrn_radiation.polarisn_norm                    ? 
_diffrn_radiation.polarisn_ratio                   ? 
_diffrn_radiation.probe                            ? 
_diffrn_radiation.type                             ? 
_diffrn_radiation.xray_symbol                      ? 
_diffrn_radiation.wavelength_id                    1 
_diffrn_radiation.pdbx_monochromatic_or_laue_m_l   M 
_diffrn_radiation.pdbx_wavelength_list             ? 
_diffrn_radiation.pdbx_wavelength                  ? 
_diffrn_radiation.pdbx_diffrn_protocol             'SINGLE WAVELENGTH' 
_diffrn_radiation.pdbx_analyzer                    ? 
_diffrn_radiation.pdbx_scattering_type             x-ray 
# 
_diffrn_radiation_wavelength.id           1 
_diffrn_radiation_wavelength.wavelength   0.92 
_diffrn_radiation_wavelength.wt           1.0 
# 
_diffrn_source.current                     ? 
_diffrn_source.details                     ? 
_diffrn_source.diffrn_id                   1 
_diffrn_source.power                       ? 
_diffrn_source.size                        ? 
_diffrn_source.source                      SYNCHROTRON 
_diffrn_source.target                      ? 
_diffrn_source.type                        'APS BEAMLINE 19-ID' 
_diffrn_source.voltage                     ? 
_diffrn_source.take-off_angle              ? 
_diffrn_source.pdbx_wavelength_list        0.92 
_diffrn_source.pdbx_wavelength             ? 
_diffrn_source.pdbx_synchrotron_beamline   19-ID 
_diffrn_source.pdbx_synchrotron_site       APS 
# 
_reflns.B_iso_Wilson_estimate            122.250 
_reflns.entry_id                         6XDY 
_reflns.data_reduction_details           ? 
_reflns.data_reduction_method            ? 
_reflns.d_resolution_high                3.050 
_reflns.d_resolution_low                 50.000 
_reflns.details                          ? 
_reflns.limit_h_max                      ? 
_reflns.limit_h_min                      ? 
_reflns.limit_k_max                      ? 
_reflns.limit_k_min                      ? 
_reflns.limit_l_max                      ? 
_reflns.limit_l_min                      ? 
_reflns.number_all                       ? 
_reflns.number_obs                       3237 
_reflns.observed_criterion               ? 
_reflns.observed_criterion_F_max         ? 
_reflns.observed_criterion_F_min         ? 
_reflns.observed_criterion_I_max         ? 
_reflns.observed_criterion_I_min         ? 
_reflns.observed_criterion_sigma_F       ? 
_reflns.observed_criterion_sigma_I       ? 
_reflns.percent_possible_obs             99.600 
_reflns.R_free_details                   ? 
_reflns.Rmerge_F_all                     ? 
_reflns.Rmerge_F_obs                     ? 
_reflns.Friedel_coverage                 ? 
_reflns.number_gt                        ? 
_reflns.threshold_expression             ? 
_reflns.pdbx_redundancy                  16.700 
_reflns.pdbx_Rmerge_I_obs                0.101 
_reflns.pdbx_Rmerge_I_all                ? 
_reflns.pdbx_Rsym_value                  ? 
_reflns.pdbx_netI_over_av_sigmaI         ? 
_reflns.pdbx_netI_over_sigmaI            6.200 
_reflns.pdbx_res_netI_over_av_sigmaI_2   ? 
_reflns.pdbx_res_netI_over_sigmaI_2      ? 
_reflns.pdbx_chi_squared                 3.338 
_reflns.pdbx_scaling_rejects             ? 
_reflns.pdbx_d_res_high_opt              ? 
_reflns.pdbx_d_res_low_opt               ? 
_reflns.pdbx_d_res_opt_method            ? 
_reflns.phase_calculation_details        ? 
_reflns.pdbx_Rrim_I_all                  0.105 
_reflns.pdbx_Rpim_I_all                  0.027 
_reflns.pdbx_d_opt                       ? 
_reflns.pdbx_number_measured_all         ? 
_reflns.pdbx_diffrn_id                   1 
_reflns.pdbx_ordinal                     1 
_reflns.pdbx_CC_half                     0.865 
_reflns.pdbx_CC_star                     ? 
_reflns.pdbx_R_split                     ? 
# 
loop_
_reflns_shell.d_res_high 
_reflns_shell.d_res_low 
_reflns_shell.meanI_over_sigI_all 
_reflns_shell.meanI_over_sigI_obs 
_reflns_shell.number_measured_all 
_reflns_shell.number_measured_obs 
_reflns_shell.number_possible 
_reflns_shell.number_unique_all 
_reflns_shell.number_unique_obs 
_reflns_shell.percent_possible_all 
_reflns_shell.percent_possible_obs 
_reflns_shell.Rmerge_F_all 
_reflns_shell.Rmerge_F_obs 
_reflns_shell.Rmerge_I_all 
_reflns_shell.Rmerge_I_obs 
_reflns_shell.meanI_over_sigI_gt 
_reflns_shell.meanI_over_uI_all 
_reflns_shell.meanI_over_uI_gt 
_reflns_shell.number_measured_gt 
_reflns_shell.number_unique_gt 
_reflns_shell.percent_possible_gt 
_reflns_shell.Rmerge_F_gt 
_reflns_shell.Rmerge_I_gt 
_reflns_shell.pdbx_redundancy 
_reflns_shell.pdbx_Rsym_value 
_reflns_shell.pdbx_chi_squared 
_reflns_shell.pdbx_netI_over_sigmaI_all 
_reflns_shell.pdbx_netI_over_sigmaI_obs 
_reflns_shell.pdbx_Rrim_I_all 
_reflns_shell.pdbx_Rpim_I_all 
_reflns_shell.pdbx_rejects 
_reflns_shell.pdbx_ordinal 
_reflns_shell.pdbx_diffrn_id 
_reflns_shell.pdbx_CC_half 
_reflns_shell.pdbx_CC_star 
_reflns_shell.pdbx_R_split 
3.050 3.100  ? ? ? ? ? ? 153 99.400  ? ? ? ? 1.029 ? ? ? ? ? ? ? ? 12.400 ? 0.459  ? ? 1.067 0.270 ? 1  1 0.865 ? ? 
3.100 3.160  ? ? ? ? ? ? 164 98.800  ? ? ? ? 0.446 ? ? ? ? ? ? ? ? 13.300 ? 0.705  ? ? 0.461 0.113 ? 2  1 0.992 ? ? 
3.160 3.220  ? ? ? ? ? ? 172 100.000 ? ? ? ? 0.287 ? ? ? ? ? ? ? ? 15.400 ? 1.087  ? ? 0.295 0.068 ? 3  1 0.989 ? ? 
3.220 3.290  ? ? ? ? ? ? 136 100.000 ? ? ? ? 0.525 ? ? ? ? ? ? ? ? 16.100 ? 0.711  ? ? 0.541 0.128 ? 4  1 0.989 ? ? 
3.290 3.360  ? ? ? ? ? ? 180 100.000 ? ? ? ? 0.306 ? ? ? ? ? ? ? ? 17.500 ? 0.929  ? ? 0.314 0.072 ? 5  1 0.992 ? ? 
3.360 3.430  ? ? ? ? ? ? 139 100.000 ? ? ? ? 0.336 ? ? ? ? ? ? ? ? 17.600 ? 0.779  ? ? 0.346 0.081 ? 6  1 0.989 ? ? 
3.430 3.520  ? ? ? ? ? ? 163 100.000 ? ? ? ? 0.323 ? ? ? ? ? ? ? ? 17.800 ? 0.958  ? ? 0.332 0.077 ? 7  1 0.991 ? ? 
3.520 3.620  ? ? ? ? ? ? 156 100.000 ? ? ? ? 0.354 ? ? ? ? ? ? ? ? 17.200 ? 0.937  ? ? 0.364 0.085 ? 8  1 0.982 ? ? 
3.620 3.720  ? ? ? ? ? ? 163 100.000 ? ? ? ? 0.324 ? ? ? ? ? ? ? ? 15.600 ? 0.980  ? ? 0.335 0.083 ? 9  1 0.983 ? ? 
3.720 3.840  ? ? ? ? ? ? 158 100.000 ? ? ? ? 0.283 ? ? ? ? ? ? ? ? 17.400 ? 1.161  ? ? 0.292 0.069 ? 10 1 0.988 ? ? 
3.840 3.980  ? ? ? ? ? ? 163 100.000 ? ? ? ? 0.251 ? ? ? ? ? ? ? ? 18.400 ? 1.563  ? ? 0.258 0.059 ? 11 1 0.985 ? ? 
3.980 4.140  ? ? ? ? ? ? 153 100.000 ? ? ? ? 0.222 ? ? ? ? ? ? ? ? 18.300 ? 1.885  ? ? 0.228 0.053 ? 12 1 0.986 ? ? 
4.140 4.330  ? ? ? ? ? ? 171 100.000 ? ? ? ? 0.203 ? ? ? ? ? ? ? ? 18.000 ? 3.235  ? ? 0.209 0.049 ? 13 1 0.979 ? ? 
4.330 4.560  ? ? ? ? ? ? 156 99.400  ? ? ? ? 0.199 ? ? ? ? ? ? ? ? 18.300 ? 3.030  ? ? 0.205 0.048 ? 14 1 0.991 ? ? 
4.560 4.840  ? ? ? ? ? ? 158 100.000 ? ? ? ? 0.173 ? ? ? ? ? ? ? ? 16.900 ? 2.889  ? ? 0.178 0.043 ? 15 1 0.988 ? ? 
4.840 5.210  ? ? ? ? ? ? 163 100.000 ? ? ? ? 0.151 ? ? ? ? ? ? ? ? 17.000 ? 5.837  ? ? 0.156 0.038 ? 16 1 0.985 ? ? 
5.210 5.740  ? ? ? ? ? ? 165 99.400  ? ? ? ? 0.127 ? ? ? ? ? ? ? ? 17.900 ? 7.214  ? ? 0.131 0.031 ? 17 1 0.991 ? ? 
5.740 6.570  ? ? ? ? ? ? 169 99.400  ? ? ? ? 0.109 ? ? ? ? ? ? ? ? 17.300 ? 5.560  ? ? 0.112 0.027 ? 18 1 0.994 ? ? 
6.570 8.270  ? ? ? ? ? ? 168 99.400  ? ? ? ? 0.076 ? ? ? ? ? ? ? ? 15.900 ? 5.974  ? ? 0.078 0.020 ? 19 1 0.997 ? ? 
8.270 50.000 ? ? ? ? ? ? 187 97.400  ? ? ? ? 0.083 ? ? ? ? ? ? ? ? 15.300 ? 18.024 ? ? 0.086 0.024 ? 20 1 0.999 ? ? 
# 
_refine.aniso_B[1][1]                            ? 
_refine.aniso_B[1][2]                            ? 
_refine.aniso_B[1][3]                            ? 
_refine.aniso_B[2][2]                            ? 
_refine.aniso_B[2][3]                            ? 
_refine.aniso_B[3][3]                            ? 
_refine.B_iso_max                                199.880 
_refine.B_iso_mean                               126.9940 
_refine.B_iso_min                                85.560 
_refine.correlation_coeff_Fo_to_Fc               ? 
_refine.correlation_coeff_Fo_to_Fc_free          ? 
_refine.details                                  ? 
_refine.diff_density_max                         ? 
_refine.diff_density_max_esd                     ? 
_refine.diff_density_min                         ? 
_refine.diff_density_min_esd                     ? 
_refine.diff_density_rms                         ? 
_refine.diff_density_rms_esd                     ? 
_refine.entry_id                                 6XDY 
_refine.pdbx_refine_id                           'X-RAY DIFFRACTION' 
_refine.ls_abs_structure_details                 ? 
_refine.ls_abs_structure_Flack                   ? 
_refine.ls_abs_structure_Flack_esd               ? 
_refine.ls_abs_structure_Rogers                  ? 
_refine.ls_abs_structure_Rogers_esd              ? 
_refine.ls_d_res_high                            3.0600 
_refine.ls_d_res_low                             33.8900 
_refine.ls_extinction_coef                       ? 
_refine.ls_extinction_coef_esd                   ? 
_refine.ls_extinction_expression                 ? 
_refine.ls_extinction_method                     ? 
_refine.ls_goodness_of_fit_all                   ? 
_refine.ls_goodness_of_fit_all_esd               ? 
_refine.ls_goodness_of_fit_obs                   ? 
_refine.ls_goodness_of_fit_obs_esd               ? 
_refine.ls_hydrogen_treatment                    ? 
_refine.ls_matrix_type                           ? 
_refine.ls_number_constraints                    ? 
_refine.ls_number_parameters                     ? 
_refine.ls_number_reflns_all                     ? 
_refine.ls_number_reflns_obs                     3185 
_refine.ls_number_reflns_R_free                  327 
_refine.ls_number_reflns_R_work                  2858 
_refine.ls_number_restraints                     ? 
_refine.ls_percent_reflns_obs                    98.4500 
_refine.ls_percent_reflns_R_free                 10.2700 
_refine.ls_R_factor_all                          ? 
_refine.ls_R_factor_obs                          0.2409 
_refine.ls_R_factor_R_free                       0.2513 
_refine.ls_R_factor_R_free_error                 ? 
_refine.ls_R_factor_R_free_error_details         ? 
_refine.ls_R_factor_R_work                       0.2397 
_refine.ls_R_Fsqd_factor_obs                     ? 
_refine.ls_R_I_factor_obs                        ? 
_refine.ls_redundancy_reflns_all                 ? 
_refine.ls_redundancy_reflns_obs                 ? 
_refine.ls_restrained_S_all                      ? 
_refine.ls_restrained_S_obs                      ? 
_refine.ls_shift_over_esd_max                    ? 
_refine.ls_shift_over_esd_mean                   ? 
_refine.ls_structure_factor_coef                 ? 
_refine.ls_weighting_details                     ? 
_refine.ls_weighting_scheme                      ? 
_refine.ls_wR_factor_all                         ? 
_refine.ls_wR_factor_obs                         ? 
_refine.ls_wR_factor_R_free                      ? 
_refine.ls_wR_factor_R_work                      ? 
_refine.occupancy_max                            ? 
_refine.occupancy_min                            ? 
_refine.solvent_model_details                    'FLAT BULK SOLVENT MODEL' 
_refine.solvent_model_param_bsol                 ? 
_refine.solvent_model_param_ksol                 ? 
_refine.pdbx_R_complete                          ? 
_refine.ls_R_factor_gt                           ? 
_refine.ls_goodness_of_fit_gt                    ? 
_refine.ls_goodness_of_fit_ref                   ? 
_refine.ls_shift_over_su_max                     ? 
_refine.ls_shift_over_su_max_lt                  ? 
_refine.ls_shift_over_su_mean                    ? 
_refine.ls_shift_over_su_mean_lt                 ? 
_refine.pdbx_ls_sigma_I                          ? 
_refine.pdbx_ls_sigma_F                          2.040 
_refine.pdbx_ls_sigma_Fsqd                       ? 
_refine.pdbx_data_cutoff_high_absF               ? 
_refine.pdbx_data_cutoff_high_rms_absF           ? 
_refine.pdbx_data_cutoff_low_absF                ? 
_refine.pdbx_isotropic_thermal_model             ? 
_refine.pdbx_ls_cross_valid_method               THROUGHOUT 
_refine.pdbx_method_to_determine_struct          'MOLECULAR REPLACEMENT' 
_refine.pdbx_starting_model                      6X8C 
_refine.pdbx_stereochemistry_target_values       ML 
_refine.pdbx_R_Free_selection_details            ? 
_refine.pdbx_stereochem_target_val_spec_case     ? 
_refine.pdbx_overall_ESU_R                       ? 
_refine.pdbx_overall_ESU_R_Free                  ? 
_refine.pdbx_solvent_vdw_probe_radii             1.1100 
_refine.pdbx_solvent_ion_probe_radii             ? 
_refine.pdbx_solvent_shrinkage_radii             0.9000 
_refine.pdbx_real_space_R                        ? 
_refine.pdbx_density_correlation                 ? 
_refine.pdbx_pd_number_of_powder_patterns        ? 
_refine.pdbx_pd_number_of_points                 ? 
_refine.pdbx_pd_meas_number_of_points            ? 
_refine.pdbx_pd_proc_ls_prof_R_factor            ? 
_refine.pdbx_pd_proc_ls_prof_wR_factor           ? 
_refine.pdbx_pd_Marquardt_correlation_coeff      ? 
_refine.pdbx_pd_Fsqrd_R_factor                   ? 
_refine.pdbx_pd_ls_matrix_band_width             ? 
_refine.pdbx_overall_phase_error                 42.2300 
_refine.pdbx_overall_SU_R_free_Cruickshank_DPI   ? 
_refine.pdbx_overall_SU_R_free_Blow_DPI          ? 
_refine.pdbx_overall_SU_R_Blow_DPI               ? 
_refine.pdbx_TLS_residual_ADP_flag               ? 
_refine.pdbx_diffrn_id                           1 
_refine.overall_SU_B                             ? 
_refine.overall_SU_ML                            0.4700 
_refine.overall_SU_R_Cruickshank_DPI             ? 
_refine.overall_SU_R_free                        ? 
_refine.overall_FOM_free_R_set                   ? 
_refine.overall_FOM_work_R_set                   ? 
_refine.pdbx_average_fsc_overall                 ? 
_refine.pdbx_average_fsc_work                    ? 
_refine.pdbx_average_fsc_free                    ? 
# 
_refine_hist.pdbx_refine_id                   'X-RAY DIFFRACTION' 
_refine_hist.cycle_id                         final 
_refine_hist.details                          ? 
_refine_hist.d_res_high                       3.0600 
_refine_hist.d_res_low                        33.8900 
_refine_hist.number_atoms_solvent             0 
_refine_hist.number_atoms_total               855 
_refine_hist.number_reflns_all                ? 
_refine_hist.number_reflns_obs                ? 
_refine_hist.number_reflns_R_free             ? 
_refine_hist.number_reflns_R_work             ? 
_refine_hist.R_factor_all                     ? 
_refine_hist.R_factor_obs                     ? 
_refine_hist.R_factor_R_free                  ? 
_refine_hist.R_factor_R_work                  ? 
_refine_hist.pdbx_number_residues_total       42 
_refine_hist.pdbx_B_iso_mean_ligand           ? 
_refine_hist.pdbx_B_iso_mean_solvent          ? 
_refine_hist.pdbx_number_atoms_protein        0 
_refine_hist.pdbx_number_atoms_nucleic_acid   855 
_refine_hist.pdbx_number_atoms_ligand         0 
_refine_hist.pdbx_number_atoms_lipid          ? 
_refine_hist.pdbx_number_atoms_carb           ? 
_refine_hist.pdbx_pseudo_atom_details         ? 
# 
loop_
_refine_ls_restr.pdbx_refine_id 
_refine_ls_restr.criterion 
_refine_ls_restr.dev_ideal 
_refine_ls_restr.dev_ideal_target 
_refine_ls_restr.number 
_refine_ls_restr.rejects 
_refine_ls_restr.type 
_refine_ls_restr.weight 
_refine_ls_restr.pdbx_restraint_function 
'X-RAY DIFFRACTION' ? 0.004  ? 956  ? f_bond_d           ? ? 
'X-RAY DIFFRACTION' ? 0.611  ? 1467 ? f_angle_d          ? ? 
'X-RAY DIFFRACTION' ? 0.028  ? 166  ? f_chiral_restr     ? ? 
'X-RAY DIFFRACTION' ? 0.003  ? 42   ? f_plane_restr      ? ? 
'X-RAY DIFFRACTION' ? 34.566 ? 406  ? f_dihedral_angle_d ? ? 
# 
loop_
_refine_ls_shell.pdbx_refine_id 
_refine_ls_shell.d_res_high 
_refine_ls_shell.d_res_low 
_refine_ls_shell.number_reflns_all 
_refine_ls_shell.number_reflns_obs 
_refine_ls_shell.number_reflns_R_free 
_refine_ls_shell.number_reflns_R_work 
_refine_ls_shell.percent_reflns_obs 
_refine_ls_shell.percent_reflns_R_free 
_refine_ls_shell.R_factor_all 
_refine_ls_shell.R_factor_obs 
_refine_ls_shell.R_factor_R_free 
_refine_ls_shell.R_factor_R_free_error 
_refine_ls_shell.R_factor_R_work 
_refine_ls_shell.redundancy_reflns_all 
_refine_ls_shell.redundancy_reflns_obs 
_refine_ls_shell.wR_factor_all 
_refine_ls_shell.wR_factor_obs 
_refine_ls_shell.wR_factor_R_free 
_refine_ls_shell.wR_factor_R_work 
_refine_ls_shell.pdbx_R_complete 
_refine_ls_shell.pdbx_total_number_of_bins_used 
_refine_ls_shell.pdbx_phase_error 
_refine_ls_shell.pdbx_fsc_work 
_refine_ls_shell.pdbx_fsc_free 
'X-RAY DIFFRACTION' 3.0602 3.8546 . . 143 1406 98.0000 . . . 0.3839 0.0000 0.3320 . . . . . . . . . . . 
'X-RAY DIFFRACTION' 3.8546 33.89  . . 184 1452 99.0000 . . . 0.2311 0.0000 0.2244 . . . . . . . . . . . 
# 
_struct.entry_id                     6XDY 
_struct.title                        
'Self-assembly of a 3D DNA crystal lattice (4x5 junction version) containing the J7 immobile Holliday junction' 
_struct.pdbx_model_details           ? 
_struct.pdbx_formula_weight          ? 
_struct.pdbx_formula_weight_method   ? 
_struct.pdbx_model_type_details      ? 
_struct.pdbx_CASP_flag               N 
# 
_struct_keywords.entry_id        6XDY 
_struct_keywords.text            
'Structural DNA nanotechnology, immobile Holliday junctions, 3D DNA self-assembly, designer DNA crystals, DNA' 
_struct_keywords.pdbx_keywords   DNA 
# 
loop_
_struct_asym.id 
_struct_asym.pdbx_blank_PDB_chainid_flag 
_struct_asym.pdbx_modified 
_struct_asym.entity_id 
_struct_asym.details 
A N N 1 ? 
B N N 2 ? 
C N N 3 ? 
D N N 4 ? 
# 
loop_
_struct_conn.id 
_struct_conn.conn_type_id 
_struct_conn.pdbx_leaving_atom_flag 
_struct_conn.pdbx_PDB_id 
_struct_conn.ptnr1_label_asym_id 
_struct_conn.ptnr1_label_comp_id 
_struct_conn.ptnr1_label_seq_id 
_struct_conn.ptnr1_label_atom_id 
_struct_conn.pdbx_ptnr1_label_alt_id 
_struct_conn.pdbx_ptnr1_PDB_ins_code 
_struct_conn.pdbx_ptnr1_standard_comp_id 
_struct_conn.ptnr1_symmetry 
_struct_conn.ptnr2_label_asym_id 
_struct_conn.ptnr2_label_comp_id 
_struct_conn.ptnr2_label_seq_id 
_struct_conn.ptnr2_label_atom_id 
_struct_conn.pdbx_ptnr2_label_alt_id 
_struct_conn.pdbx_ptnr2_PDB_ins_code 
_struct_conn.ptnr1_auth_asym_id 
_struct_conn.ptnr1_auth_comp_id 
_struct_conn.ptnr1_auth_seq_id 
_struct_conn.ptnr2_auth_asym_id 
_struct_conn.ptnr2_auth_comp_id 
_struct_conn.ptnr2_auth_seq_id 
_struct_conn.ptnr2_symmetry 
_struct_conn.pdbx_ptnr3_label_atom_id 
_struct_conn.pdbx_ptnr3_label_seq_id 
_struct_conn.pdbx_ptnr3_label_comp_id 
_struct_conn.pdbx_ptnr3_label_asym_id 
_struct_conn.pdbx_ptnr3_label_alt_id 
_struct_conn.pdbx_ptnr3_PDB_ins_code 
_struct_conn.details 
_struct_conn.pdbx_dist_value 
_struct_conn.pdbx_value_order 
_struct_conn.pdbx_role 
hydrog1  hydrog ? ? A DG 3  N1 ? ? ? 1_555 D DC 16 N3 ? ? A DG 3  D DC 16 1_555 ? ? ? ? ? ? WATSON-CRICK ? ? ? 
hydrog2  hydrog ? ? A DG 3  N2 ? ? ? 1_555 D DC 16 O2 ? ? A DG 3  D DC 16 1_555 ? ? ? ? ? ? WATSON-CRICK ? ? ? 
hydrog3  hydrog ? ? A DG 3  O6 ? ? ? 1_555 D DC 16 N4 ? ? A DG 3  D DC 16 1_555 ? ? ? ? ? ? WATSON-CRICK ? ? ? 
hydrog4  hydrog ? ? A DC 4  N3 ? ? ? 1_555 D DG 15 N1 ? ? A DC 4  D DG 15 1_555 ? ? ? ? ? ? WATSON-CRICK ? ? ? 
hydrog5  hydrog ? ? A DC 4  N4 ? ? ? 1_555 D DG 15 O6 ? ? A DC 4  D DG 15 1_555 ? ? ? ? ? ? WATSON-CRICK ? ? ? 
hydrog6  hydrog ? ? A DC 4  O2 ? ? ? 1_555 D DG 15 N2 ? ? A DC 4  D DG 15 1_555 ? ? ? ? ? ? WATSON-CRICK ? ? ? 
hydrog7  hydrog ? ? A DA 5  N1 ? ? ? 1_555 D DT 14 N3 ? ? A DA 5  D DT 14 1_555 ? ? ? ? ? ? WATSON-CRICK ? ? ? 
hydrog8  hydrog ? ? A DA 5  N6 ? ? ? 1_555 D DT 14 O4 ? ? A DA 5  D DT 14 1_555 ? ? ? ? ? ? WATSON-CRICK ? ? ? 
hydrog9  hydrog ? ? A DG 6  N1 ? ? ? 1_555 D DC 13 N3 ? ? A DG 6  D DC 13 1_555 ? ? ? ? ? ? WATSON-CRICK ? ? ? 
hydrog10 hydrog ? ? A DG 6  N2 ? ? ? 1_555 D DC 13 O2 ? ? A DG 6  D DC 13 1_555 ? ? ? ? ? ? WATSON-CRICK ? ? ? 
hydrog11 hydrog ? ? A DG 6  O6 ? ? ? 1_555 D DC 13 N4 ? ? A DG 6  D DC 13 1_555 ? ? ? ? ? ? WATSON-CRICK ? ? ? 
hydrog12 hydrog ? ? A DA 7  N1 ? ? ? 1_555 D DT 12 N3 ? ? A DA 7  D DT 12 1_555 ? ? ? ? ? ? WATSON-CRICK ? ? ? 
hydrog13 hydrog ? ? A DA 7  N6 ? ? ? 1_555 D DT 12 O4 ? ? A DA 7  D DT 12 1_555 ? ? ? ? ? ? WATSON-CRICK ? ? ? 
hydrog14 hydrog ? ? A DC 8  N3 ? ? ? 1_555 D DG 11 N1 ? ? A DC 8  D DG 11 1_555 ? ? ? ? ? ? WATSON-CRICK ? ? ? 
hydrog15 hydrog ? ? A DC 8  N4 ? ? ? 1_555 D DG 11 O6 ? ? A DC 8  D DG 11 1_555 ? ? ? ? ? ? WATSON-CRICK ? ? ? 
hydrog16 hydrog ? ? A DC 8  O2 ? ? ? 1_555 D DG 11 N2 ? ? A DC 8  D DG 11 1_555 ? ? ? ? ? ? WATSON-CRICK ? ? ? 
hydrog17 hydrog ? ? A DC 9  N3 ? ? ? 1_555 D DG 10 N1 ? ? A DC 9  D DG 10 1_555 ? ? ? ? ? ? WATSON-CRICK ? ? ? 
hydrog18 hydrog ? ? A DC 9  N4 ? ? ? 1_555 D DG 10 O6 ? ? A DC 9  D DG 10 1_555 ? ? ? ? ? ? WATSON-CRICK ? ? ? 
hydrog19 hydrog ? ? A DC 9  O2 ? ? ? 1_555 D DG 10 N2 ? ? A DC 9  D DG 10 1_555 ? ? ? ? ? ? WATSON-CRICK ? ? ? 
hydrog20 hydrog ? ? A DA 10 N1 ? ? ? 1_555 C DT 2  N3 ? ? A DA 10 C DT 2  1_555 ? ? ? ? ? ? WATSON-CRICK ? ? ? 
hydrog21 hydrog ? ? A DA 10 N6 ? ? ? 1_555 C DT 2  O4 ? ? A DA 10 C DT 2  1_555 ? ? ? ? ? ? WATSON-CRICK ? ? ? 
hydrog22 hydrog ? ? A DG 11 N1 ? ? ? 1_555 C DC 1  N3 ? ? A DG 11 C DC 1  1_555 ? ? ? ? ? ? WATSON-CRICK ? ? ? 
hydrog23 hydrog ? ? A DG 11 N2 ? ? ? 1_555 C DC 1  O2 ? ? A DG 11 C DC 1  1_555 ? ? ? ? ? ? WATSON-CRICK ? ? ? 
hydrog24 hydrog ? ? A DG 11 O6 ? ? ? 1_555 C DC 1  N4 ? ? A DG 11 C DC 1  1_555 ? ? ? ? ? ? WATSON-CRICK ? ? ? 
hydrog25 hydrog ? ? B DA 1  N1 ? ? ? 1_555 C DG 4  N1 ? ? B DA 12 C DG 4  1_555 ? ? ? ? ? ? TYPE_8_PAIR  ? ? ? 
hydrog26 hydrog ? ? B DA 1  N6 ? ? ? 1_555 C DG 4  O6 ? ? B DA 12 C DG 4  1_555 ? ? ? ? ? ? TYPE_8_PAIR  ? ? ? 
hydrog27 hydrog ? ? B DA 1  N1 ? ? ? 1_555 C DT 5  N3 ? ? B DA 12 C DT 5  1_555 ? ? ? ? ? ? WATSON-CRICK ? ? ? 
hydrog28 hydrog ? ? B DA 1  N6 ? ? ? 1_555 C DT 5  O4 ? ? B DA 12 C DT 5  1_555 ? ? ? ? ? ? WATSON-CRICK ? ? ? 
hydrog29 hydrog ? ? B DC 2  N3 ? ? ? 1_555 C DG 4  N1 ? ? B DC 13 C DG 4  1_555 ? ? ? ? ? ? WATSON-CRICK ? ? ? 
hydrog30 hydrog ? ? B DC 2  N4 ? ? ? 1_555 C DG 4  O6 ? ? B DC 13 C DG 4  1_555 ? ? ? ? ? ? WATSON-CRICK ? ? ? 
hydrog31 hydrog ? ? B DC 2  O2 ? ? ? 1_555 C DG 4  N2 ? ? B DC 13 C DG 4  1_555 ? ? ? ? ? ? WATSON-CRICK ? ? ? 
hydrog32 hydrog ? ? B DG 3  N1 ? ? ? 1_555 C DC 3  N3 ? ? B DG 14 C DC 3  1_555 ? ? ? ? ? ? WATSON-CRICK ? ? ? 
hydrog33 hydrog ? ? B DG 3  N2 ? ? ? 1_555 C DC 3  O2 ? ? B DG 14 C DC 3  1_555 ? ? ? ? ? ? WATSON-CRICK ? ? ? 
hydrog34 hydrog ? ? B DG 3  O6 ? ? ? 1_555 C DC 3  N4 ? ? B DG 14 C DC 3  1_555 ? ? ? ? ? ? WATSON-CRICK ? ? ? 
hydrog35 hydrog ? ? B DT 4  N3 ? ? ? 1_555 D DA 9  N1 ? ? B DT 15 D DA 9  1_555 ? ? ? ? ? ? WATSON-CRICK ? ? ? 
hydrog36 hydrog ? ? B DT 4  O4 ? ? ? 1_555 D DA 9  N6 ? ? B DT 15 D DA 9  1_555 ? ? ? ? ? ? WATSON-CRICK ? ? ? 
hydrog37 hydrog ? ? B DC 5  N3 ? ? ? 1_555 D DG 8  N1 ? ? B DC 16 D DG 8  1_555 ? ? ? ? ? ? WATSON-CRICK ? ? ? 
hydrog38 hydrog ? ? B DC 5  N4 ? ? ? 1_555 D DG 8  O6 ? ? B DC 16 D DG 8  1_555 ? ? ? ? ? ? WATSON-CRICK ? ? ? 
hydrog39 hydrog ? ? B DC 5  O2 ? ? ? 1_555 D DG 8  N2 ? ? B DC 16 D DG 8  1_555 ? ? ? ? ? ? WATSON-CRICK ? ? ? 
hydrog40 hydrog ? ? B DA 6  N1 ? ? ? 1_555 D DT 7  N3 ? ? B DA 17 D DT 7  1_555 ? ? ? ? ? ? WATSON-CRICK ? ? ? 
hydrog41 hydrog ? ? B DA 6  N6 ? ? ? 1_555 D DT 7  O4 ? ? B DA 17 D DT 7  1_555 ? ? ? ? ? ? WATSON-CRICK ? ? ? 
hydrog42 hydrog ? ? B DC 7  N3 ? ? ? 1_555 D DG 6  N1 ? ? B DC 18 D DG 6  1_555 ? ? ? ? ? ? WATSON-CRICK ? ? ? 
hydrog43 hydrog ? ? B DC 7  N4 ? ? ? 1_555 D DG 6  O6 ? ? B DC 18 D DG 6  1_555 ? ? ? ? ? ? WATSON-CRICK ? ? ? 
hydrog44 hydrog ? ? B DC 7  O2 ? ? ? 1_555 D DG 6  N2 ? ? B DC 18 D DG 6  1_555 ? ? ? ? ? ? WATSON-CRICK ? ? ? 
hydrog45 hydrog ? ? B DT 8  N3 ? ? ? 1_555 D DA 5  N1 ? ? B DT 19 D DA 5  1_555 ? ? ? ? ? ? WATSON-CRICK ? ? ? 
hydrog46 hydrog ? ? B DT 8  O4 ? ? ? 1_555 D DA 5  N6 ? ? B DT 19 D DA 5  1_555 ? ? ? ? ? ? WATSON-CRICK ? ? ? 
hydrog47 hydrog ? ? B DC 9  N3 ? ? ? 1_555 D DG 4  N1 ? ? B DC 20 D DG 4  1_555 ? ? ? ? ? ? WATSON-CRICK ? ? ? 
hydrog48 hydrog ? ? B DC 9  N4 ? ? ? 1_555 D DG 4  O6 ? ? B DC 20 D DG 4  1_555 ? ? ? ? ? ? WATSON-CRICK ? ? ? 
hydrog49 hydrog ? ? B DC 9  O2 ? ? ? 1_555 D DG 4  N2 ? ? B DC 20 D DG 4  1_555 ? ? ? ? ? ? WATSON-CRICK ? ? ? 
hydrog50 hydrog ? ? B DA 10 N1 ? ? ? 1_555 D DT 3  N3 ? ? B DA 21 D DT 3  1_555 ? ? ? ? ? ? WATSON-CRICK ? ? ? 
hydrog51 hydrog ? ? B DA 10 N6 ? ? ? 1_555 D DT 3  O4 ? ? B DA 21 D DT 3  1_555 ? ? ? ? ? ? WATSON-CRICK ? ? ? 
# 
_struct_conn_type.id          hydrog 
_struct_conn_type.criteria    ? 
_struct_conn_type.reference   ? 
# 
_atom_sites.entry_id                    6XDY 
_atom_sites.Cartn_transf_matrix[1][1]   ? 
_atom_sites.Cartn_transf_matrix[1][2]   ? 
_atom_sites.Cartn_transf_matrix[1][3]   ? 
_atom_sites.Cartn_transf_matrix[2][1]   ? 
_atom_sites.Cartn_transf_matrix[2][2]   ? 
_atom_sites.Cartn_transf_matrix[2][3]   ? 
_atom_sites.Cartn_transf_matrix[3][1]   ? 
_atom_sites.Cartn_transf_matrix[3][2]   ? 
_atom_sites.Cartn_transf_matrix[3][3]   ? 
_atom_sites.Cartn_transf_vector[1]      ? 
_atom_sites.Cartn_transf_vector[2]      ? 
_atom_sites.Cartn_transf_vector[3]      ? 
_atom_sites.fract_transf_matrix[1][1]   0.01450311 
_atom_sites.fract_transf_matrix[1][2]   0.00749014 
_atom_sites.fract_transf_matrix[1][3]   0.00487795 
_atom_sites.fract_transf_matrix[2][1]   0.01246951 
_atom_sites.fract_transf_matrix[2][2]   0.00259701 
_atom_sites.fract_transf_matrix[2][3]   -0.01131336 
_atom_sites.fract_transf_matrix[3][1]   -0.00640480 
_atom_sites.fract_transf_matrix[3][2]   0.01478819 
_atom_sites.fract_transf_matrix[3][3]   -0.00366466 
_atom_sites.fract_transf_vector[1]      -0.196068 
_atom_sites.fract_transf_vector[2]      -0.383281 
_atom_sites.fract_transf_vector[3]      0.149596 
_atom_sites.solution_primary            ? 
_atom_sites.solution_secondary          ? 
_atom_sites.solution_hydrogens          ? 
_atom_sites.special_details             ? 
# 
loop_
_atom_type.symbol 
C 
N 
O 
P 
# 
loop_
_atom_site.group_PDB 
_atom_site.id 
_atom_site.type_symbol 
_atom_site.label_atom_id 
_atom_site.label_alt_id 
_atom_site.label_comp_id 
_atom_site.label_asym_id 
_atom_site.label_entity_id 
_atom_site.label_seq_id 
_atom_site.pdbx_PDB_ins_code 
_atom_site.Cartn_x 
_atom_site.Cartn_y 
_atom_site.Cartn_z 
_atom_site.occupancy 
_atom_site.B_iso_or_equiv 
_atom_site.pdbx_formal_charge 
_atom_site.auth_seq_id 
_atom_site.auth_comp_id 
_atom_site.auth_asym_id 
_atom_site.auth_atom_id 
_atom_site.pdbx_PDB_model_num 
ATOM 1   O "O5'" . DG A 1 1  ? -9.318  5.654   -23.266 1.00 158.29 ? 1  DG A "O5'" 1 
ATOM 2   C "C5'" . DG A 1 1  ? -9.248  4.681   -24.302 1.00 149.96 ? 1  DG A "C5'" 1 
ATOM 3   C "C4'" . DG A 1 1  ? -7.832  4.152   -24.449 1.00 148.88 ? 1  DG A "C4'" 1 
ATOM 4   O "O4'" . DG A 1 1  ? -6.967  5.210   -24.897 1.00 144.27 ? 1  DG A "O4'" 1 
ATOM 5   C "C3'" . DG A 1 1  ? -7.190  3.675   -23.161 1.00 150.70 ? 1  DG A "C3'" 1 
ATOM 6   O "O3'" . DG A 1 1  ? -7.536  2.320   -22.907 1.00 152.24 ? 1  DG A "O3'" 1 
ATOM 7   C "C2'" . DG A 1 1  ? -5.693  3.819   -23.450 1.00 144.04 ? 1  DG A "C2'" 1 
ATOM 8   C "C1'" . DG A 1 1  ? -5.637  4.876   -24.560 1.00 142.99 ? 1  DG A "C1'" 1 
ATOM 9   N N9    . DG A 1 1  ? -4.913  6.092   -24.188 1.00 137.19 ? 1  DG A N9    1 
ATOM 10  C C8    . DG A 1 1  ? -5.370  7.385   -24.267 1.00 136.18 ? 1  DG A C8    1 
ATOM 11  N N7    . DG A 1 1  ? -4.493  8.271   -23.876 1.00 134.51 ? 1  DG A N7    1 
ATOM 12  C C5    . DG A 1 1  ? -3.383  7.518   -23.517 1.00 133.48 ? 1  DG A C5    1 
ATOM 13  C C6    . DG A 1 1  ? -2.121  7.927   -23.019 1.00 130.54 ? 1  DG A C6    1 
ATOM 14  O O6    . DG A 1 1  ? -1.723  9.078   -22.788 1.00 129.37 ? 1  DG A O6    1 
ATOM 15  N N1    . DG A 1 1  ? -1.282  6.840   -22.786 1.00 131.48 ? 1  DG A N1    1 
ATOM 16  C C2    . DG A 1 1  ? -1.619  5.526   -23.007 1.00 135.06 ? 1  DG A C2    1 
ATOM 17  N N2    . DG A 1 1  ? -0.680  4.616   -22.720 1.00 135.18 ? 1  DG A N2    1 
ATOM 18  N N3    . DG A 1 1  ? -2.793  5.129   -23.474 1.00 134.72 ? 1  DG A N3    1 
ATOM 19  C C4    . DG A 1 1  ? -3.624  6.174   -23.706 1.00 135.88 ? 1  DG A C4    1 
ATOM 20  P P     . DA A 1 2  ? -7.712  1.809   -21.394 1.00 164.94 ? 2  DA A P     1 
ATOM 21  O OP1   . DA A 1 2  ? -9.074  1.240   -21.283 1.00 177.00 ? 2  DA A OP1   1 
ATOM 22  O OP2   . DA A 1 2  ? -7.306  2.916   -20.498 1.00 155.41 ? 2  DA A OP2   1 
ATOM 23  O "O5'" . DA A 1 2  ? -6.643  0.624   -21.244 1.00 158.30 ? 2  DA A "O5'" 1 
ATOM 24  C "C5'" . DA A 1 2  ? -5.475  0.592   -22.064 1.00 153.56 ? 2  DA A "C5'" 1 
ATOM 25  C "C4'" . DA A 1 2  ? -4.221  0.855   -21.244 1.00 150.27 ? 2  DA A "C4'" 1 
ATOM 26  O "O4'" . DA A 1 2  ? -3.829  2.250   -21.375 1.00 147.97 ? 2  DA A "O4'" 1 
ATOM 27  C "C3'" . DA A 1 2  ? -4.360  0.595   -19.738 1.00 149.39 ? 2  DA A "C3'" 1 
ATOM 28  O "O3'" . DA A 1 2  ? -3.211  -0.098  -19.250 1.00 152.88 ? 2  DA A "O3'" 1 
ATOM 29  C "C2'" . DA A 1 2  ? -4.451  2.001   -19.153 1.00 149.50 ? 2  DA A "C2'" 1 
ATOM 30  C "C1'" . DA A 1 2  ? -3.542  2.764   -20.096 1.00 144.30 ? 2  DA A "C1'" 1 
ATOM 31  N N9    . DA A 1 2  ? -3.779  4.204   -20.093 1.00 138.15 ? 2  DA A N9    1 
ATOM 32  C C8    . DA A 1 2  ? -4.955  4.848   -20.360 1.00 138.03 ? 2  DA A C8    1 
ATOM 33  N N7    . DA A 1 2  ? -4.874  6.153   -20.275 1.00 136.98 ? 2  DA A N7    1 
ATOM 34  C C5    . DA A 1 2  ? -3.554  6.383   -19.921 1.00 134.07 ? 2  DA A C5    1 
ATOM 35  C C6    . DA A 1 2  ? -2.828  7.565   -19.676 1.00 130.23 ? 2  DA A C6    1 
ATOM 36  N N6    . DA A 1 2  ? -3.365  8.787   -19.753 1.00 130.05 ? 2  DA A N6    1 
ATOM 37  N N1    . DA A 1 2  ? -1.526  7.442   -19.342 1.00 125.85 ? 2  DA A N1    1 
ATOM 38  C C2    . DA A 1 2  ? -0.992  6.218   -19.266 1.00 130.14 ? 2  DA A C2    1 
ATOM 39  N N3    . DA A 1 2  ? -1.571  5.037   -19.474 1.00 138.05 ? 2  DA A N3    1 
ATOM 40  C C4    . DA A 1 2  ? -2.865  5.192   -19.803 1.00 136.13 ? 2  DA A C4    1 
ATOM 41  P P     . DG A 1 3  ? -3.184  -0.663  -17.743 1.00 165.63 ? 3  DG A P     1 
ATOM 42  O OP1   . DG A 1 3  ? -2.705  -2.061  -17.804 1.00 184.84 ? 3  DG A OP1   1 
ATOM 43  O OP2   . DG A 1 3  ? -4.489  -0.362  -17.114 1.00 167.85 ? 3  DG A OP2   1 
ATOM 44  O "O5'" . DG A 1 3  ? -2.076  0.229   -17.013 1.00 142.56 ? 3  DG A "O5'" 1 
ATOM 45  C "C5'" . DG A 1 3  ? -0.704  0.039   -17.317 1.00 144.42 ? 3  DG A "C5'" 1 
ATOM 46  C "C4'" . DG A 1 3  ? 0.147   1.109   -16.660 1.00 143.82 ? 3  DG A "C4'" 1 
ATOM 47  O "O4'" . DG A 1 3  ? -0.332  2.422   -17.053 1.00 152.77 ? 3  DG A "O4'" 1 
ATOM 48  C "C3'" . DG A 1 3  ? 0.140   1.098   -15.133 1.00 139.44 ? 3  DG A "C3'" 1 
ATOM 49  O "O3'" . DG A 1 3  ? 1.444   1.384   -14.658 1.00 141.05 ? 3  DG A "O3'" 1 
ATOM 50  C "C2'" . DG A 1 3  ? -0.843  2.216   -14.786 1.00 139.61 ? 3  DG A "C2'" 1 
ATOM 51  C "C1'" . DG A 1 3  ? -0.553  3.205   -15.901 1.00 138.69 ? 3  DG A "C1'" 1 
ATOM 52  N N9    . DG A 1 3  ? -1.645  4.138   -16.178 1.00 137.26 ? 3  DG A N9    1 
ATOM 53  C C8    . DG A 1 3  ? -2.917  3.827   -16.599 1.00 139.35 ? 3  DG A C8    1 
ATOM 54  N N7    . DG A 1 3  ? -3.675  4.874   -16.777 1.00 131.72 ? 3  DG A N7    1 
ATOM 55  C C5    . DG A 1 3  ? -2.852  5.948   -16.460 1.00 129.88 ? 3  DG A C5    1 
ATOM 56  C C6    . DG A 1 3  ? -3.123  7.337   -16.467 1.00 130.49 ? 3  DG A C6    1 
ATOM 57  O O6    . DG A 1 3  ? -4.178  7.912   -16.767 1.00 126.27 ? 3  DG A O6    1 
ATOM 58  N N1    . DG A 1 3  ? -2.010  8.080   -16.079 1.00 127.66 ? 3  DG A N1    1 
ATOM 59  C C2    . DG A 1 3  ? -0.792  7.549   -15.729 1.00 125.34 ? 3  DG A C2    1 
ATOM 60  N N2    . DG A 1 3  ? 0.161   8.424   -15.380 1.00 124.68 ? 3  DG A N2    1 
ATOM 61  N N3    . DG A 1 3  ? -0.527  6.249   -15.716 1.00 127.20 ? 3  DG A N3    1 
ATOM 62  C C4    . DG A 1 3  ? -1.600  5.510   -16.092 1.00 130.88 ? 3  DG A C4    1 
ATOM 63  P P     . DC A 1 4  ? 1.827   1.133   -13.119 1.00 146.82 ? 4  DC A P     1 
ATOM 64  O OP1   . DC A 1 4  ? 3.223   0.644   -13.073 1.00 147.25 ? 4  DC A OP1   1 
ATOM 65  O OP2   . DC A 1 4  ? 0.742   0.341   -12.501 1.00 156.38 ? 4  DC A OP2   1 
ATOM 66  O "O5'" . DC A 1 4  ? 1.788   2.595   -12.485 1.00 137.50 ? 4  DC A "O5'" 1 
ATOM 67  C "C5'" . DC A 1 4  ? 2.187   3.705   -13.269 1.00 134.98 ? 4  DC A "C5'" 1 
ATOM 68  C "C4'" . DC A 1 4  ? 3.003   4.678   -12.445 1.00 133.68 ? 4  DC A "C4'" 1 
ATOM 69  O "O4'" . DC A 1 4  ? 2.457   6.007   -12.598 1.00 135.07 ? 4  DC A "O4'" 1 
ATOM 70  C "C3'" . DC A 1 4  ? 2.980   4.422   -10.953 1.00 135.93 ? 4  DC A "C3'" 1 
ATOM 71  O "O3'" . DC A 1 4  ? 4.125   5.003   -10.352 1.00 136.94 ? 4  DC A "O3'" 1 
ATOM 72  C "C2'" . DC A 1 4  ? 1.697   5.131   -10.525 1.00 135.06 ? 4  DC A "C2'" 1 
ATOM 73  C "C1'" . DC A 1 4  ? 1.652   6.331   -11.476 1.00 133.39 ? 4  DC A "C1'" 1 
ATOM 74  N N1    . DC A 1 4  ? 0.278   6.649   -11.966 1.00 129.48 ? 4  DC A N1    1 
ATOM 75  C C2    . DC A 1 4  ? -0.118  7.985   -12.112 1.00 126.95 ? 4  DC A C2    1 
ATOM 76  O O2    . DC A 1 4  ? 0.680   8.886   -11.830 1.00 127.33 ? 4  DC A O2    1 
ATOM 77  N N3    . DC A 1 4  ? -1.371  8.251   -12.563 1.00 125.25 ? 4  DC A N3    1 
ATOM 78  C C4    . DC A 1 4  ? -2.203  7.251   -12.857 1.00 126.79 ? 4  DC A C4    1 
ATOM 79  N N4    . DC A 1 4  ? -3.425  7.562   -13.298 1.00 127.04 ? 4  DC A N4    1 
ATOM 80  C C5    . DC A 1 4  ? -1.815  5.886   -12.715 1.00 129.17 ? 4  DC A C5    1 
ATOM 81  C C6    . DC A 1 4  ? -0.581  5.634   -12.271 1.00 130.54 ? 4  DC A C6    1 
ATOM 82  P P     . DA A 1 5  ? 4.398   4.810   -8.782  1.00 141.98 ? 5  DA A P     1 
ATOM 83  O OP1   . DA A 1 5  ? 5.850   4.581   -8.609  1.00 146.24 ? 5  DA A OP1   1 
ATOM 84  O OP2   . DA A 1 5  ? 3.437   3.797   -8.288  1.00 133.79 ? 5  DA A OP2   1 
ATOM 85  O "O5'" . DA A 1 5  ? 4.017   6.233   -8.154  1.00 131.56 ? 5  DA A "O5'" 1 
ATOM 86  C "C5'" . DA A 1 5  ? 4.683   7.407   -8.610  1.00 129.42 ? 5  DA A "C5'" 1 
ATOM 87  C "C4'" . DA A 1 5  ? 4.123   8.653   -7.942  1.00 132.29 ? 5  DA A "C4'" 1 
ATOM 88  O "O4'" . DA A 1 5  ? 2.834   8.987   -8.520  1.00 130.76 ? 5  DA A "O4'" 1 
ATOM 89  C "C3'" . DA A 1 5  ? 3.907   8.547   -6.436  1.00 134.79 ? 5  DA A "C3'" 1 
ATOM 90  O "O3'" . DA A 1 5  ? 4.322   9.752   -5.811  1.00 138.16 ? 5  DA A "O3'" 1 
ATOM 91  C "C2'" . DA A 1 5  ? 2.398   8.330   -6.307  1.00 132.53 ? 5  DA A "C2'" 1 
ATOM 92  C "C1'" . DA A 1 5  ? 1.858   9.098   -7.506  1.00 128.55 ? 5  DA A "C1'" 1 
ATOM 93  N N9    . DA A 1 5  ? 0.610   8.551   -8.030  1.00 122.44 ? 5  DA A N9    1 
ATOM 94  C C8    . DA A 1 5  ? 0.298   7.230   -8.187  1.00 124.80 ? 5  DA A C8    1 
ATOM 95  N N7    . DA A 1 5  ? -0.892  7.023   -8.697  1.00 121.64 ? 5  DA A N7    1 
ATOM 96  C C5    . DA A 1 5  ? -1.397  8.296   -8.891  1.00 118.25 ? 5  DA A C5    1 
ATOM 97  C C6    . DA A 1 5  ? -2.623  8.759   -9.407  1.00 121.98 ? 5  DA A C6    1 
ATOM 98  N N6    . DA A 1 5  ? -3.596  7.946   -9.832  1.00 120.76 ? 5  DA A N6    1 
ATOM 99  N N1    . DA A 1 5  ? -2.811  10.093  -9.465  1.00 124.93 ? 5  DA A N1    1 
ATOM 100 C C2    . DA A 1 5  ? -1.834  10.903  -9.037  1.00 125.42 ? 5  DA A C2    1 
ATOM 101 N N3    . DA A 1 5  ? -0.641  10.585  -8.535  1.00 124.19 ? 5  DA A N3    1 
ATOM 102 C C4    . DA A 1 5  ? -0.484  9.252   -8.488  1.00 120.02 ? 5  DA A C4    1 
ATOM 103 P P     . DG A 1 6  ? 4.450   9.843   -4.213  1.00 155.71 ? 6  DG A P     1 
ATOM 104 O OP1   . DG A 1 6  ? 5.752   10.478  -3.910  1.00 151.38 ? 6  DG A OP1   1 
ATOM 105 O OP2   . DG A 1 6  ? 4.136   8.515   -3.641  1.00 149.63 ? 6  DG A OP2   1 
ATOM 106 O "O5'" . DG A 1 6  ? 3.279   10.850  -3.809  1.00 142.77 ? 6  DG A "O5'" 1 
ATOM 107 C "C5'" . DG A 1 6  ? 3.178   12.101  -4.468  1.00 139.80 ? 6  DG A "C5'" 1 
ATOM 108 C "C4'" . DG A 1 6  ? 1.750   12.611  -4.451  1.00 142.08 ? 6  DG A "C4'" 1 
ATOM 109 O "O4'" . DG A 1 6  ? 0.900   11.707  -5.181  1.00 135.43 ? 6  DG A "O4'" 1 
ATOM 110 C "C3'" . DG A 1 6  ? 1.124   12.745  -3.061  1.00 142.49 ? 6  DG A "C3'" 1 
ATOM 111 O "O3'" . DG A 1 6  ? 0.950   14.122  -2.749  1.00 147.83 ? 6  DG A "O3'" 1 
ATOM 112 C "C2'" . DG A 1 6  ? -0.224  12.002  -3.166  1.00 138.03 ? 6  DG A "C2'" 1 
ATOM 113 C "C1'" . DG A 1 6  ? -0.398  11.820  -4.668  1.00 131.28 ? 6  DG A "C1'" 1 
ATOM 114 N N9    . DG A 1 6  ? -1.144  10.621  -5.042  1.00 123.14 ? 6  DG A N9    1 
ATOM 115 C C8    . DG A 1 6  ? -0.749  9.315   -4.875  1.00 120.42 ? 6  DG A C8    1 
ATOM 116 N N7    . DG A 1 6  ? -1.617  8.449   -5.320  1.00 116.04 ? 6  DG A N7    1 
ATOM 117 C C5    . DG A 1 6  ? -2.651  9.229   -5.820  1.00 115.98 ? 6  DG A C5    1 
ATOM 118 C C6    . DG A 1 6  ? -3.868  8.844   -6.431  1.00 114.97 ? 6  DG A C6    1 
ATOM 119 O O6    . DG A 1 6  ? -4.285  7.699   -6.656  1.00 112.77 ? 6  DG A O6    1 
ATOM 120 N N1    . DG A 1 6  ? -4.635  9.948   -6.793  1.00 113.97 ? 6  DG A N1    1 
ATOM 121 C C2    . DG A 1 6  ? -4.271  11.258  -6.590  1.00 117.12 ? 6  DG A C2    1 
ATOM 122 N N2    . DG A 1 6  ? -5.144  12.188  -7.009  1.00 119.58 ? 6  DG A N2    1 
ATOM 123 N N3    . DG A 1 6  ? -3.133  11.634  -6.019  1.00 116.18 ? 6  DG A N3    1 
ATOM 124 C C4    . DG A 1 6  ? -2.375  10.568  -5.660  1.00 118.05 ? 6  DG A C4    1 
ATOM 125 P P     . DA A 1 7  ? 0.369   14.568  -1.318  1.00 168.26 ? 7  DA A P     1 
ATOM 126 O OP1   . DA A 1 7  ? 0.909   15.911  -1.010  1.00 164.43 ? 7  DA A OP1   1 
ATOM 127 O OP2   . DA A 1 7  ? 0.584   13.453  -0.371  1.00 164.13 ? 7  DA A OP2   1 
ATOM 128 O "O5'" . DA A 1 7  ? -1.202  14.697  -1.574  1.00 148.59 ? 7  DA A "O5'" 1 
ATOM 129 C "C5'" . DA A 1 7  ? -1.676  15.393  -2.715  1.00 143.72 ? 7  DA A "C5'" 1 
ATOM 130 C "C4'" . DA A 1 7  ? -3.177  15.237  -2.847  1.00 140.52 ? 7  DA A "C4'" 1 
ATOM 131 O "O4'" . DA A 1 7  ? -3.481  13.944  -3.420  1.00 129.89 ? 7  DA A "O4'" 1 
ATOM 132 C "C3'" . DA A 1 7  ? -3.946  15.320  -1.527  1.00 142.11 ? 7  DA A "C3'" 1 
ATOM 133 O "O3'" . DA A 1 7  ? -4.901  16.367  -1.597  1.00 145.02 ? 7  DA A "O3'" 1 
ATOM 134 C "C2'" . DA A 1 7  ? -4.609  13.942  -1.380  1.00 136.00 ? 7  DA A "C2'" 1 
ATOM 135 C "C1'" . DA A 1 7  ? -4.638  13.432  -2.815  1.00 126.27 ? 7  DA A "C1'" 1 
ATOM 136 N N9    . DA A 1 7  ? -4.605  11.973  -2.928  1.00 118.60 ? 7  DA A N9    1 
ATOM 137 C C8    . DA A 1 7  ? -3.629  11.130  -2.471  1.00 119.72 ? 7  DA A C8    1 
ATOM 138 N N7    . DA A 1 7  ? -3.864  9.862   -2.726  1.00 115.91 ? 7  DA A N7    1 
ATOM 139 C C5    . DA A 1 7  ? -5.073  9.876   -3.400  1.00 113.02 ? 7  DA A C5    1 
ATOM 140 C C6    . DA A 1 7  ? -5.870  8.847   -3.944  1.00 109.84 ? 7  DA A C6    1 
ATOM 141 N N6    . DA A 1 7  ? -5.540  7.551   -3.890  1.00 103.81 ? 7  DA A N6    1 
ATOM 142 N N1    . DA A 1 7  ? -7.019  9.203   -4.554  1.00 110.58 ? 7  DA A N1    1 
ATOM 143 C C2    . DA A 1 7  ? -7.345  10.501  -4.609  1.00 114.18 ? 7  DA A C2    1 
ATOM 144 N N3    . DA A 1 7  ? -6.680  11.553  -4.134  1.00 114.39 ? 7  DA A N3    1 
ATOM 145 C C4    . DA A 1 7  ? -5.542  11.169  -3.536  1.00 112.67 ? 7  DA A C4    1 
ATOM 146 P P     . DC A 1 8  ? -5.791  16.744  -0.314  1.00 156.90 ? 8  DC A P     1 
ATOM 147 O OP1   . DC A 1 8  ? -6.100  18.188  -0.401  1.00 151.18 ? 8  DC A OP1   1 
ATOM 148 O OP2   . DC A 1 8  ? -5.123  16.207  0.893   1.00 151.58 ? 8  DC A OP2   1 
ATOM 149 O "O5'" . DC A 1 8  ? -7.142  15.929  -0.555  1.00 142.30 ? 8  DC A "O5'" 1 
ATOM 150 C "C5'" . DC A 1 8  ? -7.799  16.030  -1.809  1.00 138.11 ? 8  DC A "C5'" 1 
ATOM 151 C "C4'" . DC A 1 8  ? -8.875  14.972  -1.941  1.00 138.13 ? 8  DC A "C4'" 1 
ATOM 152 O "O4'" . DC A 1 8  ? -8.266  13.667  -2.083  1.00 137.50 ? 8  DC A "O4'" 1 
ATOM 153 C "C3'" . DC A 1 8  ? -9.837  14.872  -0.753  1.00 141.00 ? 8  DC A "C3'" 1 
ATOM 154 O "O3'" . DC A 1 8  ? -11.170 15.041  -1.208  1.00 149.44 ? 8  DC A "O3'" 1 
ATOM 155 C "C2'" . DC A 1 8  ? -9.597  13.463  -0.193  1.00 140.80 ? 8  DC A "C2'" 1 
ATOM 156 C "C1'" . DC A 1 8  ? -9.057  12.727  -1.406  1.00 131.18 ? 8  DC A "C1'" 1 
ATOM 157 N N1    . DC A 1 8  ? -8.208  11.547  -1.064  1.00 118.62 ? 8  DC A N1    1 
ATOM 158 C C2    . DC A 1 8  ? -8.605  10.268  -1.467  1.00 118.43 ? 8  DC A C2    1 
ATOM 159 O O2    . DC A 1 8  ? -9.660  10.134  -2.101  1.00 123.09 ? 8  DC A O2    1 
ATOM 160 N N3    . DC A 1 8  ? -7.822  9.207   -1.150  1.00 116.78 ? 8  DC A N3    1 
ATOM 161 C C4    . DC A 1 8  ? -6.692  9.392   -0.465  1.00 118.24 ? 8  DC A C4    1 
ATOM 162 N N4    . DC A 1 8  ? -5.952  8.316   -0.175  1.00 119.57 ? 8  DC A N4    1 
ATOM 163 C C5    . DC A 1 8  ? -6.270  10.689  -0.046  1.00 114.21 ? 8  DC A C5    1 
ATOM 164 C C6    . DC A 1 8  ? -7.052  11.727  -0.363  1.00 116.63 ? 8  DC A C6    1 
ATOM 165 P P     . DC A 1 9  ? -12.407 14.858  -0.200  1.00 159.46 ? 9  DC A P     1 
ATOM 166 O OP1   . DC A 1 9  ? -13.490 15.744  -0.681  1.00 161.22 ? 9  DC A OP1   1 
ATOM 167 O OP2   . DC A 1 9  ? -11.910 14.998  1.189   1.00 152.62 ? 9  DC A OP2   1 
ATOM 168 O "O5'" . DC A 1 9  ? -12.865 13.343  -0.435  1.00 136.12 ? 9  DC A "O5'" 1 
ATOM 169 C "C5'" . DC A 1 9  ? -13.336 12.938  -1.720  1.00 138.53 ? 9  DC A "C5'" 1 
ATOM 170 C "C4'" . DC A 1 9  ? -14.102 11.629  -1.633  1.00 136.08 ? 9  DC A "C4'" 1 
ATOM 171 O "O4'" . DC A 1 9  ? -13.173 10.533  -1.414  1.00 130.61 ? 9  DC A "O4'" 1 
ATOM 172 C "C3'" . DC A 1 9  ? -15.122 11.554  -0.499  1.00 134.41 ? 9  DC A "C3'" 1 
ATOM 173 O "O3'" . DC A 1 9  ? -16.285 10.873  -0.935  1.00 135.97 ? 9  DC A "O3'" 1 
ATOM 174 C "C2'" . DC A 1 9  ? -14.382 10.766  0.577   1.00 130.39 ? 9  DC A "C2'" 1 
ATOM 175 C "C1'" . DC A 1 9  ? -13.555 9.808   -0.264  1.00 129.58 ? 9  DC A "C1'" 1 
ATOM 176 N N1    . DC A 1 9  ? -12.322 9.335   0.424   1.00 124.07 ? 9  DC A N1    1 
ATOM 177 C C2    . DC A 1 9  ? -12.145 7.970   0.675   1.00 120.26 ? 9  DC A C2    1 
ATOM 178 O O2    . DC A 1 9  ? -13.018 7.171   0.312   1.00 122.34 ? 9  DC A O2    1 
ATOM 179 N N3    . DC A 1 9  ? -11.015 7.560   1.303   1.00 112.51 ? 9  DC A N3    1 
ATOM 180 C C4    . DC A 1 9  ? -10.097 8.453   1.677   1.00 113.82 ? 9  DC A C4    1 
ATOM 181 N N4    . DC A 1 9  ? -9.001  8.003   2.294   1.00 110.68 ? 9  DC A N4    1 
ATOM 182 C C5    . DC A 1 9  ? -10.263 9.848   1.433   1.00 118.47 ? 9  DC A C5    1 
ATOM 183 C C6    . DC A 1 9  ? -11.379 10.240  0.811   1.00 124.25 ? 9  DC A C6    1 
ATOM 184 P P     . DA A 1 10 ? -17.525 10.685  0.068   1.00 145.02 ? 10 DA A P     1 
ATOM 185 O OP1   . DA A 1 10 ? -18.751 10.532  -0.747  1.00 150.26 ? 10 DA A OP1   1 
ATOM 186 O OP2   . DA A 1 10 ? -17.442 11.759  1.083   1.00 142.80 ? 10 DA A OP2   1 
ATOM 187 O "O5'" . DA A 1 10 ? -17.212 9.305   0.811   1.00 136.20 ? 10 DA A "O5'" 1 
ATOM 188 C "C5'" . DA A 1 10 ? -17.111 8.099   0.066   1.00 134.20 ? 10 DA A "C5'" 1 
ATOM 189 C "C4'" . DA A 1 10 ? -17.376 6.898   0.956   1.00 134.79 ? 10 DA A "C4'" 1 
ATOM 190 O "O4'" . DA A 1 10 ? -16.117 6.343   1.420   1.00 123.19 ? 10 DA A "O4'" 1 
ATOM 191 C "C3'" . DA A 1 10 ? -18.186 7.198   2.217   1.00 140.10 ? 10 DA A "C3'" 1 
ATOM 192 O "O3'" . DA A 1 10 ? -19.003 6.089   2.534   1.00 148.10 ? 10 DA A "O3'" 1 
ATOM 193 C "C2'" . DA A 1 10 ? -17.096 7.380   3.264   1.00 135.19 ? 10 DA A "C2'" 1 
ATOM 194 C "C1'" . DA A 1 10 ? -16.115 6.306   2.830   1.00 122.02 ? 10 DA A "C1'" 1 
ATOM 195 N N9    . DA A 1 10 ? -14.754 6.532   3.296   1.00 118.45 ? 10 DA A N9    1 
ATOM 196 C C8    . DA A 1 10 ? -14.122 7.733   3.453   1.00 119.27 ? 10 DA A C8    1 
ATOM 197 N N7    . DA A 1 10 ? -12.888 7.628   3.887   1.00 115.41 ? 10 DA A N7    1 
ATOM 198 C C5    . DA A 1 10 ? -12.699 6.262   4.021   1.00 111.21 ? 10 DA A C5    1 
ATOM 199 C C6    . DA A 1 10 ? -11.598 5.492   4.442   1.00 110.41 ? 10 DA A C6    1 
ATOM 200 N N6    . DA A 1 10 ? -10.430 6.022   4.821   1.00 112.04 ? 10 DA A N6    1 
ATOM 201 N N1    . DA A 1 10 ? -11.742 4.150   4.459   1.00 106.68 ? 10 DA A N1    1 
ATOM 202 C C2    . DA A 1 10 ? -12.912 3.622   4.080   1.00 109.73 ? 10 DA A C2    1 
ATOM 203 N N3    . DA A 1 10 ? -14.015 4.243   3.665   1.00 114.20 ? 10 DA A N3    1 
ATOM 204 C C4    . DA A 1 10 ? -13.840 5.574   3.660   1.00 113.87 ? 10 DA A C4    1 
ATOM 205 P P     . DG A 1 11 ? -20.541 6.048   2.078   1.00 158.64 ? 11 DG A P     1 
ATOM 206 O OP1   . DG A 1 11 ? -20.578 6.242   0.610   1.00 151.50 ? 11 DG A OP1   1 
ATOM 207 O OP2   . DG A 1 11 ? -21.294 6.978   2.949   1.00 157.45 ? 11 DG A OP2   1 
ATOM 208 O "O5'" . DG A 1 11 ? -20.990 4.556   2.446   1.00 150.89 ? 11 DG A "O5'" 1 
ATOM 209 C "C5'" . DG A 1 11 ? -19.997 3.545   2.648   1.00 145.51 ? 11 DG A "C5'" 1 
ATOM 210 C "C4'" . DG A 1 11 ? -19.816 3.245   4.129   1.00 140.91 ? 11 DG A "C4'" 1 
ATOM 211 O "O4'" . DG A 1 11 ? -18.437 3.420   4.493   1.00 132.87 ? 11 DG A "O4'" 1 
ATOM 212 C "C3'" . DG A 1 11 ? -20.572 4.170   5.068   1.00 142.97 ? 11 DG A "C3'" 1 
ATOM 213 O "O3'" . DG A 1 11 ? -21.869 3.646   5.326   1.00 144.01 ? 11 DG A "O3'" 1 
ATOM 214 C "C2'" . DG A 1 11 ? -19.706 4.189   6.342   1.00 132.68 ? 11 DG A "C2'" 1 
ATOM 215 C "C1'" . DG A 1 11 ? -18.367 3.586   5.892   1.00 124.80 ? 11 DG A "C1'" 1 
ATOM 216 N N9    . DG A 1 11 ? -17.206 4.419   6.212   1.00 123.08 ? 11 DG A N9    1 
ATOM 217 C C8    . DG A 1 11 ? -17.138 5.793   6.208   1.00 120.83 ? 11 DG A C8    1 
ATOM 218 N N7    . DG A 1 11 ? -15.963 6.257   6.536   1.00 111.43 ? 11 DG A N7    1 
ATOM 219 C C5    . DG A 1 11 ? -15.203 5.118   6.779   1.00 111.92 ? 11 DG A C5    1 
ATOM 220 C C6    . DG A 1 11 ? -13.850 4.990   7.172   1.00 110.64 ? 11 DG A C6    1 
ATOM 221 O O6    . DG A 1 11 ? -13.026 5.888   7.392   1.00 111.59 ? 11 DG A O6    1 
ATOM 222 N N1    . DG A 1 11 ? -13.479 3.655   7.308   1.00 108.34 ? 11 DG A N1    1 
ATOM 223 C C2    . DG A 1 11 ? -14.309 2.580   7.090   1.00 113.57 ? 11 DG A C2    1 
ATOM 224 N N2    . DG A 1 11 ? -13.771 1.366   7.271   1.00 117.24 ? 11 DG A N2    1 
ATOM 225 N N3    . DG A 1 11 ? -15.578 2.688   6.721   1.00 113.50 ? 11 DG A N3    1 
ATOM 226 C C4    . DG A 1 11 ? -15.957 3.981   6.585   1.00 114.48 ? 11 DG A C4    1 
ATOM 227 P P     . DA B 2 1  ? -6.186  -11.178 20.943  1.00 145.99 ? 12 DA B P     1 
ATOM 228 O OP1   . DA B 2 1  ? -5.804  -11.412 22.354  1.00 147.47 ? 12 DA B OP1   1 
ATOM 229 O OP2   . DA B 2 1  ? -5.871  -9.897  20.268  1.00 132.22 ? 12 DA B OP2   1 
ATOM 230 O "O5'" . DA B 2 1  ? -5.567  -12.350 20.051  1.00 132.15 ? 12 DA B "O5'" 1 
ATOM 231 C "C5'" . DA B 2 1  ? -5.456  -13.663 20.583  1.00 128.36 ? 12 DA B "C5'" 1 
ATOM 232 C "C4'" . DA B 2 1  ? -4.606  -14.528 19.673  1.00 127.18 ? 12 DA B "C4'" 1 
ATOM 233 O "O4'" . DA B 2 1  ? -5.250  -14.637 18.375  1.00 122.62 ? 12 DA B "O4'" 1 
ATOM 234 C "C3'" . DA B 2 1  ? -3.205  -13.986 19.407  1.00 127.99 ? 12 DA B "C3'" 1 
ATOM 235 O "O3'" . DA B 2 1  ? -2.271  -15.059 19.321  1.00 128.59 ? 12 DA B "O3'" 1 
ATOM 236 C "C2'" . DA B 2 1  ? -3.365  -13.255 18.075  1.00 125.67 ? 12 DA B "C2'" 1 
ATOM 237 C "C1'" . DA B 2 1  ? -4.412  -14.109 17.367  1.00 119.96 ? 12 DA B "C1'" 1 
ATOM 238 N N9    . DA B 2 1  ? -5.238  -13.360 16.416  1.00 110.43 ? 12 DA B N9    1 
ATOM 239 C C8    . DA B 2 1  ? -5.811  -12.132 16.606  1.00 112.84 ? 12 DA B C8    1 
ATOM 240 N N7    . DA B 2 1  ? -6.502  -11.703 15.574  1.00 111.20 ? 12 DA B N7    1 
ATOM 241 C C5    . DA B 2 1  ? -6.376  -12.721 14.642  1.00 108.10 ? 12 DA B C5    1 
ATOM 242 C C6    . DA B 2 1  ? -6.876  -12.882 13.331  1.00 106.95 ? 12 DA B C6    1 
ATOM 243 N N6    . DA B 2 1  ? -7.640  -11.972 12.716  1.00 113.47 ? 12 DA B N6    1 
ATOM 244 N N1    . DA B 2 1  ? -6.564  -14.017 12.676  1.00 105.78 ? 12 DA B N1    1 
ATOM 245 C C2    . DA B 2 1  ? -5.802  -14.927 13.293  1.00 112.24 ? 12 DA B C2    1 
ATOM 246 N N3    . DA B 2 1  ? -5.273  -14.890 14.516  1.00 112.51 ? 12 DA B N3    1 
ATOM 247 C C4    . DA B 2 1  ? -5.602  -13.750 15.144  1.00 109.91 ? 12 DA B C4    1 
ATOM 248 P P     . DC B 2 2  ? -0.692  -14.762 19.359  1.00 147.19 ? 13 DC B P     1 
ATOM 249 O OP1   . DC B 2 2  ? -0.071  -15.683 20.339  1.00 146.42 ? 13 DC B OP1   1 
ATOM 250 O OP2   . DC B 2 2  ? -0.508  -13.304 19.520  1.00 137.01 ? 13 DC B OP2   1 
ATOM 251 O "O5'" . DC B 2 2  ? -0.201  -15.177 17.896  1.00 135.15 ? 13 DC B "O5'" 1 
ATOM 252 C "C5'" . DC B 2 2  ? -0.389  -16.512 17.445  1.00 132.32 ? 13 DC B "C5'" 1 
ATOM 253 C "C4'" . DC B 2 2  ? -0.460  -16.573 15.932  1.00 124.64 ? 13 DC B "C4'" 1 
ATOM 254 O "O4'" . DC B 2 2  ? -1.521  -15.719 15.459  1.00 125.01 ? 13 DC B "O4'" 1 
ATOM 255 C "C3'" . DC B 2 2  ? 0.806   -16.108 15.198  1.00 117.40 ? 13 DC B "C3'" 1 
ATOM 256 O "O3'" . DC B 2 2  ? 1.429   -17.220 14.561  1.00 116.20 ? 13 DC B "O3'" 1 
ATOM 257 C "C2'" . DC B 2 2  ? 0.297   -15.075 14.175  1.00 119.38 ? 13 DC B "C2'" 1 
ATOM 258 C "C1'" . DC B 2 2  ? -1.201  -15.331 14.155  1.00 117.32 ? 13 DC B "C1'" 1 
ATOM 259 N N1    . DC B 2 2  ? -2.003  -14.132 13.789  1.00 107.52 ? 13 DC B N1    1 
ATOM 260 C C2    . DC B 2 2  ? -2.595  -14.064 12.524  1.00 107.35 ? 13 DC B C2    1 
ATOM 261 O O2    . DC B 2 2  ? -2.448  -15.009 11.740  1.00 113.68 ? 13 DC B O2    1 
ATOM 262 N N3    . DC B 2 2  ? -3.318  -12.967 12.195  1.00 104.44 ? 13 DC B N3    1 
ATOM 263 C C4    . DC B 2 2  ? -3.453  -11.969 13.069  1.00 108.61 ? 13 DC B C4    1 
ATOM 264 N N4    . DC B 2 2  ? -4.175  -10.908 12.697  1.00 111.58 ? 13 DC B N4    1 
ATOM 265 C C5    . DC B 2 2  ? -2.852  -12.016 14.363  1.00 108.55 ? 13 DC B C5    1 
ATOM 266 C C6    . DC B 2 2  ? -2.142  -13.106 14.677  1.00 108.19 ? 13 DC B C6    1 
ATOM 267 P P     . DG B 2 3  ? 2.645   -16.998 13.534  1.00 136.85 ? 14 DG B P     1 
ATOM 268 O OP1   . DG B 2 3  ? 3.398   -18.269 13.465  1.00 138.24 ? 14 DG B OP1   1 
ATOM 269 O OP2   . DG B 2 3  ? 3.352   -15.752 13.909  1.00 133.41 ? 14 DG B OP2   1 
ATOM 270 O "O5'" . DG B 2 3  ? 1.920   -16.788 12.123  1.00 125.88 ? 14 DG B "O5'" 1 
ATOM 271 C "C5'" . DG B 2 3  ? 0.937   -17.722 11.689  1.00 120.98 ? 14 DG B "C5'" 1 
ATOM 272 C "C4'" . DG B 2 3  ? 0.775   -17.677 10.180  1.00 121.10 ? 14 DG B "C4'" 1 
ATOM 273 O "O4'" . DG B 2 3  ? -0.153  -16.624 9.817   1.00 118.13 ? 14 DG B "O4'" 1 
ATOM 274 C "C3'" . DG B 2 3  ? 2.057   -17.413 9.402   1.00 118.65 ? 14 DG B "C3'" 1 
ATOM 275 O "O3'" . DG B 2 3  ? 2.085   -18.208 8.232   1.00 127.73 ? 14 DG B "O3'" 1 
ATOM 276 C "C2'" . DG B 2 3  ? 1.982   -15.921 9.076   1.00 116.53 ? 14 DG B "C2'" 1 
ATOM 277 C "C1'" . DG B 2 3  ? 0.479   -15.660 9.000   1.00 117.70 ? 14 DG B "C1'" 1 
ATOM 278 N N9    . DG B 2 3  ? 0.105   -14.335 9.494   1.00 110.94 ? 14 DG B N9    1 
ATOM 279 C C8    . DG B 2 3  ? 0.374   -13.815 10.738  1.00 111.94 ? 14 DG B C8    1 
ATOM 280 N N7    . DG B 2 3  ? -0.076  -12.603 10.904  1.00 103.62 ? 14 DG B N7    1 
ATOM 281 C C5    . DG B 2 3  ? -0.689  -12.298 9.696   1.00 99.97  ? 14 DG B C5    1 
ATOM 282 C C6    . DG B 2 3  ? -1.357  -11.120 9.290   1.00 103.73 ? 14 DG B C6    1 
ATOM 283 O O6    . DG B 2 3  ? -1.545  -10.081 9.937   1.00 106.84 ? 14 DG B O6    1 
ATOM 284 N N1    . DG B 2 3  ? -1.832  -11.223 7.985   1.00 98.35  ? 14 DG B N1    1 
ATOM 285 C C2    . DG B 2 3  ? -1.681  -12.323 7.177   1.00 98.19  ? 14 DG B C2    1 
ATOM 286 N N2    . DG B 2 3  ? -2.210  -12.234 5.949   1.00 97.62  ? 14 DG B N2    1 
ATOM 287 N N3    . DG B 2 3  ? -1.056  -13.436 7.547   1.00 103.23 ? 14 DG B N3    1 
ATOM 288 C C4    . DG B 2 3  ? -0.586  -13.352 8.816   1.00 102.64 ? 14 DG B C4    1 
ATOM 289 P P     . DT B 2 4  ? 3.363   -18.168 7.261   1.00 148.73 ? 15 DT B P     1 
ATOM 290 O OP1   . DT B 2 4  ? 3.532   -19.518 6.679   1.00 144.45 ? 15 DT B OP1   1 
ATOM 291 O OP2   . DT B 2 4  ? 4.485   -17.554 8.006   1.00 140.03 ? 15 DT B OP2   1 
ATOM 292 O "O5'" . DT B 2 4  ? 2.926   -17.148 6.111   1.00 131.53 ? 15 DT B "O5'" 1 
ATOM 293 C "C5'" . DT B 2 4  ? 1.624   -17.235 5.555   1.00 119.42 ? 15 DT B "C5'" 1 
ATOM 294 C "C4'" . DT B 2 4  ? 1.489   -16.329 4.345   1.00 124.29 ? 15 DT B "C4'" 1 
ATOM 295 O "O4'" . DT B 2 4  ? 0.917   -15.057 4.744   1.00 117.33 ? 15 DT B "O4'" 1 
ATOM 296 C "C3'" . DT B 2 4  ? 2.795   -16.001 3.625   1.00 127.22 ? 15 DT B "C3'" 1 
ATOM 297 O "O3'" . DT B 2 4  ? 2.568   -15.993 2.223   1.00 134.19 ? 15 DT B "O3'" 1 
ATOM 298 C "C2'" . DT B 2 4  ? 3.134   -14.604 4.153   1.00 124.70 ? 15 DT B "C2'" 1 
ATOM 299 C "C1'" . DT B 2 4  ? 1.746   -14.000 4.307   1.00 114.16 ? 15 DT B "C1'" 1 
ATOM 300 N N1    . DT B 2 4  ? 1.649   -12.884 5.314   1.00 110.25 ? 15 DT B N1    1 
ATOM 301 C C2    . DT B 2 4  ? 0.991   -11.723 4.974   1.00 108.27 ? 15 DT B C2    1 
ATOM 302 O O2    . DT B 2 4  ? 0.493   -11.536 3.880   1.00 110.49 ? 15 DT B O2    1 
ATOM 303 N N3    . DT B 2 4  ? 0.941   -10.777 5.965   1.00 105.38 ? 15 DT B N3    1 
ATOM 304 C C4    . DT B 2 4  ? 1.466   -10.874 7.240   1.00 104.70 ? 15 DT B C4    1 
ATOM 305 O O4    . DT B 2 4  ? 1.371   -9.969  8.063   1.00 107.84 ? 15 DT B O4    1 
ATOM 306 C C5    . DT B 2 4  ? 2.136   -12.116 7.533   1.00 106.33 ? 15 DT B C5    1 
ATOM 307 C C7    . DT B 2 4  ? 2.748   -12.336 8.884   1.00 110.65 ? 15 DT B C7    1 
ATOM 308 C C6    . DT B 2 4  ? 2.190   -13.053 6.572   1.00 111.96 ? 15 DT B C6    1 
ATOM 309 P P     . DC B 2 5  ? 3.790   -16.173 1.196   1.00 142.93 ? 16 DC B P     1 
ATOM 310 O OP1   . DC B 2 5  ? 3.375   -17.167 0.181   1.00 143.59 ? 16 DC B OP1   1 
ATOM 311 O OP2   . DC B 2 5  ? 5.018   -16.396 1.992   1.00 137.18 ? 16 DC B OP2   1 
ATOM 312 O "O5'" . DC B 2 5  ? 3.894   -14.747 0.481   1.00 136.03 ? 16 DC B "O5'" 1 
ATOM 313 C "C5'" . DC B 2 5  ? 2.776   -14.233 -0.234  1.00 130.39 ? 16 DC B "C5'" 1 
ATOM 314 C "C4'" . DC B 2 5  ? 2.938   -12.749 -0.503  1.00 132.47 ? 16 DC B "C4'" 1 
ATOM 315 O "O4'" . DC B 2 5  ? 2.810   -12.006 0.739   1.00 130.65 ? 16 DC B "O4'" 1 
ATOM 316 C "C3'" . DC B 2 5  ? 4.286   -12.343 -1.102  1.00 127.16 ? 16 DC B "C3'" 1 
ATOM 317 O "O3'" . DC B 2 5  ? 4.079   -11.402 -2.136  1.00 135.59 ? 16 DC B "O3'" 1 
ATOM 318 C "C2'" . DC B 2 5  ? 5.016   -11.712 0.080   1.00 120.62 ? 16 DC B "C2'" 1 
ATOM 319 C "C1'" . DC B 2 5  ? 3.859   -11.071 0.824   1.00 123.65 ? 16 DC B "C1'" 1 
ATOM 320 N N1    . DC B 2 5  ? 4.153   -10.803 2.261   1.00 115.72 ? 16 DC B N1    1 
ATOM 321 C C2    . DC B 2 5  ? 3.711   -9.611  2.851   1.00 115.34 ? 16 DC B C2    1 
ATOM 322 O O2    . DC B 2 5  ? 3.074   -8.798  2.169   1.00 114.19 ? 16 DC B O2    1 
ATOM 323 N N3    . DC B 2 5  ? 3.993   -9.384  4.159   1.00 111.95 ? 16 DC B N3    1 
ATOM 324 C C4    . DC B 2 5  ? 4.683   -10.286 4.861   1.00 111.64 ? 16 DC B C4    1 
ATOM 325 N N4    . DC B 2 5  ? 4.937   -10.019 6.147   1.00 109.20 ? 16 DC B N4    1 
ATOM 326 C C5    . DC B 2 5  ? 5.143   -11.502 4.275   1.00 108.65 ? 16 DC B C5    1 
ATOM 327 C C6    . DC B 2 5  ? 4.860   -11.716 2.986   1.00 112.11 ? 16 DC B C6    1 
ATOM 328 P P     . DA B 2 6  ? 5.157   -11.246 -3.314  1.00 154.31 ? 17 DA B P     1 
ATOM 329 O OP1   . DA B 2 6  ? 4.671   -12.032 -4.471  1.00 147.25 ? 17 DA B OP1   1 
ATOM 330 O OP2   . DA B 2 6  ? 6.490   -11.533 -2.739  1.00 148.57 ? 17 DA B OP2   1 
ATOM 331 O "O5'" . DA B 2 6  ? 5.101   -9.686  -3.666  1.00 143.43 ? 17 DA B "O5'" 1 
ATOM 332 C "C5'" . DA B 2 6  ? 3.844   -9.057  -3.885  1.00 132.88 ? 17 DA B "C5'" 1 
ATOM 333 C "C4'" . DA B 2 6  ? 3.790   -7.692  -3.219  1.00 135.93 ? 17 DA B "C4'" 1 
ATOM 334 O "O4'" . DA B 2 6  ? 3.957   -7.838  -1.786  1.00 130.72 ? 17 DA B "O4'" 1 
ATOM 335 C "C3'" . DA B 2 6  ? 4.865   -6.703  -3.676  1.00 133.18 ? 17 DA B "C3'" 1 
ATOM 336 O "O3'" . DA B 2 6  ? 4.274   -5.451  -3.988  1.00 133.89 ? 17 DA B "O3'" 1 
ATOM 337 C "C2'" . DA B 2 6  ? 5.805   -6.599  -2.470  1.00 130.08 ? 17 DA B "C2'" 1 
ATOM 338 C "C1'" . DA B 2 6  ? 4.853   -6.857  -1.318  1.00 124.65 ? 17 DA B "C1'" 1 
ATOM 339 N N9    . DA B 2 6  ? 5.499   -7.374  -0.118  1.00 115.98 ? 17 DA B N9    1 
ATOM 340 C C8    . DA B 2 6  ? 6.207   -8.535  0.000   1.00 116.73 ? 17 DA B C8    1 
ATOM 341 N N7    . DA B 2 6  ? 6.660   -8.759  1.211   1.00 113.23 ? 17 DA B N7    1 
ATOM 342 C C5    . DA B 2 6  ? 6.211   -7.671  1.939   1.00 108.45 ? 17 DA B C5    1 
ATOM 343 C C6    . DA B 2 6  ? 6.359   -7.309  3.293   1.00 107.29 ? 17 DA B C6    1 
ATOM 344 N N6    . DA B 2 6  ? 7.030   -8.047  4.183   1.00 106.39 ? 17 DA B N6    1 
ATOM 345 N N1    . DA B 2 6  ? 5.786   -6.156  3.696   1.00 107.11 ? 17 DA B N1    1 
ATOM 346 C C2    . DA B 2 6  ? 5.114   -5.420  2.800   1.00 109.39 ? 17 DA B C2    1 
ATOM 347 N N3    . DA B 2 6  ? 4.910   -5.656  1.505   1.00 110.80 ? 17 DA B N3    1 
ATOM 348 C C4    . DA B 2 6  ? 5.491   -6.809  1.135   1.00 112.93 ? 17 DA B C4    1 
ATOM 349 P P     . DC B 2 7  ? 5.054   -4.410  -4.928  1.00 150.46 ? 18 DC B P     1 
ATOM 350 O OP1   . DC B 2 7  ? 4.071   -3.818  -5.863  1.00 142.90 ? 18 DC B OP1   1 
ATOM 351 O OP2   . DC B 2 7  ? 6.238   -5.114  -5.467  1.00 151.59 ? 18 DC B OP2   1 
ATOM 352 O "O5'" . DC B 2 7  ? 5.577   -3.289  -3.910  1.00 140.20 ? 18 DC B "O5'" 1 
ATOM 353 C "C5'" . DC B 2 7  ? 4.645   -2.545  -3.140  1.00 136.23 ? 18 DC B "C5'" 1 
ATOM 354 C "C4'" . DC B 2 7  ? 5.315   -1.902  -1.935  1.00 132.50 ? 18 DC B "C4'" 1 
ATOM 355 O "O4'" . DC B 2 7  ? 5.717   -2.920  -0.991  1.00 128.11 ? 18 DC B "O4'" 1 
ATOM 356 C "C3'" . DC B 2 7  ? 6.577   -1.076  -2.234  1.00 131.39 ? 18 DC B "C3'" 1 
ATOM 357 O "O3'" . DC B 2 7  ? 6.348   0.293   -1.878  1.00 133.90 ? 18 DC B "O3'" 1 
ATOM 358 C "C2'" . DC B 2 7  ? 7.668   -1.729  -1.362  1.00 132.22 ? 18 DC B "C2'" 1 
ATOM 359 C "C1'" . DC B 2 7  ? 6.843   -2.447  -0.307  1.00 126.28 ? 18 DC B "C1'" 1 
ATOM 360 N N1    . DC B 2 7  ? 7.532   -3.608  0.353   1.00 117.41 ? 18 DC B N1    1 
ATOM 361 C C2    . DC B 2 7  ? 7.713   -3.596  1.741   1.00 118.16 ? 18 DC B C2    1 
ATOM 362 O O2    . DC B 2 7  ? 7.313   -2.623  2.390   1.00 123.52 ? 18 DC B O2    1 
ATOM 363 N N3    . DC B 2 7  ? 8.324   -4.651  2.336   1.00 112.65 ? 18 DC B N3    1 
ATOM 364 C C4    . DC B 2 7  ? 8.741   -5.682  1.603   1.00 114.37 ? 18 DC B C4    1 
ATOM 365 N N4    . DC B 2 7  ? 9.338   -6.699  2.237   1.00 109.58 ? 18 DC B N4    1 
ATOM 366 C C5    . DC B 2 7  ? 8.562   -5.718  0.187   1.00 119.94 ? 18 DC B C5    1 
ATOM 367 C C6    . DC B 2 7  ? 7.955   -4.672  -0.391  1.00 118.74 ? 18 DC B C6    1 
ATOM 368 P P     . DT B 2 8  ? 7.553   1.359   -1.825  1.00 148.29 ? 19 DT B P     1 
ATOM 369 O OP1   . DT B 2 8  ? 6.969   2.690   -2.096  1.00 154.76 ? 19 DT B OP1   1 
ATOM 370 O OP2   . DT B 2 8  ? 8.682   0.882   -2.655  1.00 144.63 ? 19 DT B OP2   1 
ATOM 371 O "O5'" . DT B 2 8  ? 8.003   1.341   -0.294  1.00 137.50 ? 19 DT B "O5'" 1 
ATOM 372 C "C5'" . DT B 2 8  ? 7.054   1.650   0.718   1.00 139.01 ? 19 DT B "C5'" 1 
ATOM 373 C "C4'" . DT B 2 8  ? 7.734   1.964   2.042   1.00 140.75 ? 19 DT B "C4'" 1 
ATOM 374 O "O4'" . DT B 2 8  ? 8.237   0.745   2.651   1.00 138.14 ? 19 DT B "O4'" 1 
ATOM 375 C "C3'" . DT B 2 8  ? 8.931   2.900   1.963   1.00 143.41 ? 19 DT B "C3'" 1 
ATOM 376 O "O3'" . DT B 2 8  ? 8.995   3.639   3.161   1.00 146.23 ? 19 DT B "O3'" 1 
ATOM 377 C "C2'" . DT B 2 8  ? 10.099  1.917   1.860   1.00 144.55 ? 19 DT B "C2'" 1 
ATOM 378 C "C1'" . DT B 2 8  ? 9.638   0.847   2.836   1.00 139.58 ? 19 DT B "C1'" 1 
ATOM 379 N N1    . DT B 2 8  ? 10.232  -0.524  2.628   1.00 134.09 ? 19 DT B N1    1 
ATOM 380 C C2    . DT B 2 8  ? 10.640  -1.250  3.727   1.00 132.15 ? 19 DT B C2    1 
ATOM 381 O O2    . DT B 2 8  ? 10.582  -0.825  4.868   1.00 132.92 ? 19 DT B O2    1 
ATOM 382 N N3    . DT B 2 8  ? 11.131  -2.498  3.444   1.00 124.88 ? 19 DT B N3    1 
ATOM 383 C C4    . DT B 2 8  ? 11.246  -3.089  2.200   1.00 124.27 ? 19 DT B C4    1 
ATOM 384 O O4    . DT B 2 8  ? 11.703  -4.219  2.050   1.00 125.66 ? 19 DT B O4    1 
ATOM 385 C C5    . DT B 2 8  ? 10.792  -2.284  1.090   1.00 123.92 ? 19 DT B C5    1 
ATOM 386 C C7    . DT B 2 8  ? 10.872  -2.821  -0.308  1.00 123.53 ? 19 DT B C7    1 
ATOM 387 C C6    . DT B 2 8  ? 10.306  -1.056  1.354   1.00 127.75 ? 19 DT B C6    1 
ATOM 388 P P     . DC B 2 9  ? 9.269   5.219   3.135   1.00 161.82 ? 20 DC B P     1 
ATOM 389 O OP1   . DC B 2 9  ? 8.146   5.869   3.846   1.00 154.48 ? 20 DC B OP1   1 
ATOM 390 O OP2   . DC B 2 9  ? 9.580   5.603   1.741   1.00 164.65 ? 20 DC B OP2   1 
ATOM 391 O "O5'" . DC B 2 9  ? 10.597  5.373   4.012   1.00 165.61 ? 20 DC B "O5'" 1 
ATOM 392 C "C5'" . DC B 2 9  ? 10.620  4.880   5.347   1.00 162.84 ? 20 DC B "C5'" 1 
ATOM 393 C "C4'" . DC B 2 9  ? 12.039  4.576   5.794   1.00 171.05 ? 20 DC B "C4'" 1 
ATOM 394 O "O4'" . DC B 2 9  ? 12.391  3.209   5.440   1.00 166.40 ? 20 DC B "O4'" 1 
ATOM 395 C "C3'" . DC B 2 9  ? 13.124  5.463   5.172   1.00 166.10 ? 20 DC B "C3'" 1 
ATOM 396 O "O3'" . DC B 2 9  ? 14.120  5.760   6.145   1.00 168.01 ? 20 DC B "O3'" 1 
ATOM 397 C "C2'" . DC B 2 9  ? 13.692  4.563   4.080   1.00 161.59 ? 20 DC B "C2'" 1 
ATOM 398 C "C1'" . DC B 2 9  ? 13.637  3.220   4.785   1.00 159.02 ? 20 DC B "C1'" 1 
ATOM 399 N N1    . DC B 2 9  ? 13.719  2.042   3.872   1.00 150.18 ? 20 DC B N1    1 
ATOM 400 C C2    . DC B 2 9  ? 14.036  0.783   4.397   1.00 140.63 ? 20 DC B C2    1 
ATOM 401 O O2    . DC B 2 9  ? 14.234  0.668   5.613   1.00 137.79 ? 20 DC B O2    1 
ATOM 402 N N3    . DC B 2 9  ? 14.113  -0.277  3.555   1.00 136.36 ? 20 DC B N3    1 
ATOM 403 C C4    . DC B 2 9  ? 13.891  -0.113  2.250   1.00 137.57 ? 20 DC B C4    1 
ATOM 404 N N4    . DC B 2 9  ? 13.979  -1.187  1.460   1.00 139.24 ? 20 DC B N4    1 
ATOM 405 C C5    . DC B 2 9  ? 13.572  1.163   1.697   1.00 141.83 ? 20 DC B C5    1 
ATOM 406 C C6    . DC B 2 9  ? 13.499  2.202   2.536   1.00 148.85 ? 20 DC B C6    1 
ATOM 407 P P     . DA B 2 10 ? 13.819  6.758   7.371   1.00 182.57 ? 21 DA B P     1 
ATOM 408 O OP1   . DA B 2 10 ? 12.427  7.253   7.278   1.00 197.79 ? 21 DA B OP1   1 
ATOM 409 O OP2   . DA B 2 10 ? 14.928  7.734   7.405   1.00 199.88 ? 21 DA B OP2   1 
ATOM 410 O "O5'" . DA B 2 10 ? 13.973  5.821   8.661   1.00 175.04 ? 21 DA B "O5'" 1 
ATOM 411 C "C5'" . DA B 2 10 ? 14.412  4.469   8.511   1.00 167.28 ? 21 DA B "C5'" 1 
ATOM 412 C "C4'" . DA B 2 10 ? 15.810  4.275   9.078   1.00 159.50 ? 21 DA B "C4'" 1 
ATOM 413 O "O4'" . DA B 2 10 ? 16.317  2.980   8.661   1.00 150.78 ? 21 DA B "O4'" 1 
ATOM 414 C "C3'" . DA B 2 10 ? 16.839  5.303   8.617   1.00 159.81 ? 21 DA B "C3'" 1 
ATOM 415 O "O3'" . DA B 2 10 ? 16.954  6.342   9.583   1.00 176.27 ? 21 DA B "O3'" 1 
ATOM 416 C "C2'" . DA B 2 10 ? 18.127  4.488   8.515   1.00 150.63 ? 21 DA B "C2'" 1 
ATOM 417 C "C1'" . DA B 2 10 ? 17.612  3.111   8.112   1.00 143.54 ? 21 DA B "C1'" 1 
ATOM 418 N N9    . DA B 2 10 ? 17.532  2.902   6.665   1.00 142.18 ? 21 DA B N9    1 
ATOM 419 C C8    . DA B 2 10 ? 17.293  3.845   5.702   1.00 144.38 ? 21 DA B C8    1 
ATOM 420 N N7    . DA B 2 10 ? 17.277  3.365   4.481   1.00 141.80 ? 21 DA B N7    1 
ATOM 421 C C5    . DA B 2 10 ? 17.522  2.012   4.654   1.00 138.88 ? 21 DA B C5    1 
ATOM 422 C C6    . DA B 2 10 ? 17.632  0.944   3.743   1.00 136.01 ? 21 DA B C6    1 
ATOM 423 N N6    . DA B 2 10 ? 17.501  1.088   2.419   1.00 133.14 ? 21 DA B N6    1 
ATOM 424 N N1    . DA B 2 10 ? 17.883  -0.283  4.245   1.00 135.60 ? 21 DA B N1    1 
ATOM 425 C C2    . DA B 2 10 ? 18.014  -0.422  5.570   1.00 137.34 ? 21 DA B C2    1 
ATOM 426 N N3    . DA B 2 10 ? 17.932  0.504   6.523   1.00 138.61 ? 21 DA B N3    1 
ATOM 427 C C4    . DA B 2 10 ? 17.683  1.711   5.994   1.00 140.33 ? 21 DA B C4    1 
ATOM 428 P P     . DC C 3 1  ? -3.980  2.608   11.986  1.00 161.68 ? 1  DC C P     1 
ATOM 429 O OP1   . DC C 3 1  ? -3.764  2.296   13.417  1.00 110.49 ? 1  DC C OP1   1 
ATOM 430 O OP2   . DC C 3 1  ? -4.126  4.009   11.530  1.00 133.17 ? 1  DC C OP2   1 
ATOM 431 O "O5'" . DC C 3 1  ? -5.279  1.812   11.487  1.00 120.81 ? 1  DC C "O5'" 1 
ATOM 432 C "C5'" . DC C 3 1  ? -5.918  0.881   12.365  1.00 116.08 ? 1  DC C "C5'" 1 
ATOM 433 C "C4'" . DC C 3 1  ? -7.005  0.089   11.643  1.00 119.05 ? 1  DC C "C4'" 1 
ATOM 434 O "O4'" . DC C 3 1  ? -8.112  0.963   11.298  1.00 111.20 ? 1  DC C "O4'" 1 
ATOM 435 C "C3'" . DC C 3 1  ? -6.566  -0.585  10.339  1.00 117.42 ? 1  DC C "C3'" 1 
ATOM 436 O "O3'" . DC C 3 1  ? -7.022  -1.928  10.307  1.00 112.58 ? 1  DC C "O3'" 1 
ATOM 437 C "C2'" . DC C 3 1  ? -7.229  0.265   9.253   1.00 113.94 ? 1  DC C "C2'" 1 
ATOM 438 C "C1'" . DC C 3 1  ? -8.489  0.736   9.959   1.00 109.89 ? 1  DC C "C1'" 1 
ATOM 439 N N1    . DC C 3 1  ? -9.082  2.009   9.409   1.00 106.39 ? 1  DC C N1    1 
ATOM 440 C C2    . DC C 3 1  ? -10.354 1.979   8.818   1.00 105.81 ? 1  DC C C2    1 
ATOM 441 O O2    . DC C 3 1  ? -10.952 0.901   8.738   1.00 107.12 ? 1  DC C O2    1 
ATOM 442 N N3    . DC C 3 1  ? -10.891 3.131   8.346   1.00 101.99 ? 1  DC C N3    1 
ATOM 443 C C4    . DC C 3 1  ? -10.214 4.272   8.450   1.00 105.68 ? 1  DC C C4    1 
ATOM 444 N N4    . DC C 3 1  ? -10.784 5.382   7.967   1.00 109.01 ? 1  DC C N4    1 
ATOM 445 C C5    . DC C 3 1  ? -8.923  4.330   9.054   1.00 105.17 ? 1  DC C C5    1 
ATOM 446 C C6    . DC C 3 1  ? -8.402  3.186   9.518   1.00 106.61 ? 1  DC C C6    1 
ATOM 447 P P     . DT C 3 2  ? -6.372  -2.976  9.279   1.00 119.55 ? 2  DT C P     1 
ATOM 448 O OP1   . DT C 3 2  ? -6.570  -4.307  9.887   1.00 119.02 ? 2  DT C OP1   1 
ATOM 449 O OP2   . DT C 3 2  ? -5.008  -2.532  8.910   1.00 119.90 ? 2  DT C OP2   1 
ATOM 450 O "O5'" . DT C 3 2  ? -7.308  -2.873  7.989   1.00 103.76 ? 2  DT C "O5'" 1 
ATOM 451 C "C5'" . DT C 3 2  ? -8.640  -3.349  8.058   1.00 103.39 ? 2  DT C "C5'" 1 
ATOM 452 C "C4'" . DT C 3 2  ? -9.393  -3.014  6.790   1.00 104.68 ? 2  DT C "C4'" 1 
ATOM 453 O "O4'" . DT C 3 2  ? -9.592  -1.578  6.712   1.00 107.34 ? 2  DT C "O4'" 1 
ATOM 454 C "C3'" . DT C 3 2  ? -8.677  -3.417  5.491   1.00 103.80 ? 2  DT C "C3'" 1 
ATOM 455 O "O3'" . DT C 3 2  ? -9.585  -4.098  4.616   1.00 102.79 ? 2  DT C "O3'" 1 
ATOM 456 C "C2'" . DT C 3 2  ? -8.241  -2.072  4.904   1.00 99.60  ? 2  DT C "C2'" 1 
ATOM 457 C "C1'" . DT C 3 2  ? -9.363  -1.173  5.392   1.00 102.07 ? 2  DT C "C1'" 1 
ATOM 458 N N1    . DT C 3 2  ? -9.043  0.291   5.370   1.00 101.75 ? 2  DT C N1    1 
ATOM 459 C C2    . DT C 3 2  ? -9.958  1.164   4.831   1.00 102.12 ? 2  DT C C2    1 
ATOM 460 O O2    . DT C 3 2  ? -11.025 0.806   4.370   1.00 107.82 ? 2  DT C O2    1 
ATOM 461 N N3    . DT C 3 2  ? -9.582  2.479   4.852   1.00 98.15  ? 2  DT C N3    1 
ATOM 462 C C4    . DT C 3 2  ? -8.403  3.000   5.347   1.00 100.44 ? 2  DT C C4    1 
ATOM 463 O O4    . DT C 3 2  ? -8.153  4.202   5.320   1.00 106.66 ? 2  DT C O4    1 
ATOM 464 C C5    . DT C 3 2  ? -7.485  2.032   5.897   1.00 97.88  ? 2  DT C C5    1 
ATOM 465 C C7    . DT C 3 2  ? -6.171  2.480   6.464   1.00 107.75 ? 2  DT C C7    1 
ATOM 466 C C6    . DT C 3 2  ? -7.844  0.738   5.881   1.00 101.89 ? 2  DT C C6    1 
ATOM 467 P P     . DC C 3 3  ? -9.715  -5.703  4.641   1.00 119.66 ? 3  DC C P     1 
ATOM 468 O OP1   . DC C 3 3  ? -10.691 -6.089  3.598   1.00 112.99 ? 3  DC C OP1   1 
ATOM 469 O OP2   . DC C 3 3  ? -9.955  -6.120  6.040   1.00 120.82 ? 3  DC C OP2   1 
ATOM 470 O "O5'" . DC C 3 3  ? -8.274  -6.233  4.180   1.00 107.92 ? 3  DC C "O5'" 1 
ATOM 471 C "C5'" . DC C 3 3  ? -7.940  -6.307  2.791   1.00 109.18 ? 3  DC C "C5'" 1 
ATOM 472 C "C4'" . DC C 3 3  ? -6.860  -7.349  2.555   1.00 99.55  ? 3  DC C "C4'" 1 
ATOM 473 O "O4'" . DC C 3 3  ? -5.747  -7.066  3.422   1.00 89.91  ? 3  DC C "O4'" 1 
ATOM 474 C "C3'" . DC C 3 3  ? -7.271  -8.774  2.884   1.00 104.56 ? 3  DC C "C3'" 1 
ATOM 475 O "O3'" . DC C 3 3  ? -7.790  -9.409  1.728   1.00 110.55 ? 3  DC C "O3'" 1 
ATOM 476 C "C2'" . DC C 3 3  ? -5.967  -9.437  3.330   1.00 96.60  ? 3  DC C "C2'" 1 
ATOM 477 C "C1'" . DC C 3 3  ? -5.081  -8.264  3.763   1.00 90.45  ? 3  DC C "C1'" 1 
ATOM 478 N N1    . DC C 3 3  ? -4.786  -8.235  5.227   1.00 85.56  ? 3  DC C N1    1 
ATOM 479 C C2    . DC C 3 3  ? -3.973  -9.224  5.797   1.00 95.04  ? 3  DC C C2    1 
ATOM 480 O O2    . DC C 3 3  ? -3.510  -10.118 5.077   1.00 97.24  ? 3  DC C O2    1 
ATOM 481 N N3    . DC C 3 3  ? -3.714  -9.173  7.127   1.00 101.80 ? 3  DC C N3    1 
ATOM 482 C C4    . DC C 3 3  ? -4.227  -8.193  7.873   1.00 99.37  ? 3  DC C C4    1 
ATOM 483 N N4    . DC C 3 3  ? -3.944  -8.188  9.179   1.00 103.12 ? 3  DC C N4    1 
ATOM 484 C C5    . DC C 3 3  ? -5.055  -7.177  7.310   1.00 89.74  ? 3  DC C C5    1 
ATOM 485 C C6    . DC C 3 3  ? -5.304  -7.236  5.997   1.00 89.45  ? 3  DC C C6    1 
ATOM 486 P P     . DG C 3 4  ? -8.936  -10.520 1.878   1.00 119.89 ? 4  DG C P     1 
ATOM 487 O OP1   . DG C 3 4  ? -9.330  -10.954 0.517   1.00 111.47 ? 4  DG C OP1   1 
ATOM 488 O OP2   . DG C 3 4  ? -9.948  -9.954  2.796   1.00 113.89 ? 4  DG C OP2   1 
ATOM 489 O "O5'" . DG C 3 4  ? -8.216  -11.727 2.651   1.00 107.98 ? 4  DG C "O5'" 1 
ATOM 490 C "C5'" . DG C 3 4  ? -7.559  -12.756 1.918   1.00 108.74 ? 4  DG C "C5'" 1 
ATOM 491 C "C4'" . DG C 3 4  ? -6.523  -13.466 2.777   1.00 110.81 ? 4  DG C "C4'" 1 
ATOM 492 O "O4'" . DG C 3 4  ? -6.028  -12.568 3.785   1.00 109.66 ? 4  DG C "O4'" 1 
ATOM 493 C "C3'" . DG C 3 4  ? -7.030  -14.654 3.572   1.00 115.65 ? 4  DG C "C3'" 1 
ATOM 494 O "O3'" . DG C 3 4  ? -7.050  -15.820 2.752   1.00 123.05 ? 4  DG C "O3'" 1 
ATOM 495 C "C2'" . DG C 3 4  ? -5.976  -14.770 4.677   1.00 110.90 ? 4  DG C "C2'" 1 
ATOM 496 C "C1'" . DG C 3 4  ? -5.471  -13.331 4.837   1.00 108.08 ? 4  DG C "C1'" 1 
ATOM 497 N N9    . DG C 3 4  ? -5.836  -12.723 6.110   1.00 103.27 ? 4  DG C N9    1 
ATOM 498 C C8    . DG C 3 4  ? -6.760  -11.728 6.318   1.00 105.39 ? 4  DG C C8    1 
ATOM 499 N N7    . DG C 3 4  ? -6.873  -11.379 7.569   1.00 106.75 ? 4  DG C N7    1 
ATOM 500 C C5    . DG C 3 4  ? -5.966  -12.193 8.233   1.00 107.04 ? 4  DG C C5    1 
ATOM 501 C C6    . DG C 3 4  ? -5.645  -12.268 9.609   1.00 110.96 ? 4  DG C C6    1 
ATOM 502 O O6    . DG C 3 4  ? -6.118  -11.606 10.543  1.00 113.77 ? 4  DG C O6    1 
ATOM 503 N N1    . DG C 3 4  ? -4.668  -13.230 9.859   1.00 105.59 ? 4  DG C N1    1 
ATOM 504 C C2    . DG C 3 4  ? -4.077  -14.017 8.898   1.00 104.60 ? 4  DG C C2    1 
ATOM 505 N N2    . DG C 3 4  ? -3.157  -14.890 9.328   1.00 102.81 ? 4  DG C N2    1 
ATOM 506 N N3    . DG C 3 4  ? -4.371  -13.957 7.606   1.00 103.34 ? 4  DG C N3    1 
ATOM 507 C C4    . DG C 3 4  ? -5.319  -13.026 7.349   1.00 102.65 ? 4  DG C C4    1 
ATOM 508 P P     . DT C 3 5  ? -7.924  -17.102 3.179   1.00 132.76 ? 5  DT C P     1 
ATOM 509 O OP1   . DT C 3 5  ? -7.925  -18.042 2.036   1.00 147.45 ? 5  DT C OP1   1 
ATOM 510 O OP2   . DT C 3 5  ? -9.220  -16.608 3.694   1.00 130.63 ? 5  DT C OP2   1 
ATOM 511 O "O5'" . DT C 3 5  ? -7.101  -17.744 4.398   1.00 120.06 ? 5  DT C "O5'" 1 
ATOM 512 C "C5'" . DT C 3 5  ? -5.767  -18.215 4.186   1.00 123.31 ? 5  DT C "C5'" 1 
ATOM 513 C "C4'" . DT C 3 5  ? -5.036  -18.439 5.503   1.00 127.28 ? 5  DT C "C4'" 1 
ATOM 514 O "O4'" . DT C 3 5  ? -5.268  -17.319 6.391   1.00 120.50 ? 5  DT C "O4'" 1 
ATOM 515 C "C3'" . DT C 3 5  ? -5.443  -19.696 6.285   1.00 129.32 ? 5  DT C "C3'" 1 
ATOM 516 O "O3'" . DT C 3 5  ? -4.279  -20.418 6.680   1.00 134.62 ? 5  DT C "O3'" 1 
ATOM 517 C "C2'" . DT C 3 5  ? -6.186  -19.136 7.500   1.00 118.77 ? 5  DT C "C2'" 1 
ATOM 518 C "C1'" . DT C 3 5  ? -5.485  -17.802 7.689   1.00 116.12 ? 5  DT C "C1'" 1 
ATOM 519 N N1    . DT C 3 5  ? -6.296  -16.800 8.421   1.00 110.40 ? 5  DT C N1    1 
ATOM 520 C C2    . DT C 3 5  ? -6.131  -16.658 9.777   1.00 110.18 ? 5  DT C C2    1 
ATOM 521 O O2    . DT C 3 5  ? -5.345  -17.321 10.426  1.00 114.23 ? 5  DT C O2    1 
ATOM 522 N N3    . DT C 3 5  ? -6.927  -15.706 10.354  1.00 111.39 ? 5  DT C N3    1 
ATOM 523 C C4    . DT C 3 5  ? -7.850  -14.895 9.723   1.00 112.05 ? 5  DT C C4    1 
ATOM 524 O O4    . DT C 3 5  ? -8.525  -14.066 10.332  1.00 105.31 ? 5  DT C O4    1 
ATOM 525 C C5    . DT C 3 5  ? -7.972  -15.097 8.301   1.00 108.00 ? 5  DT C C5    1 
ATOM 526 C C7    . DT C 3 5  ? -8.941  -14.279 7.506   1.00 101.10 ? 5  DT C C7    1 
ATOM 527 C C6    . DT C 3 5  ? -7.196  -16.027 7.725   1.00 110.18 ? 5  DT C C6    1 
ATOM 528 O "O5'" . DT D 4 1  ? 22.484  0.837   -8.926  1.00 149.09 ? 1  DT D "O5'" 1 
ATOM 529 C "C5'" . DT D 4 1  ? 22.952  1.052   -7.597  1.00 143.58 ? 1  DT D "C5'" 1 
ATOM 530 C "C4'" . DT D 4 1  ? 23.363  -0.258  -6.948  1.00 145.32 ? 1  DT D "C4'" 1 
ATOM 531 O "O4'" . DT D 4 1  ? 23.882  0.003   -5.616  1.00 145.34 ? 1  DT D "O4'" 1 
ATOM 532 C "C3'" . DT D 4 1  ? 22.234  -1.261  -6.755  1.00 144.54 ? 1  DT D "C3'" 1 
ATOM 533 O "O3'" . DT D 4 1  ? 22.736  -2.586  -6.824  1.00 148.16 ? 1  DT D "O3'" 1 
ATOM 534 C "C2'" . DT D 4 1  ? 21.740  -0.931  -5.356  1.00 139.40 ? 1  DT D "C2'" 1 
ATOM 535 C "C1'" . DT D 4 1  ? 23.043  -0.594  -4.645  1.00 140.31 ? 1  DT D "C1'" 1 
ATOM 536 N N1    . DT D 4 1  ? 22.858  0.363   -3.530  1.00 136.10 ? 1  DT D N1    1 
ATOM 537 C C2    . DT D 4 1  ? 23.457  0.115   -2.317  1.00 135.65 ? 1  DT D C2    1 
ATOM 538 O O2    . DT D 4 1  ? 24.155  -0.860  -2.104  1.00 135.52 ? 1  DT D O2    1 
ATOM 539 N N3    . DT D 4 1  ? 23.213  1.061   -1.357  1.00 134.22 ? 1  DT D N3    1 
ATOM 540 C C4    . DT D 4 1  ? 22.441  2.202   -1.486  1.00 131.77 ? 1  DT D C4    1 
ATOM 541 O O4    . DT D 4 1  ? 22.280  2.994   -0.563  1.00 130.66 ? 1  DT D O4    1 
ATOM 542 C C5    . DT D 4 1  ? 21.838  2.396   -2.782  1.00 127.96 ? 1  DT D C5    1 
ATOM 543 C C7    . DT D 4 1  ? 20.980  3.598   -3.044  1.00 126.91 ? 1  DT D C7    1 
ATOM 544 C C6    . DT D 4 1  ? 22.071  1.478   -3.728  1.00 131.06 ? 1  DT D C6    1 
ATOM 545 P P     . DC D 4 2  ? 21.717  -3.824  -6.918  1.00 157.24 ? 2  DC D P     1 
ATOM 546 O OP1   . DC D 4 2  ? 22.280  -4.787  -7.891  1.00 155.02 ? 2  DC D OP1   1 
ATOM 547 O OP2   . DC D 4 2  ? 20.363  -3.268  -7.136  1.00 151.17 ? 2  DC D OP2   1 
ATOM 548 O "O5'" . DC D 4 2  ? 21.776  -4.490  -5.464  1.00 142.67 ? 2  DC D "O5'" 1 
ATOM 549 C "C5'" . DC D 4 2  ? 22.877  -5.313  -5.110  1.00 135.27 ? 2  DC D "C5'" 1 
ATOM 550 C "C4'" . DC D 4 2  ? 23.035  -5.390  -3.602  1.00 141.42 ? 2  DC D "C4'" 1 
ATOM 551 O "O4'" . DC D 4 2  ? 22.817  -4.082  -3.023  1.00 143.48 ? 2  DC D "O4'" 1 
ATOM 552 C "C3'" . DC D 4 2  ? 22.064  -6.341  -2.887  1.00 140.64 ? 2  DC D "C3'" 1 
ATOM 553 O "O3'" . DC D 4 2  ? 22.796  -7.310  -2.142  1.00 144.21 ? 2  DC D "O3'" 1 
ATOM 554 C "C2'" . DC D 4 2  ? 21.248  -5.421  -1.969  1.00 140.81 ? 2  DC D "C2'" 1 
ATOM 555 C "C1'" . DC D 4 2  ? 22.196  -4.252  -1.778  1.00 140.40 ? 2  DC D "C1'" 1 
ATOM 556 N N1    . DC D 4 2  ? 21.520  -2.976  -1.399  1.00 137.79 ? 2  DC D N1    1 
ATOM 557 C C2    . DC D 4 2  ? 21.690  -2.467  -0.108  1.00 135.97 ? 2  DC D C2    1 
ATOM 558 O O2    . DC D 4 2  ? 22.394  -3.087  0.697   1.00 146.80 ? 2  DC D O2    1 
ATOM 559 N N3    . DC D 4 2  ? 21.075  -1.305  0.225   1.00 130.60 ? 2  DC D N3    1 
ATOM 560 C C4    . DC D 4 2  ? 20.324  -0.665  -0.671  1.00 132.11 ? 2  DC D C4    1 
ATOM 561 N N4    . DC D 4 2  ? 19.737  0.477   -0.297  1.00 129.75 ? 2  DC D N4    1 
ATOM 562 C C5    . DC D 4 2  ? 20.140  -1.169  -1.995  1.00 134.88 ? 2  DC D C5    1 
ATOM 563 C C6    . DC D 4 2  ? 20.752  -2.316  -2.312  1.00 135.48 ? 2  DC D C6    1 
ATOM 564 P P     . DT D 4 3  ? 22.036  -8.549  -1.453  1.00 146.84 ? 3  DT D P     1 
ATOM 565 O OP1   . DT D 4 3  ? 23.008  -9.658  -1.320  1.00 153.98 ? 3  DT D OP1   1 
ATOM 566 O OP2   . DT D 4 3  ? 20.776  -8.762  -2.197  1.00 151.49 ? 3  DT D OP2   1 
ATOM 567 O "O5'" . DT D 4 3  ? 21.696  -8.022  0.021   1.00 145.17 ? 3  DT D "O5'" 1 
ATOM 568 C "C5'" . DT D 4 3  ? 22.746  -7.564  0.864   1.00 144.04 ? 3  DT D "C5'" 1 
ATOM 569 C "C4'" . DT D 4 3  ? 22.237  -7.207  2.255   1.00 145.23 ? 3  DT D "C4'" 1 
ATOM 570 O "O4'" . DT D 4 3  ? 21.702  -5.859  2.263   1.00 143.64 ? 3  DT D "O4'" 1 
ATOM 571 C "C3'" . DT D 4 3  ? 21.128  -8.106  2.809   1.00 147.26 ? 3  DT D "C3'" 1 
ATOM 572 O "O3'" . DT D 4 3  ? 21.415  -8.425  4.162   1.00 147.27 ? 3  DT D "O3'" 1 
ATOM 573 C "C2'" . DT D 4 3  ? 19.883  -7.224  2.703   1.00 147.31 ? 3  DT D "C2'" 1 
ATOM 574 C "C1'" . DT D 4 3  ? 20.486  -5.859  2.971   1.00 140.50 ? 3  DT D "C1'" 1 
ATOM 575 N N1    . DT D 4 3  ? 19.662  -4.721  2.489   1.00 142.40 ? 3  DT D N1    1 
ATOM 576 C C2    . DT D 4 3  ? 19.417  -3.666  3.337   1.00 145.61 ? 3  DT D C2    1 
ATOM 577 O O2    . DT D 4 3  ? 19.837  -3.618  4.481   1.00 151.35 ? 3  DT D O2    1 
ATOM 578 N N3    . DT D 4 3  ? 18.666  -2.658  2.797   1.00 140.64 ? 3  DT D N3    1 
ATOM 579 C C4    . DT D 4 3  ? 18.142  -2.601  1.519   1.00 137.79 ? 3  DT D C4    1 
ATOM 580 O O4    . DT D 4 3  ? 17.474  -1.650  1.126   1.00 133.29 ? 3  DT D O4    1 
ATOM 581 C C5    . DT D 4 3  ? 18.436  -3.739  0.678   1.00 139.85 ? 3  DT D C5    1 
ATOM 582 C C7    . DT D 4 3  ? 17.921  -3.791  -0.730  1.00 130.49 ? 3  DT D C7    1 
ATOM 583 C C6    . DT D 4 3  ? 19.175  -4.732  1.198   1.00 142.70 ? 3  DT D C6    1 
ATOM 584 P P     . DG D 4 4  ? 20.724  -9.696  4.860   1.00 154.60 ? 4  DG D P     1 
ATOM 585 O OP1   . DG D 4 4  ? 21.804  -10.547 5.403   1.00 152.17 ? 4  DG D OP1   1 
ATOM 586 O OP2   . DG D 4 4  ? 19.743  -10.262 3.909   1.00 153.50 ? 4  DG D OP2   1 
ATOM 587 O "O5'" . DG D 4 4  ? 19.904  -9.068  6.079   1.00 143.07 ? 4  DG D "O5'" 1 
ATOM 588 C "C5'" . DG D 4 4  ? 20.536  -8.896  7.337   1.00 139.84 ? 4  DG D "C5'" 1 
ATOM 589 C "C4'" . DG D 4 4  ? 19.768  -7.906  8.188   1.00 139.84 ? 4  DG D "C4'" 1 
ATOM 590 O "O4'" . DG D 4 4  ? 19.229  -6.861  7.335   1.00 141.29 ? 4  DG D "O4'" 1 
ATOM 591 C "C3'" . DG D 4 4  ? 18.575  -8.490  8.943   1.00 138.88 ? 4  DG D "C3'" 1 
ATOM 592 O "O3'" . DG D 4 4  ? 18.470  -7.874  10.219  1.00 145.29 ? 4  DG D "O3'" 1 
ATOM 593 C "C2'" . DG D 4 4  ? 17.395  -8.129  8.044   1.00 136.30 ? 4  DG D "C2'" 1 
ATOM 594 C "C1'" . DG D 4 4  ? 17.832  -6.771  7.520   1.00 137.86 ? 4  DG D "C1'" 1 
ATOM 595 N N9    . DG D 4 4  ? 17.215  -6.397  6.246   1.00 133.95 ? 4  DG D N9    1 
ATOM 596 C C8    . DG D 4 4  ? 17.134  -7.157  5.104   1.00 136.64 ? 4  DG D C8    1 
ATOM 597 N N7    . DG D 4 4  ? 16.528  -6.550  4.118   1.00 133.60 ? 4  DG D N7    1 
ATOM 598 C C5    . DG D 4 4  ? 16.188  -5.309  4.641   1.00 130.65 ? 4  DG D C5    1 
ATOM 599 C C6    . DG D 4 4  ? 15.515  -4.218  4.041   1.00 131.32 ? 4  DG D C6    1 
ATOM 600 O O6    . DG D 4 4  ? 15.069  -4.129  2.888   1.00 130.66 ? 4  DG D O6    1 
ATOM 601 N N1    . DG D 4 4  ? 15.376  -3.149  4.924   1.00 130.14 ? 4  DG D N1    1 
ATOM 602 C C2    . DG D 4 4  ? 15.830  -3.137  6.221   1.00 127.76 ? 4  DG D C2    1 
ATOM 603 N N2    . DG D 4 4  ? 15.604  -2.017  6.921   1.00 126.71 ? 4  DG D N2    1 
ATOM 604 N N3    . DG D 4 4  ? 16.462  -4.152  6.795   1.00 126.88 ? 4  DG D N3    1 
ATOM 605 C C4    . DG D 4 4  ? 16.606  -5.200  5.949   1.00 129.52 ? 4  DG D C4    1 
ATOM 606 P P     . DA D 4 5  ? 17.607  -8.567  11.385  1.00 152.29 ? 5  DA D P     1 
ATOM 607 O OP1   . DA D 4 5  ? 18.486  -8.718  12.567  1.00 151.26 ? 5  DA D OP1   1 
ATOM 608 O OP2   . DA D 4 5  ? 16.938  -9.751  10.803  1.00 142.08 ? 5  DA D OP2   1 
ATOM 609 O "O5'" . DA D 4 5  ? 16.492  -7.475  11.730  1.00 149.14 ? 5  DA D "O5'" 1 
ATOM 610 C "C5'" . DA D 4 5  ? 16.881  -6.220  12.275  1.00 145.84 ? 5  DA D "C5'" 1 
ATOM 611 C "C4'" . DA D 4 5  ? 15.733  -5.229  12.230  1.00 143.08 ? 5  DA D "C4'" 1 
ATOM 612 O "O4'" . DA D 4 5  ? 15.425  -4.904  10.851  1.00 136.88 ? 5  DA D "O4'" 1 
ATOM 613 C "C3'" . DA D 4 5  ? 14.432  -5.717  12.867  1.00 139.88 ? 5  DA D "C3'" 1 
ATOM 614 O "O3'" . DA D 4 5  ? 13.937  -4.736  13.764  1.00 145.89 ? 5  DA D "O3'" 1 
ATOM 615 C "C2'" . DA D 4 5  ? 13.490  -5.935  11.678  1.00 135.09 ? 5  DA D "C2'" 1 
ATOM 616 C "C1'" . DA D 4 5  ? 14.034  -4.961  10.642  1.00 131.68 ? 5  DA D "C1'" 1 
ATOM 617 N N9    . DA D 4 5  ? 13.801  -5.395  9.266   1.00 126.37 ? 5  DA D N9    1 
ATOM 618 C C8    . DA D 4 5  ? 14.046  -6.634  8.742   1.00 127.16 ? 5  DA D C8    1 
ATOM 619 N N7    . DA D 4 5  ? 13.747  -6.739  7.468   1.00 124.01 ? 5  DA D N7    1 
ATOM 620 C C5    . DA D 4 5  ? 13.276  -5.482  7.132   1.00 118.91 ? 5  DA D C5    1 
ATOM 621 C C6    . DA D 4 5  ? 12.797  -4.940  5.923   1.00 116.93 ? 5  DA D C6    1 
ATOM 622 N N6    . DA D 4 5  ? 12.713  -5.636  4.784   1.00 116.29 ? 5  DA D N6    1 
ATOM 623 N N1    . DA D 4 5  ? 12.404  -3.650  5.929   1.00 118.81 ? 5  DA D N1    1 
ATOM 624 C C2    . DA D 4 5  ? 12.489  -2.955  7.070   1.00 124.33 ? 5  DA D C2    1 
ATOM 625 N N3    . DA D 4 5  ? 12.921  -3.354  8.265   1.00 119.16 ? 5  DA D N3    1 
ATOM 626 C C4    . DA D 4 5  ? 13.304  -4.639  8.228   1.00 119.60 ? 5  DA D C4    1 
ATOM 627 P P     . DG D 4 6  ? 12.567  -4.986  14.566  1.00 161.07 ? 6  DG D P     1 
ATOM 628 O OP1   . DG D 4 6  ? 12.678  -4.269  15.858  1.00 165.18 ? 6  DG D OP1   1 
ATOM 629 O OP2   . DG D 4 6  ? 12.289  -6.439  14.565  1.00 149.48 ? 6  DG D OP2   1 
ATOM 630 O "O5'" . DG D 4 6  ? 11.466  -4.271  13.652  1.00 149.76 ? 6  DG D "O5'" 1 
ATOM 631 C "C5'" . DG D 4 6  ? 11.707  -2.957  13.156  1.00 146.63 ? 6  DG D "C5'" 1 
ATOM 632 C "C4'" . DG D 4 6  ? 10.626  -2.535  12.176  1.00 149.34 ? 6  DG D "C4'" 1 
ATOM 633 O "O4'" . DG D 4 6  ? 10.863  -3.158  10.902  1.00 133.25 ? 6  DG D "O4'" 1 
ATOM 634 C "C3'" . DG D 4 6  ? 9.207   -2.928  12.580  1.00 142.49 ? 6  DG D "C3'" 1 
ATOM 635 O "O3'" . DG D 4 6  ? 8.502   -1.779  13.035  1.00 148.33 ? 6  DG D "O3'" 1 
ATOM 636 C "C2'" . DG D 4 6  ? 8.579   -3.518  11.301  1.00 131.04 ? 6  DG D "C2'" 1 
ATOM 637 C "C1'" . DG D 4 6  ? 9.641   -3.290  10.226  1.00 124.88 ? 6  DG D "C1'" 1 
ATOM 638 N N9    . DG D 4 6  ? 9.771   -4.397  9.279   1.00 114.69 ? 6  DG D N9    1 
ATOM 639 C C8    . DG D 4 6  ? 10.251  -5.658  9.545   1.00 114.83 ? 6  DG D C8    1 
ATOM 640 N N7    . DG D 4 6  ? 10.264  -6.440  8.502   1.00 113.23 ? 6  DG D N7    1 
ATOM 641 C C5    . DG D 4 6  ? 9.769   -5.651  7.474   1.00 109.86 ? 6  DG D C5    1 
ATOM 642 C C6    . DG D 4 6  ? 9.556   -5.959  6.107   1.00 110.25 ? 6  DG D C6    1 
ATOM 643 O O6    . DG D 4 6  ? 9.769   -7.029  5.520   1.00 113.92 ? 6  DG D O6    1 
ATOM 644 N N1    . DG D 4 6  ? 9.041   -4.873  5.408   1.00 105.88 ? 6  DG D N1    1 
ATOM 645 C C2    . DG D 4 6  ? 8.766   -3.643  5.958   1.00 110.52 ? 6  DG D C2    1 
ATOM 646 N N2    . DG D 4 6  ? 8.272   -2.718  5.124   1.00 119.08 ? 6  DG D N2    1 
ATOM 647 N N3    . DG D 4 6  ? 8.961   -3.338  7.237   1.00 107.10 ? 6  DG D N3    1 
ATOM 648 C C4    . DG D 4 6  ? 9.463   -4.387  7.933   1.00 109.96 ? 6  DG D C4    1 
ATOM 649 P P     . DT D 4 7  ? 6.981   -1.902  13.539  1.00 157.75 ? 7  DT D P     1 
ATOM 650 O OP1   . DT D 4 7  ? 6.763   -0.845  14.549  1.00 174.89 ? 7  DT D OP1   1 
ATOM 651 O OP2   . DT D 4 7  ? 6.723   -3.315  13.899  1.00 157.40 ? 7  DT D OP2   1 
ATOM 652 O "O5'" . DT D 4 7  ? 6.126   -1.555  12.234  1.00 141.55 ? 7  DT D "O5'" 1 
ATOM 653 C "C5'" . DT D 4 7  ? 6.475   -0.427  11.445  1.00 136.12 ? 7  DT D "C5'" 1 
ATOM 654 C "C4'" . DT D 4 7  ? 5.669   -0.400  10.162  1.00 136.02 ? 7  DT D "C4'" 1 
ATOM 655 O "O4'" . DT D 4 7  ? 6.156   -1.426  9.257   1.00 125.88 ? 7  DT D "O4'" 1 
ATOM 656 C "C3'" . DT D 4 7  ? 4.167   -0.659  10.335  1.00 129.90 ? 7  DT D "C3'" 1 
ATOM 657 O "O3'" . DT D 4 7  ? 3.425   0.325   9.618   1.00 125.35 ? 7  DT D "O3'" 1 
ATOM 658 C "C2'" . DT D 4 7  ? 3.980   -2.059  9.743   1.00 118.47 ? 7  DT D "C2'" 1 
ATOM 659 C "C1'" . DT D 4 7  ? 5.053   -2.071  8.673   1.00 113.68 ? 7  DT D "C1'" 1 
ATOM 660 N N1    . DT D 4 7  ? 5.471   -3.436  8.235   1.00 110.52 ? 7  DT D N1    1 
ATOM 661 C C2    . DT D 4 7  ? 5.312   -3.790  6.918   1.00 107.67 ? 7  DT D C2    1 
ATOM 662 O O2    . DT D 4 7  ? 4.839   -3.044  6.081   1.00 107.28 ? 7  DT D O2    1 
ATOM 663 N N3    . DT D 4 7  ? 5.729   -5.057  6.610   1.00 104.58 ? 7  DT D N3    1 
ATOM 664 C C4    . DT D 4 7  ? 6.281   -5.987  7.471   1.00 107.21 ? 7  DT D C4    1 
ATOM 665 O O4    . DT D 4 7  ? 6.625   -7.104  7.099   1.00 100.95 ? 7  DT D O4    1 
ATOM 666 C C5    . DT D 4 7  ? 6.421   -5.551  8.840   1.00 109.34 ? 7  DT D C5    1 
ATOM 667 C C7    . DT D 4 7  ? 7.004   -6.475  9.867   1.00 105.02 ? 7  DT D C7    1 
ATOM 668 C C6    . DT D 4 7  ? 6.014   -4.311  9.153   1.00 113.56 ? 7  DT D C6    1 
ATOM 669 P P     . DG D 4 8  ? 1.849   0.520   9.873   1.00 130.53 ? 8  DG D P     1 
ATOM 670 O OP1   . DG D 4 8  ? 1.663   1.864   10.466  1.00 129.07 ? 8  DG D OP1   1 
ATOM 671 O OP2   . DG D 4 8  ? 1.329   -0.671  10.582  1.00 126.20 ? 8  DG D OP2   1 
ATOM 672 O "O5'" . DG D 4 8  ? 1.237   0.519   8.397   1.00 116.97 ? 8  DG D "O5'" 1 
ATOM 673 C "C5'" . DG D 4 8  ? 2.009   -0.014  7.330   1.00 115.88 ? 8  DG D "C5'" 1 
ATOM 674 C "C4'" . DG D 4 8  ? 1.201   -0.118  6.048   1.00 117.98 ? 8  DG D "C4'" 1 
ATOM 675 O "O4'" . DG D 4 8  ? 1.469   -1.394  5.431   1.00 117.62 ? 8  DG D "O4'" 1 
ATOM 676 C "C3'" . DG D 4 8  ? -0.300  -0.119  6.221   1.00 109.36 ? 8  DG D "C3'" 1 
ATOM 677 O "O3'" . DG D 4 8  ? -0.912  0.133   4.964   1.00 107.77 ? 8  DG D "O3'" 1 
ATOM 678 C "C2'" . DG D 4 8  ? -0.549  -1.554  6.671   1.00 107.22 ? 8  DG D "C2'" 1 
ATOM 679 C "C1'" . DG D 4 8  ? 0.481   -2.327  5.843   1.00 104.28 ? 8  DG D "C1'" 1 
ATOM 680 N N9    . DG D 4 8  ? 1.148   -3.382  6.595   1.00 100.10 ? 8  DG D N9    1 
ATOM 681 C C8    . DG D 4 8  ? 1.461   -3.367  7.931   1.00 107.14 ? 8  DG D C8    1 
ATOM 682 N N7    . DG D 4 8  ? 2.068   -4.448  8.334   1.00 104.32 ? 8  DG D N7    1 
ATOM 683 C C5    . DG D 4 8  ? 2.164   -5.230  7.192   1.00 97.52  ? 8  DG D C5    1 
ATOM 684 C C6    . DG D 4 8  ? 2.727   -6.513  7.013   1.00 106.54 ? 8  DG D C6    1 
ATOM 685 O O6    . DG D 4 8  ? 3.270   -7.237  7.859   1.00 117.13 ? 8  DG D O6    1 
ATOM 686 N N1    . DG D 4 8  ? 2.615   -6.945  5.694   1.00 102.45 ? 8  DG D N1    1 
ATOM 687 C C2    . DG D 4 8  ? 2.032   -6.226  4.677   1.00 102.71 ? 8  DG D C2    1 
ATOM 688 N N2    . DG D 4 8  ? 2.019   -6.807  3.469   1.00 105.33 ? 8  DG D N2    1 
ATOM 689 N N3    . DG D 4 8  ? 1.500   -5.020  4.832   1.00 94.25  ? 8  DG D N3    1 
ATOM 690 C C4    . DG D 4 8  ? 1.602   -4.586  6.111   1.00 95.35  ? 8  DG D C4    1 
ATOM 691 P P     . DA D 4 9  ? -2.505  0.309   4.856   1.00 114.21 ? 9  DA D P     1 
ATOM 692 O OP1   . DA D 4 9  ? -2.773  1.424   3.921   1.00 110.50 ? 9  DA D OP1   1 
ATOM 693 O OP2   . DA D 4 9  ? -3.037  0.358   6.235   1.00 119.45 ? 9  DA D OP2   1 
ATOM 694 O "O5'" . DA D 4 9  ? -3.004  -1.049  4.169   1.00 110.73 ? 9  DA D "O5'" 1 
ATOM 695 C "C5'" . DA D 4 9  ? -2.858  -1.228  2.762   1.00 100.70 ? 9  DA D "C5'" 1 
ATOM 696 C "C4'" . DA D 4 9  ? -3.269  -2.631  2.346   1.00 104.06 ? 9  DA D "C4'" 1 
ATOM 697 O "O4'" . DA D 4 9  ? -2.528  -3.603  3.130   1.00 108.32 ? 9  DA D "O4'" 1 
ATOM 698 C "C3'" . DA D 4 9  ? -4.749  -2.960  2.541   1.00 96.28  ? 9  DA D "C3'" 1 
ATOM 699 O "O3'" . DA D 4 9  ? -5.238  -3.716  1.426   1.00 95.69  ? 9  DA D "O3'" 1 
ATOM 700 C "C2'" . DA D 4 9  ? -4.756  -3.783  3.828   1.00 97.13  ? 9  DA D "C2'" 1 
ATOM 701 C "C1'" . DA D 4 9  ? -3.419  -4.507  3.742   1.00 93.58  ? 9  DA D "C1'" 1 
ATOM 702 N N9    . DA D 4 9  ? -2.868  -4.878  5.045   1.00 95.07  ? 9  DA D N9    1 
ATOM 703 C C8    . DA D 4 9  ? -2.988  -4.182  6.216   1.00 103.19 ? 9  DA D C8    1 
ATOM 704 N N7    . DA D 4 9  ? -2.384  -4.749  7.235   1.00 98.36  ? 9  DA D N7    1 
ATOM 705 C C5    . DA D 4 9  ? -1.825  -5.894  6.696   1.00 91.97  ? 9  DA D C5    1 
ATOM 706 C C6    . DA D 4 9  ? -1.051  -6.930  7.261   1.00 94.30  ? 9  DA D C6    1 
ATOM 707 N N6    . DA D 4 9  ? -0.699  -6.967  8.551   1.00 103.48 ? 9  DA D N6    1 
ATOM 708 N N1    . DA D 4 9  ? -0.653  -7.927  6.446   1.00 93.71  ? 9  DA D N1    1 
ATOM 709 C C2    . DA D 4 9  ? -1.006  -7.885  5.154   1.00 96.05  ? 9  DA D C2    1 
ATOM 710 N N3    . DA D 4 9  ? -1.729  -6.969  4.511   1.00 87.04  ? 9  DA D N3    1 
ATOM 711 C C4    . DA D 4 9  ? -2.111  -5.991  5.346   1.00 89.29  ? 9  DA D C4    1 
ATOM 712 P P     . DG D 4 10 ? -5.805  -2.967  0.118   1.00 112.16 ? 10 DG D P     1 
ATOM 713 O OP1   . DG D 4 10 ? -5.259  -3.653  -1.073  1.00 119.41 ? 10 DG D OP1   1 
ATOM 714 O OP2   . DG D 4 10 ? -5.568  -1.520  0.305   1.00 114.49 ? 10 DG D OP2   1 
ATOM 715 O "O5'" . DG D 4 10 ? -7.388  -3.211  0.172   1.00 113.67 ? 10 DG D "O5'" 1 
ATOM 716 C "C5'" . DG D 4 10 ? -8.140  -2.712  1.269   1.00 110.38 ? 10 DG D "C5'" 1 
ATOM 717 C "C4'" . DG D 4 10 ? -9.532  -2.276  0.839   1.00 107.64 ? 10 DG D "C4'" 1 
ATOM 718 O "O4'" . DG D 4 10 ? -10.057 -1.353  1.829   1.00 108.37 ? 10 DG D "O4'" 1 
ATOM 719 C "C3'" . DG D 4 10 ? -9.606  -1.545  -0.501  1.00 112.86 ? 10 DG D "C3'" 1 
ATOM 720 O "O3'" . DG D 4 10 ? -9.958  -2.461  -1.535  1.00 119.26 ? 10 DG D "O3'" 1 
ATOM 721 C "C2'" . DG D 4 10 ? -10.716 -0.524  -0.280  1.00 107.44 ? 10 DG D "C2'" 1 
ATOM 722 C "C1'" . DG D 4 10 ? -10.579 -0.199  1.199   1.00 104.68 ? 10 DG D "C1'" 1 
ATOM 723 N N9    . DG D 4 10 ? -9.696  0.930   1.478   1.00 100.03 ? 10 DG D N9    1 
ATOM 724 C C8    . DG D 4 10 ? -8.380  0.876   1.869   1.00 101.70 ? 10 DG D C8    1 
ATOM 725 N N7    . DG D 4 10 ? -7.843  2.051   2.054   1.00 100.77 ? 10 DG D N7    1 
ATOM 726 C C5    . DG D 4 10 ? -8.869  2.941   1.770   1.00 99.55  ? 10 DG D C5    1 
ATOM 727 C C6    . DG D 4 10 ? -8.881  4.358   1.799   1.00 105.41 ? 10 DG D C6    1 
ATOM 728 O O6    . DG D 4 10 ? -7.953  5.127   2.092   1.00 106.14 ? 10 DG D O6    1 
ATOM 729 N N1    . DG D 4 10 ? -10.125 4.870   1.442   1.00 106.04 ? 10 DG D N1    1 
ATOM 730 C C2    . DG D 4 10 ? -11.219 4.112   1.100   1.00 107.70 ? 10 DG D C2    1 
ATOM 731 N N2    . DG D 4 10 ? -12.335 4.786   0.786   1.00 112.81 ? 10 DG D N2    1 
ATOM 732 N N3    . DG D 4 10 ? -11.223 2.783   1.070   1.00 103.27 ? 10 DG D N3    1 
ATOM 733 C C4    . DG D 4 10 ? -10.016 2.272   1.416   1.00 99.32  ? 10 DG D C4    1 
ATOM 734 P P     . DG D 4 11 ? -9.598  -2.139  -3.069  1.00 125.28 ? 11 DG D P     1 
ATOM 735 O OP1   . DG D 4 11 ? -10.133 -3.250  -3.887  1.00 114.43 ? 11 DG D OP1   1 
ATOM 736 O OP2   . DG D 4 11 ? -8.152  -1.826  -3.127  1.00 124.80 ? 11 DG D OP2   1 
ATOM 737 O "O5'" . DG D 4 11 ? -10.417 -0.796  -3.402  1.00 114.40 ? 11 DG D "O5'" 1 
ATOM 738 C "C5'" . DG D 4 11 ? -11.816 -0.860  -3.712  1.00 117.77 ? 11 DG D "C5'" 1 
ATOM 739 C "C4'" . DG D 4 11 ? -12.450 0.526   -3.677  1.00 120.75 ? 11 DG D "C4'" 1 
ATOM 740 O "O4'" . DG D 4 11 ? -11.901 1.267   -2.573  1.00 112.30 ? 11 DG D "O4'" 1 
ATOM 741 C "C3'" . DG D 4 11 ? -12.193 1.385   -4.905  1.00 126.27 ? 11 DG D "C3'" 1 
ATOM 742 O "O3'" . DG D 4 11 ? -13.244 1.210   -5.850  1.00 130.34 ? 11 DG D "O3'" 1 
ATOM 743 C "C2'" . DG D 4 11 ? -12.184 2.817   -4.360  1.00 112.63 ? 11 DG D "C2'" 1 
ATOM 744 C "C1'" . DG D 4 11 ? -11.897 2.647   -2.869  1.00 106.60 ? 11 DG D "C1'" 1 
ATOM 745 N N9    . DG D 4 11 ? -10.618 3.203   -2.438  1.00 104.54 ? 11 DG D N9    1 
ATOM 746 C C8    . DG D 4 11 ? -9.478  2.503   -2.127  1.00 106.17 ? 11 DG D C8    1 
ATOM 747 N N7    . DG D 4 11 ? -8.488  3.262   -1.751  1.00 97.52  ? 11 DG D N7    1 
ATOM 748 C C5    . DG D 4 11 ? -9.004  4.548   -1.812  1.00 98.83  ? 11 DG D C5    1 
ATOM 749 C C6    . DG D 4 11 ? -8.391  5.790   -1.519  1.00 109.07 ? 11 DG D C6    1 
ATOM 750 O O6    . DG D 4 11 ? -7.231  6.001   -1.133  1.00 112.29 ? 11 DG D O6    1 
ATOM 751 N N1    . DG D 4 11 ? -9.267  6.855   -1.711  1.00 107.19 ? 11 DG D N1    1 
ATOM 752 C C2    . DG D 4 11 ? -10.570 6.735   -2.134  1.00 111.48 ? 11 DG D C2    1 
ATOM 753 N N2    . DG D 4 11 ? -11.261 7.876   -2.264  1.00 115.09 ? 11 DG D N2    1 
ATOM 754 N N3    . DG D 4 11 ? -11.156 5.577   -2.413  1.00 107.13 ? 11 DG D N3    1 
ATOM 755 C C4    . DG D 4 11 ? -10.315 4.530   -2.230  1.00 100.39 ? 11 DG D C4    1 
ATOM 756 P P     . DT D 4 12 ? -13.070 1.738   -7.358  1.00 135.35 ? 12 DT D P     1 
ATOM 757 O OP1   . DT D 4 12 ? -14.171 1.166   -8.165  1.00 135.94 ? 12 DT D OP1   1 
ATOM 758 O OP2   . DT D 4 12 ? -11.665 1.497   -7.749  1.00 132.81 ? 12 DT D OP2   1 
ATOM 759 O "O5'" . DT D 4 12 ? -13.263 3.324   -7.249  1.00 108.98 ? 12 DT D "O5'" 1 
ATOM 760 C "C5'" . DT D 4 12 ? -14.540 3.867   -6.946  1.00 114.54 ? 12 DT D "C5'" 1 
ATOM 761 C "C4'" . DT D 4 12 ? -14.494 5.385   -6.955  1.00 122.23 ? 12 DT D "C4'" 1 
ATOM 762 O "O4'" . DT D 4 12 ? -13.431 5.836   -6.077  1.00 117.54 ? 12 DT D "O4'" 1 
ATOM 763 C "C3'" . DT D 4 12 ? -14.212 6.021   -8.319  1.00 125.80 ? 12 DT D "C3'" 1 
ATOM 764 O "O3'" . DT D 4 12 ? -14.974 7.219   -8.472  1.00 133.02 ? 12 DT D "O3'" 1 
ATOM 765 C "C2'" . DT D 4 12 ? -12.719 6.318   -8.250  1.00 125.50 ? 12 DT D "C2'" 1 
ATOM 766 C "C1'" . DT D 4 12 ? -12.568 6.694   -6.787  1.00 119.92 ? 12 DT D "C1'" 1 
ATOM 767 N N1    . DT D 4 12 ? -11.196 6.510   -6.268  1.00 110.52 ? 12 DT D N1    1 
ATOM 768 C C2    . DT D 4 12 ? -10.508 7.601   -5.802  1.00 111.85 ? 12 DT D C2    1 
ATOM 769 O O2    . DT D 4 12 ? -10.972 8.726   -5.792  1.00 114.74 ? 12 DT D O2    1 
ATOM 770 N N3    . DT D 4 12 ? -9.248  7.331   -5.344  1.00 112.19 ? 12 DT D N3    1 
ATOM 771 C C4    . DT D 4 12 ? -8.621  6.099   -5.307  1.00 109.82 ? 12 DT D C4    1 
ATOM 772 O O4    . DT D 4 12 ? -7.481  5.956   -4.876  1.00 105.89 ? 12 DT D O4    1 
ATOM 773 C C5    . DT D 4 12 ? -9.400  4.995   -5.813  1.00 107.62 ? 12 DT D C5    1 
ATOM 774 C C7    . DT D 4 12 ? -8.828  3.609   -5.825  1.00 104.07 ? 12 DT D C7    1 
ATOM 775 C C6    . DT D 4 12 ? -10.636 5.252   -6.265  1.00 109.34 ? 12 DT D C6    1 
ATOM 776 P P     . DC D 4 13 ? -14.894 8.066   -9.838  1.00 153.94 ? 13 DC D P     1 
ATOM 777 O OP1   . DC D 4 13 ? -16.210 8.703   -10.057 1.00 154.24 ? 13 DC D OP1   1 
ATOM 778 O OP2   . DC D 4 13 ? -14.321 7.198   -10.889 1.00 146.39 ? 13 DC D OP2   1 
ATOM 779 O "O5'" . DC D 4 13 ? -13.818 9.206   -9.526  1.00 127.10 ? 13 DC D "O5'" 1 
ATOM 780 C "C5'" . DC D 4 13 ? -14.143 10.262  -8.638  1.00 124.08 ? 13 DC D "C5'" 1 
ATOM 781 C "C4'" . DC D 4 13 ? -13.013 11.273  -8.565  1.00 123.27 ? 13 DC D "C4'" 1 
ATOM 782 O "O4'" . DC D 4 13 ? -11.831 10.643  -8.004  1.00 123.63 ? 13 DC D "O4'" 1 
ATOM 783 C "C3'" . DC D 4 13 ? -12.579 11.866  -9.909  1.00 125.01 ? 13 DC D "C3'" 1 
ATOM 784 O "O3'" . DC D 4 13 ? -12.383 13.269  -9.776  1.00 129.27 ? 13 DC D "O3'" 1 
ATOM 785 C "C2'" . DC D 4 13 ? -11.263 11.144  -10.198 1.00 123.80 ? 13 DC D "C2'" 1 
ATOM 786 C "C1'" . DC D 4 13 ? -10.715 10.977  -8.795  1.00 124.48 ? 13 DC D "C1'" 1 
ATOM 787 N N1    . DC D 4 13 ? -9.690  9.893   -8.661  1.00 125.41 ? 13 DC D N1    1 
ATOM 788 C C2    . DC D 4 13 ? -8.427  10.194  -8.132  1.00 120.33 ? 13 DC D C2    1 
ATOM 789 O O2    . DC D 4 13 ? -8.177  11.358  -7.792  1.00 120.67 ? 13 DC D O2    1 
ATOM 790 N N3    . DC D 4 13 ? -7.511  9.201   -8.009  1.00 116.45 ? 13 DC D N3    1 
ATOM 791 C C4    . DC D 4 13 ? -7.817  7.959   -8.386  1.00 118.99 ? 13 DC D C4    1 
ATOM 792 N N4    . DC D 4 13 ? -6.882  7.014   -8.245  1.00 116.36 ? 13 DC D N4    1 
ATOM 793 C C5    . DC D 4 13 ? -9.098  7.631   -8.925  1.00 121.22 ? 13 DC D C5    1 
ATOM 794 C C6    . DC D 4 13 ? -9.995  8.619   -9.043  1.00 125.01 ? 13 DC D C6    1 
ATOM 795 P P     . DT D 4 14 ? -11.999 14.164  -11.055 1.00 142.30 ? 14 DT D P     1 
ATOM 796 O OP1   . DT D 4 14 ? -12.744 15.437  -10.948 1.00 145.05 ? 14 DT D OP1   1 
ATOM 797 O OP2   . DT D 4 14 ? -12.158 13.330  -12.265 1.00 141.92 ? 14 DT D OP2   1 
ATOM 798 O "O5'" . DT D 4 14 ? -10.440 14.476  -10.859 1.00 134.42 ? 14 DT D "O5'" 1 
ATOM 799 C "C5'" . DT D 4 14 ? -10.017 15.332  -9.800  1.00 133.27 ? 14 DT D "C5'" 1 
ATOM 800 C "C4'" . DT D 4 14 ? -8.558  15.739  -9.959  1.00 135.12 ? 14 DT D "C4'" 1 
ATOM 801 O "O4'" . DT D 4 14 ? -7.694  14.594  -9.733  1.00 136.79 ? 14 DT D "O4'" 1 
ATOM 802 C "C3'" . DT D 4 14 ? -8.173  16.287  -11.330 1.00 134.85 ? 14 DT D "C3'" 1 
ATOM 803 O "O3'" . DT D 4 14 ? -7.207  17.318  -11.169 1.00 134.40 ? 14 DT D "O3'" 1 
ATOM 804 C "C2'" . DT D 4 14 ? -7.570  15.064  -12.021 1.00 136.69 ? 14 DT D "C2'" 1 
ATOM 805 C "C1'" . DT D 4 14 ? -6.856  14.399  -10.855 1.00 126.43 ? 14 DT D "C1'" 1 
ATOM 806 N N1    . DT D 4 14 ? -6.641  12.929  -11.017 1.00 125.32 ? 14 DT D N1    1 
ATOM 807 C C2    . DT D 4 14 ? -5.462  12.372  -10.578 1.00 125.62 ? 14 DT D C2    1 
ATOM 808 O O2    . DT D 4 14 ? -4.563  13.022  -10.075 1.00 125.50 ? 14 DT D O2    1 
ATOM 809 N N3    . DT D 4 14 ? -5.368  11.016  -10.751 1.00 124.92 ? 14 DT D N3    1 
ATOM 810 C C4    . DT D 4 14 ? -6.318  10.177  -11.305 1.00 125.40 ? 14 DT D C4    1 
ATOM 811 O O4    . DT D 4 14 ? -6.139  8.968   -11.418 1.00 127.39 ? 14 DT D O4    1 
ATOM 812 C C5    . DT D 4 14 ? -7.535  10.821  -11.741 1.00 122.93 ? 14 DT D C5    1 
ATOM 813 C C7    . DT D 4 14 ? -8.636  10.011  -12.359 1.00 119.45 ? 14 DT D C7    1 
ATOM 814 C C6    . DT D 4 14 ? -7.639  12.151  -11.576 1.00 126.36 ? 14 DT D C6    1 
ATOM 815 P P     . DG D 4 15 ? -7.211  18.599  -12.137 1.00 146.68 ? 15 DG D P     1 
ATOM 816 O OP1   . DG D 4 15 ? -8.179  19.576  -11.590 1.00 151.99 ? 15 DG D OP1   1 
ATOM 817 O OP2   . DG D 4 15 ? -7.366  18.105  -13.523 1.00 144.45 ? 15 DG D OP2   1 
ATOM 818 O "O5'" . DG D 4 15 ? -5.744  19.216  -11.956 1.00 141.75 ? 15 DG D "O5'" 1 
ATOM 819 C "C5'" . DG D 4 15 ? -4.725  18.453  -11.315 1.00 139.09 ? 15 DG D "C5'" 1 
ATOM 820 C "C4'" . DG D 4 15 ? -3.742  17.902  -12.333 1.00 140.11 ? 15 DG D "C4'" 1 
ATOM 821 O "O4'" . DG D 4 15 ? -3.850  16.470  -12.375 1.00 139.57 ? 15 DG D "O4'" 1 
ATOM 822 C "C3'" . DG D 4 15 ? -3.981  18.365  -13.769 1.00 136.87 ? 15 DG D "C3'" 1 
ATOM 823 O "O3'" . DG D 4 15 ? -3.094  19.461  -14.140 1.00 139.77 ? 15 DG D "O3'" 1 
ATOM 824 C "C2'" . DG D 4 15 ? -3.767  17.106  -14.634 1.00 134.67 ? 15 DG D "C2'" 1 
ATOM 825 C "C1'" . DG D 4 15 ? -3.371  16.033  -13.619 1.00 133.79 ? 15 DG D "C1'" 1 
ATOM 826 N N9    . DG D 4 15 ? -3.945  14.722  -13.901 1.00 130.03 ? 15 DG D N9    1 
ATOM 827 C C8    . DG D 4 15 ? -5.173  14.458  -14.458 1.00 132.02 ? 15 DG D C8    1 
ATOM 828 N N7    . DG D 4 15 ? -5.419  13.185  -14.592 1.00 126.50 ? 15 DG D N7    1 
ATOM 829 C C5    . DG D 4 15 ? -4.281  12.564  -14.093 1.00 127.89 ? 15 DG D C5    1 
ATOM 830 C C6    . DG D 4 15 ? -3.969  11.190  -13.978 1.00 127.72 ? 15 DG D C6    1 
ATOM 831 O O6    . DG D 4 15 ? -4.661  10.216  -14.306 1.00 128.94 ? 15 DG D O6    1 
ATOM 832 N N1    . DG D 4 15 ? -2.710  10.993  -13.417 1.00 126.21 ? 15 DG D N1    1 
ATOM 833 C C2    . DG D 4 15 ? -1.860  11.999  -13.018 1.00 126.86 ? 15 DG D C2    1 
ATOM 834 N N2    . DG D 4 15 ? -0.686  11.614  -12.497 1.00 126.89 ? 15 DG D N2    1 
ATOM 835 N N3    . DG D 4 15 ? -2.142  13.290  -13.120 1.00 121.88 ? 15 DG D N3    1 
ATOM 836 C C4    . DG D 4 15 ? -3.364  13.498  -13.665 1.00 125.26 ? 15 DG D C4    1 
ATOM 837 P P     . DC D 4 16 ? -1.544  19.531  -13.688 1.00 148.13 ? 16 DC D P     1 
ATOM 838 O OP1   . DC D 4 16 ? -1.422  19.823  -12.243 1.00 149.50 ? 16 DC D OP1   1 
ATOM 839 O OP2   . DC D 4 16 ? -0.896  20.452  -14.646 1.00 142.73 ? 16 DC D OP2   1 
ATOM 840 O "O5'" . DC D 4 16 ? -0.951  18.087  -14.017 1.00 142.30 ? 16 DC D "O5'" 1 
ATOM 841 C "C5'" . DC D 4 16 ? -0.356  17.844  -15.282 1.00 145.89 ? 16 DC D "C5'" 1 
ATOM 842 C "C4'" . DC D 4 16 ? 0.434   16.551  -15.268 1.00 156.54 ? 16 DC D "C4'" 1 
ATOM 843 O "O4'" . DC D 4 16 ? -0.477  15.427  -15.213 1.00 142.27 ? 16 DC D "O4'" 1 
ATOM 844 C "C3'" . DC D 4 16 ? 1.321   16.329  -16.498 1.00 147.87 ? 16 DC D "C3'" 1 
ATOM 845 O "O3'" . DC D 4 16 ? 2.674   16.141  -16.098 1.00 147.87 ? 16 DC D "O3'" 1 
ATOM 846 C "C2'" . DC D 4 16 ? 0.745   15.071  -17.159 1.00 139.17 ? 16 DC D "C2'" 1 
ATOM 847 C "C1'" . DC D 4 16 ? 0.044   14.388  -15.998 1.00 134.17 ? 16 DC D "C1'" 1 
ATOM 848 N N1    . DC D 4 16 ? -1.074  13.501  -16.421 1.00 127.34 ? 16 DC D N1    1 
ATOM 849 C C2    . DC D 4 16 ? -0.941  12.116  -16.290 1.00 127.50 ? 16 DC D C2    1 
ATOM 850 O O2    . DC D 4 16 ? 0.103   11.653  -15.816 1.00 129.24 ? 16 DC D O2    1 
ATOM 851 N N3    . DC D 4 16 ? -1.965  11.320  -16.683 1.00 125.17 ? 16 DC D N3    1 
ATOM 852 C C4    . DC D 4 16 ? -3.074  11.858  -17.189 1.00 123.46 ? 16 DC D C4    1 
ATOM 853 N N4    . DC D 4 16 ? -4.056  11.032  -17.563 1.00 125.48 ? 16 DC D N4    1 
ATOM 854 C C5    . DC D 4 16 ? -3.228  13.269  -17.334 1.00 125.01 ? 16 DC D C5    1 
ATOM 855 C C6    . DC D 4 16 ? -2.212  14.045  -16.943 1.00 128.95 ? 16 DC D C6    1 
# 
loop_
_pdbx_poly_seq_scheme.asym_id 
_pdbx_poly_seq_scheme.entity_id 
_pdbx_poly_seq_scheme.seq_id 
_pdbx_poly_seq_scheme.mon_id 
_pdbx_poly_seq_scheme.ndb_seq_num 
_pdbx_poly_seq_scheme.pdb_seq_num 
_pdbx_poly_seq_scheme.auth_seq_num 
_pdbx_poly_seq_scheme.pdb_mon_id 
_pdbx_poly_seq_scheme.auth_mon_id 
_pdbx_poly_seq_scheme.pdb_strand_id 
_pdbx_poly_seq_scheme.pdb_ins_code 
_pdbx_poly_seq_scheme.hetero 
A 1 1  DG 1  1  1  DG DG A . n 
A 1 2  DA 2  2  2  DA DA A . n 
A 1 3  DG 3  3  3  DG DG A . n 
A 1 4  DC 4  4  4  DC DC A . n 
A 1 5  DA 5  5  5  DA DA A . n 
A 1 6  DG 6  6  6  DG DG A . n 
A 1 7  DA 7  7  7  DA DA A . n 
A 1 8  DC 8  8  8  DC DC A . n 
A 1 9  DC 9  9  9  DC DC A . n 
A 1 10 DA 10 10 10 DA DA A . n 
A 1 11 DG 11 11 11 DG DG A . n 
B 2 1  DA 1  12 12 DA DA B . n 
B 2 2  DC 2  13 13 DC DC B . n 
B 2 3  DG 3  14 14 DG DG B . n 
B 2 4  DT 4  15 15 DT DT B . n 
B 2 5  DC 5  16 16 DC DC B . n 
B 2 6  DA 6  17 17 DA DA B . n 
B 2 7  DC 7  18 18 DC DC B . n 
B 2 8  DT 8  19 19 DT DT B . n 
B 2 9  DC 9  20 20 DC DC B . n 
B 2 10 DA 10 21 21 DA DA B . n 
C 3 1  DC 1  1  1  DC DC C . n 
C 3 2  DT 2  2  2  DT DT C . n 
C 3 3  DC 3  3  3  DC DC C . n 
C 3 4  DG 4  4  4  DG DG C . n 
C 3 5  DT 5  5  5  DT DT C . n 
D 4 1  DT 1  1  1  DT DT D . n 
D 4 2  DC 2  2  2  DC DC D . n 
D 4 3  DT 3  3  3  DT DT D . n 
D 4 4  DG 4  4  4  DG DG D . n 
D 4 5  DA 5  5  5  DA DA D . n 
D 4 6  DG 6  6  6  DG DG D . n 
D 4 7  DT 7  7  7  DT DT D . n 
D 4 8  DG 8  8  8  DG DG D . n 
D 4 9  DA 9  9  9  DA DA D . n 
D 4 10 DG 10 10 10 DG DG D . n 
D 4 11 DG 11 11 11 DG DG D . n 
D 4 12 DT 12 12 12 DT DT D . n 
D 4 13 DC 13 13 13 DC DC D . n 
D 4 14 DT 14 14 14 DT DT D . n 
D 4 15 DG 15 15 15 DG DG D . n 
D 4 16 DC 16 16 16 DC DC D . n 
# 
_pdbx_struct_assembly.id                   1 
_pdbx_struct_assembly.details              author_defined_assembly 
_pdbx_struct_assembly.method_details       ? 
_pdbx_struct_assembly.oligomeric_details   tetrameric 
_pdbx_struct_assembly.oligomeric_count     4 
# 
_pdbx_struct_assembly_gen.assembly_id       1 
_pdbx_struct_assembly_gen.oper_expression   1 
_pdbx_struct_assembly_gen.asym_id_list      A,B,C,D 
# 
_pdbx_struct_oper_list.id                   1 
_pdbx_struct_oper_list.type                 'identity operation' 
_pdbx_struct_oper_list.name                 1_555 
_pdbx_struct_oper_list.symmetry_operation   x,y,z 
_pdbx_struct_oper_list.matrix[1][1]         1.0000000000 
_pdbx_struct_oper_list.matrix[1][2]         0.0000000000 
_pdbx_struct_oper_list.matrix[1][3]         0.0000000000 
_pdbx_struct_oper_list.vector[1]            0.0000000000 
_pdbx_struct_oper_list.matrix[2][1]         0.0000000000 
_pdbx_struct_oper_list.matrix[2][2]         1.0000000000 
_pdbx_struct_oper_list.matrix[2][3]         0.0000000000 
_pdbx_struct_oper_list.vector[2]            0.0000000000 
_pdbx_struct_oper_list.matrix[3][1]         0.0000000000 
_pdbx_struct_oper_list.matrix[3][2]         0.0000000000 
_pdbx_struct_oper_list.matrix[3][3]         1.0000000000 
_pdbx_struct_oper_list.vector[3]            0.0000000000 
# 
loop_
_pdbx_audit_revision_history.ordinal 
_pdbx_audit_revision_history.data_content_type 
_pdbx_audit_revision_history.major_revision 
_pdbx_audit_revision_history.minor_revision 
_pdbx_audit_revision_history.revision_date 
1 'Structure model' 1 0 2021-07-14 
2 'Structure model' 1 1 2022-07-06 
3 'Structure model' 1 2 2023-10-18 
# 
_pdbx_audit_revision_details.ordinal             1 
_pdbx_audit_revision_details.revision_ordinal    1 
_pdbx_audit_revision_details.data_content_type   'Structure model' 
_pdbx_audit_revision_details.provider            repository 
_pdbx_audit_revision_details.type                'Initial release' 
_pdbx_audit_revision_details.description         ? 
_pdbx_audit_revision_details.details             ? 
# 
loop_
_pdbx_audit_revision_group.ordinal 
_pdbx_audit_revision_group.revision_ordinal 
_pdbx_audit_revision_group.data_content_type 
_pdbx_audit_revision_group.group 
1 2 'Structure model' 'Database references'    
2 3 'Structure model' 'Data collection'        
3 3 'Structure model' 'Refinement description' 
# 
loop_
_pdbx_audit_revision_category.ordinal 
_pdbx_audit_revision_category.revision_ordinal 
_pdbx_audit_revision_category.data_content_type 
_pdbx_audit_revision_category.category 
1 2 'Structure model' citation                      
2 2 'Structure model' citation_author               
3 2 'Structure model' database_2                    
4 3 'Structure model' chem_comp_atom                
5 3 'Structure model' chem_comp_bond                
6 3 'Structure model' pdbx_initial_refinement_model 
# 
loop_
_pdbx_audit_revision_item.ordinal 
_pdbx_audit_revision_item.revision_ordinal 
_pdbx_audit_revision_item.data_content_type 
_pdbx_audit_revision_item.item 
1  2 'Structure model' '_citation.country'                   
2  2 'Structure model' '_citation.journal_abbrev'            
3  2 'Structure model' '_citation.journal_id_CSD'            
4  2 'Structure model' '_citation.journal_id_ISSN'           
5  2 'Structure model' '_citation.journal_volume'            
6  2 'Structure model' '_citation.page_first'                
7  2 'Structure model' '_citation.page_last'                 
8  2 'Structure model' '_citation.pdbx_database_id_DOI'      
9  2 'Structure model' '_citation.pdbx_database_id_PubMed'   
10 2 'Structure model' '_citation.title'                     
11 2 'Structure model' '_citation.year'                      
12 2 'Structure model' '_database_2.pdbx_DOI'                
13 2 'Structure model' '_database_2.pdbx_database_accession' 
# 
loop_
_software.citation_id 
_software.classification 
_software.compiler_name 
_software.compiler_version 
_software.contact_author 
_software.contact_author_email 
_software.date 
_software.description 
_software.dependencies 
_software.hardware 
_software.language 
_software.location 
_software.mods 
_software.name 
_software.os 
_software.os_version 
_software.type 
_software.version 
_software.pdbx_ordinal 
? 'data reduction'  ? ? ? ? ? ? ? ? ? ? ? HKL-2000    ? ? ? .           1 
? 'data scaling'    ? ? ? ? ? ? ? ? ? ? ? HKL-2000    ? ? ? .           2 
? refinement        ? ? ? ? ? ? ? ? ? ? ? PHENIX      ? ? ? 1.11.1_2575 3 
? 'data extraction' ? ? ? ? ? ? ? ? ? ? ? PDB_EXTRACT ? ? ? 3.25        4 
? phasing           ? ? ? ? ? ? ? ? ? ? ? PHASER      ? ? ? .           5 
# 
loop_
_chem_comp_atom.comp_id 
_chem_comp_atom.atom_id 
_chem_comp_atom.type_symbol 
_chem_comp_atom.pdbx_aromatic_flag 
_chem_comp_atom.pdbx_stereo_config 
_chem_comp_atom.pdbx_ordinal 
DA OP3    O N N 1   
DA P      P N N 2   
DA OP1    O N N 3   
DA OP2    O N N 4   
DA "O5'"  O N N 5   
DA "C5'"  C N N 6   
DA "C4'"  C N R 7   
DA "O4'"  O N N 8   
DA "C3'"  C N S 9   
DA "O3'"  O N N 10  
DA "C2'"  C N N 11  
DA "C1'"  C N R 12  
DA N9     N Y N 13  
DA C8     C Y N 14  
DA N7     N Y N 15  
DA C5     C Y N 16  
DA C6     C Y N 17  
DA N6     N N N 18  
DA N1     N Y N 19  
DA C2     C Y N 20  
DA N3     N Y N 21  
DA C4     C Y N 22  
DA HOP3   H N N 23  
DA HOP2   H N N 24  
DA "H5'"  H N N 25  
DA "H5''" H N N 26  
DA "H4'"  H N N 27  
DA "H3'"  H N N 28  
DA "HO3'" H N N 29  
DA "H2'"  H N N 30  
DA "H2''" H N N 31  
DA "H1'"  H N N 32  
DA H8     H N N 33  
DA H61    H N N 34  
DA H62    H N N 35  
DA H2     H N N 36  
DC OP3    O N N 37  
DC P      P N N 38  
DC OP1    O N N 39  
DC OP2    O N N 40  
DC "O5'"  O N N 41  
DC "C5'"  C N N 42  
DC "C4'"  C N R 43  
DC "O4'"  O N N 44  
DC "C3'"  C N S 45  
DC "O3'"  O N N 46  
DC "C2'"  C N N 47  
DC "C1'"  C N R 48  
DC N1     N N N 49  
DC C2     C N N 50  
DC O2     O N N 51  
DC N3     N N N 52  
DC C4     C N N 53  
DC N4     N N N 54  
DC C5     C N N 55  
DC C6     C N N 56  
DC HOP3   H N N 57  
DC HOP2   H N N 58  
DC "H5'"  H N N 59  
DC "H5''" H N N 60  
DC "H4'"  H N N 61  
DC "H3'"  H N N 62  
DC "HO3'" H N N 63  
DC "H2'"  H N N 64  
DC "H2''" H N N 65  
DC "H1'"  H N N 66  
DC H41    H N N 67  
DC H42    H N N 68  
DC H5     H N N 69  
DC H6     H N N 70  
DG OP3    O N N 71  
DG P      P N N 72  
DG OP1    O N N 73  
DG OP2    O N N 74  
DG "O5'"  O N N 75  
DG "C5'"  C N N 76  
DG "C4'"  C N R 77  
DG "O4'"  O N N 78  
DG "C3'"  C N S 79  
DG "O3'"  O N N 80  
DG "C2'"  C N N 81  
DG "C1'"  C N R 82  
DG N9     N Y N 83  
DG C8     C Y N 84  
DG N7     N Y N 85  
DG C5     C Y N 86  
DG C6     C N N 87  
DG O6     O N N 88  
DG N1     N N N 89  
DG C2     C N N 90  
DG N2     N N N 91  
DG N3     N N N 92  
DG C4     C Y N 93  
DG HOP3   H N N 94  
DG HOP2   H N N 95  
DG "H5'"  H N N 96  
DG "H5''" H N N 97  
DG "H4'"  H N N 98  
DG "H3'"  H N N 99  
DG "HO3'" H N N 100 
DG "H2'"  H N N 101 
DG "H2''" H N N 102 
DG "H1'"  H N N 103 
DG H8     H N N 104 
DG H1     H N N 105 
DG H21    H N N 106 
DG H22    H N N 107 
DT OP3    O N N 108 
DT P      P N N 109 
DT OP1    O N N 110 
DT OP2    O N N 111 
DT "O5'"  O N N 112 
DT "C5'"  C N N 113 
DT "C4'"  C N R 114 
DT "O4'"  O N N 115 
DT "C3'"  C N S 116 
DT "O3'"  O N N 117 
DT "C2'"  C N N 118 
DT "C1'"  C N R 119 
DT N1     N N N 120 
DT C2     C N N 121 
DT O2     O N N 122 
DT N3     N N N 123 
DT C4     C N N 124 
DT O4     O N N 125 
DT C5     C N N 126 
DT C7     C N N 127 
DT C6     C N N 128 
DT HOP3   H N N 129 
DT HOP2   H N N 130 
DT "H5'"  H N N 131 
DT "H5''" H N N 132 
DT "H4'"  H N N 133 
DT "H3'"  H N N 134 
DT "HO3'" H N N 135 
DT "H2'"  H N N 136 
DT "H2''" H N N 137 
DT "H1'"  H N N 138 
DT H3     H N N 139 
DT H71    H N N 140 
DT H72    H N N 141 
DT H73    H N N 142 
DT H6     H N N 143 
# 
loop_
_chem_comp_bond.comp_id 
_chem_comp_bond.atom_id_1 
_chem_comp_bond.atom_id_2 
_chem_comp_bond.value_order 
_chem_comp_bond.pdbx_aromatic_flag 
_chem_comp_bond.pdbx_stereo_config 
_chem_comp_bond.pdbx_ordinal 
DA OP3   P      sing N N 1   
DA OP3   HOP3   sing N N 2   
DA P     OP1    doub N N 3   
DA P     OP2    sing N N 4   
DA P     "O5'"  sing N N 5   
DA OP2   HOP2   sing N N 6   
DA "O5'" "C5'"  sing N N 7   
DA "C5'" "C4'"  sing N N 8   
DA "C5'" "H5'"  sing N N 9   
DA "C5'" "H5''" sing N N 10  
DA "C4'" "O4'"  sing N N 11  
DA "C4'" "C3'"  sing N N 12  
DA "C4'" "H4'"  sing N N 13  
DA "O4'" "C1'"  sing N N 14  
DA "C3'" "O3'"  sing N N 15  
DA "C3'" "C2'"  sing N N 16  
DA "C3'" "H3'"  sing N N 17  
DA "O3'" "HO3'" sing N N 18  
DA "C2'" "C1'"  sing N N 19  
DA "C2'" "H2'"  sing N N 20  
DA "C2'" "H2''" sing N N 21  
DA "C1'" N9     sing N N 22  
DA "C1'" "H1'"  sing N N 23  
DA N9    C8     sing Y N 24  
DA N9    C4     sing Y N 25  
DA C8    N7     doub Y N 26  
DA C8    H8     sing N N 27  
DA N7    C5     sing Y N 28  
DA C5    C6     sing Y N 29  
DA C5    C4     doub Y N 30  
DA C6    N6     sing N N 31  
DA C6    N1     doub Y N 32  
DA N6    H61    sing N N 33  
DA N6    H62    sing N N 34  
DA N1    C2     sing Y N 35  
DA C2    N3     doub Y N 36  
DA C2    H2     sing N N 37  
DA N3    C4     sing Y N 38  
DC OP3   P      sing N N 39  
DC OP3   HOP3   sing N N 40  
DC P     OP1    doub N N 41  
DC P     OP2    sing N N 42  
DC P     "O5'"  sing N N 43  
DC OP2   HOP2   sing N N 44  
DC "O5'" "C5'"  sing N N 45  
DC "C5'" "C4'"  sing N N 46  
DC "C5'" "H5'"  sing N N 47  
DC "C5'" "H5''" sing N N 48  
DC "C4'" "O4'"  sing N N 49  
DC "C4'" "C3'"  sing N N 50  
DC "C4'" "H4'"  sing N N 51  
DC "O4'" "C1'"  sing N N 52  
DC "C3'" "O3'"  sing N N 53  
DC "C3'" "C2'"  sing N N 54  
DC "C3'" "H3'"  sing N N 55  
DC "O3'" "HO3'" sing N N 56  
DC "C2'" "C1'"  sing N N 57  
DC "C2'" "H2'"  sing N N 58  
DC "C2'" "H2''" sing N N 59  
DC "C1'" N1     sing N N 60  
DC "C1'" "H1'"  sing N N 61  
DC N1    C2     sing N N 62  
DC N1    C6     sing N N 63  
DC C2    O2     doub N N 64  
DC C2    N3     sing N N 65  
DC N3    C4     doub N N 66  
DC C4    N4     sing N N 67  
DC C4    C5     sing N N 68  
DC N4    H41    sing N N 69  
DC N4    H42    sing N N 70  
DC C5    C6     doub N N 71  
DC C5    H5     sing N N 72  
DC C6    H6     sing N N 73  
DG OP3   P      sing N N 74  
DG OP3   HOP3   sing N N 75  
DG P     OP1    doub N N 76  
DG P     OP2    sing N N 77  
DG P     "O5'"  sing N N 78  
DG OP2   HOP2   sing N N 79  
DG "O5'" "C5'"  sing N N 80  
DG "C5'" "C4'"  sing N N 81  
DG "C5'" "H5'"  sing N N 82  
DG "C5'" "H5''" sing N N 83  
DG "C4'" "O4'"  sing N N 84  
DG "C4'" "C3'"  sing N N 85  
DG "C4'" "H4'"  sing N N 86  
DG "O4'" "C1'"  sing N N 87  
DG "C3'" "O3'"  sing N N 88  
DG "C3'" "C2'"  sing N N 89  
DG "C3'" "H3'"  sing N N 90  
DG "O3'" "HO3'" sing N N 91  
DG "C2'" "C1'"  sing N N 92  
DG "C2'" "H2'"  sing N N 93  
DG "C2'" "H2''" sing N N 94  
DG "C1'" N9     sing N N 95  
DG "C1'" "H1'"  sing N N 96  
DG N9    C8     sing Y N 97  
DG N9    C4     sing Y N 98  
DG C8    N7     doub Y N 99  
DG C8    H8     sing N N 100 
DG N7    C5     sing Y N 101 
DG C5    C6     sing N N 102 
DG C5    C4     doub Y N 103 
DG C6    O6     doub N N 104 
DG C6    N1     sing N N 105 
DG N1    C2     sing N N 106 
DG N1    H1     sing N N 107 
DG C2    N2     sing N N 108 
DG C2    N3     doub N N 109 
DG N2    H21    sing N N 110 
DG N2    H22    sing N N 111 
DG N3    C4     sing N N 112 
DT OP3   P      sing N N 113 
DT OP3   HOP3   sing N N 114 
DT P     OP1    doub N N 115 
DT P     OP2    sing N N 116 
DT P     "O5'"  sing N N 117 
DT OP2   HOP2   sing N N 118 
DT "O5'" "C5'"  sing N N 119 
DT "C5'" "C4'"  sing N N 120 
DT "C5'" "H5'"  sing N N 121 
DT "C5'" "H5''" sing N N 122 
DT "C4'" "O4'"  sing N N 123 
DT "C4'" "C3'"  sing N N 124 
DT "C4'" "H4'"  sing N N 125 
DT "O4'" "C1'"  sing N N 126 
DT "C3'" "O3'"  sing N N 127 
DT "C3'" "C2'"  sing N N 128 
DT "C3'" "H3'"  sing N N 129 
DT "O3'" "HO3'" sing N N 130 
DT "C2'" "C1'"  sing N N 131 
DT "C2'" "H2'"  sing N N 132 
DT "C2'" "H2''" sing N N 133 
DT "C1'" N1     sing N N 134 
DT "C1'" "H1'"  sing N N 135 
DT N1    C2     sing N N 136 
DT N1    C6     sing N N 137 
DT C2    O2     doub N N 138 
DT C2    N3     sing N N 139 
DT N3    C4     sing N N 140 
DT N3    H3     sing N N 141 
DT C4    O4     doub N N 142 
DT C4    C5     sing N N 143 
DT C5    C7     sing N N 144 
DT C5    C6     doub N N 145 
DT C7    H71    sing N N 146 
DT C7    H72    sing N N 147 
DT C7    H73    sing N N 148 
DT C6    H6     sing N N 149 
# 
loop_
_ndb_struct_conf_na.entry_id 
_ndb_struct_conf_na.feature 
6XDY 'double helix'        
6XDY 'a-form double helix' 
6XDY 'b-form double helix' 
# 
loop_
_ndb_struct_na_base_pair.model_number 
_ndb_struct_na_base_pair.i_label_asym_id 
_ndb_struct_na_base_pair.i_label_comp_id 
_ndb_struct_na_base_pair.i_label_seq_id 
_ndb_struct_na_base_pair.i_symmetry 
_ndb_struct_na_base_pair.j_label_asym_id 
_ndb_struct_na_base_pair.j_label_comp_id 
_ndb_struct_na_base_pair.j_label_seq_id 
_ndb_struct_na_base_pair.j_symmetry 
_ndb_struct_na_base_pair.shear 
_ndb_struct_na_base_pair.stretch 
_ndb_struct_na_base_pair.stagger 
_ndb_struct_na_base_pair.buckle 
_ndb_struct_na_base_pair.propeller 
_ndb_struct_na_base_pair.opening 
_ndb_struct_na_base_pair.pair_number 
_ndb_struct_na_base_pair.pair_name 
_ndb_struct_na_base_pair.i_auth_asym_id 
_ndb_struct_na_base_pair.i_auth_seq_id 
_ndb_struct_na_base_pair.i_PDB_ins_code 
_ndb_struct_na_base_pair.j_auth_asym_id 
_ndb_struct_na_base_pair.j_auth_seq_id 
_ndb_struct_na_base_pair.j_PDB_ins_code 
_ndb_struct_na_base_pair.hbond_type_28 
_ndb_struct_na_base_pair.hbond_type_12 
1 A DG 3  1_555 D DC 16 1_555 0.046  0.220  0.553  -5.679 -6.085  -3.190  1  A_DG3:DC16_D A 3  ? D 16 ? 19 1 
1 A DC 4  1_555 D DG 15 1_555 -0.504 0.141  0.366  -0.989 -4.483  -2.698  2  A_DC4:DG15_D A 4  ? D 15 ? 19 1 
1 A DA 5  1_555 D DT 14 1_555 -0.345 -0.028 0.340  3.155  -6.692  -0.133  3  A_DA5:DT14_D A 5  ? D 14 ? 20 1 
1 A DG 6  1_555 D DC 13 1_555 -0.227 0.150  0.077  5.720  -10.735 -2.963  4  A_DG6:DC13_D A 6  ? D 13 ? 19 1 
1 A DA 7  1_555 D DT 12 1_555 0.678  -0.041 -0.385 2.720  -8.026  -10.505 5  A_DA7:DT12_D A 7  ? D 12 ? 20 1 
1 A DC 8  1_555 D DG 11 1_555 0.622  -0.335 -0.267 5.232  -11.671 -0.069  6  A_DC8:DG11_D A 8  ? D 11 ? 19 1 
1 A DC 9  1_555 D DG 10 1_555 -0.323 -0.114 0.545  -9.858 -8.337  4.052   7  A_DC9:DG10_D A 9  ? D 10 ? 19 1 
1 A DA 10 1_555 C DT 2  1_555 -0.087 -0.253 0.674  6.760  2.031   2.082   8  A_DA10:DT2_C A 10 ? C 2  ? 20 1 
1 A DG 11 1_555 C DC 1  1_555 0.373  -0.236 0.192  10.886 -6.164  -12.447 9  A_DG11:DC1_C A 11 ? C 1  ? 19 1 
1 B DA 1  1_555 C DT 5  1_555 1.162  -0.190 0.986  14.353 -13.663 2.837   10 B_DA12:DT5_C B 12 ? C 5  ? 20 1 
1 B DC 2  1_555 C DG 4  1_555 0.242  -0.392 0.716  6.340  -20.264 0.003   11 B_DC13:DG4_C B 13 ? C 4  ? 19 1 
1 B DG 3  1_555 C DC 3  1_555 -0.339 -0.131 0.480  -4.120 -14.143 2.859   12 B_DG14:DC3_C B 14 ? C 3  ? 19 1 
1 B DT 4  1_555 D DA 9  1_555 -1.273 0.257  0.371  -5.563 -7.699  5.866   13 B_DT15:DA9_D B 15 ? D 9  ? 20 1 
1 B DC 5  1_555 D DG 8  1_555 -0.114 0.290  0.539  0.707  -3.827  11.228  14 B_DC16:DG8_D B 16 ? D 8  ? 19 1 
1 B DA 6  1_555 D DT 7  1_555 0.380  0.126  0.309  2.290  -8.977  -5.127  15 B_DA17:DT7_D B 17 ? D 7  ? 20 1 
1 B DC 7  1_555 D DG 6  1_555 -0.277 0.221  -0.018 4.032  -9.037  3.870   16 B_DC18:DG6_D B 18 ? D 6  ? 19 1 
1 B DT 8  1_555 D DA 5  1_555 0.295  0.023  -0.328 2.510  -9.632  3.010   17 B_DT19:DA5_D B 19 ? D 5  ? 20 1 
1 B DC 9  1_555 D DG 4  1_555 0.367  0.403  -0.205 13.878 -6.953  0.418   18 B_DC20:DG4_D B 20 ? D 4  ? 19 1 
1 B DA 10 1_555 D DT 3  1_555 0.428  -0.066 0.045  8.627  -21.402 -1.188  19 B_DA21:DT3_D B 21 ? D 3  ? 20 1 
# 
loop_
_ndb_struct_na_base_pair_step.model_number 
_ndb_struct_na_base_pair_step.i_label_asym_id_1 
_ndb_struct_na_base_pair_step.i_label_comp_id_1 
_ndb_struct_na_base_pair_step.i_label_seq_id_1 
_ndb_struct_na_base_pair_step.i_symmetry_1 
_ndb_struct_na_base_pair_step.j_label_asym_id_1 
_ndb_struct_na_base_pair_step.j_label_comp_id_1 
_ndb_struct_na_base_pair_step.j_label_seq_id_1 
_ndb_struct_na_base_pair_step.j_symmetry_1 
_ndb_struct_na_base_pair_step.i_label_asym_id_2 
_ndb_struct_na_base_pair_step.i_label_comp_id_2 
_ndb_struct_na_base_pair_step.i_label_seq_id_2 
_ndb_struct_na_base_pair_step.i_symmetry_2 
_ndb_struct_na_base_pair_step.j_label_asym_id_2 
_ndb_struct_na_base_pair_step.j_label_comp_id_2 
_ndb_struct_na_base_pair_step.j_label_seq_id_2 
_ndb_struct_na_base_pair_step.j_symmetry_2 
_ndb_struct_na_base_pair_step.shift 
_ndb_struct_na_base_pair_step.slide 
_ndb_struct_na_base_pair_step.rise 
_ndb_struct_na_base_pair_step.tilt 
_ndb_struct_na_base_pair_step.roll 
_ndb_struct_na_base_pair_step.twist 
_ndb_struct_na_base_pair_step.x_displacement 
_ndb_struct_na_base_pair_step.y_displacement 
_ndb_struct_na_base_pair_step.helical_rise 
_ndb_struct_na_base_pair_step.inclination 
_ndb_struct_na_base_pair_step.tip 
_ndb_struct_na_base_pair_step.helical_twist 
_ndb_struct_na_base_pair_step.step_number 
_ndb_struct_na_base_pair_step.step_name 
_ndb_struct_na_base_pair_step.i_auth_asym_id_1 
_ndb_struct_na_base_pair_step.i_auth_seq_id_1 
_ndb_struct_na_base_pair_step.i_PDB_ins_code_1 
_ndb_struct_na_base_pair_step.j_auth_asym_id_1 
_ndb_struct_na_base_pair_step.j_auth_seq_id_1 
_ndb_struct_na_base_pair_step.j_PDB_ins_code_1 
_ndb_struct_na_base_pair_step.i_auth_asym_id_2 
_ndb_struct_na_base_pair_step.i_auth_seq_id_2 
_ndb_struct_na_base_pair_step.i_PDB_ins_code_2 
_ndb_struct_na_base_pair_step.j_auth_asym_id_2 
_ndb_struct_na_base_pair_step.j_auth_seq_id_2 
_ndb_struct_na_base_pair_step.j_PDB_ins_code_2 
1 A DG 3  1_555 D DC 16 1_555 A DC 4  1_555 D DG 15 1_555 -1.126 -1.072 3.085 -0.012 1.692  29.307 -2.456 2.220  3.020 3.341  
0.025  29.354 1  AA_DG3DC4:DG15DC16_DD A 3  ? D 16 ? A 4  ? D 15 ? 
1 A DC 4  1_555 D DG 15 1_555 A DA 5  1_555 D DT 14 1_555 -0.213 0.664  3.353 -1.974 3.910  31.806 0.472  0.017  3.415 7.092  
3.582  32.099 2  AA_DC4DA5:DT14DG15_DD A 4  ? D 15 ? A 5  ? D 14 ? 
1 A DA 5  1_555 D DT 14 1_555 A DG 6  1_555 D DC 13 1_555 0.330  -0.354 3.299 -0.555 1.522  34.260 -0.841 -0.647 3.275 2.582  
0.941  34.297 3  AA_DA5DG6:DC13DT14_DD A 5  ? D 14 ? A 6  ? D 13 ? 
1 A DG 6  1_555 D DC 13 1_555 A DA 7  1_555 D DT 12 1_555 -0.159 -0.805 3.290 2.419  0.073  37.924 -1.246 0.554  3.273 0.111  
-3.718 37.998 4  AA_DG6DA7:DT12DC13_DD A 6  ? D 13 ? A 7  ? D 12 ? 
1 A DA 7  1_555 D DT 12 1_555 A DC 8  1_555 D DG 11 1_555 1.029  -0.727 3.298 -2.166 0.511  34.948 -1.285 -2.036 3.219 0.849  
3.603  35.016 5  AA_DA7DC8:DG11DT12_DD A 7  ? D 12 ? A 8  ? D 11 ? 
1 A DC 8  1_555 D DG 11 1_555 A DC 9  1_555 D DG 10 1_555 -0.305 -1.398 3.710 -7.738 2.213  31.072 -2.981 -1.023 3.575 4.046  
14.149 32.073 6  AA_DC8DC9:DG10DG11_DD A 8  ? D 11 ? A 9  ? D 10 ? 
1 A DC 9  1_555 D DG 10 1_555 A DA 10 1_555 C DT 2  1_555 -0.659 -1.236 2.688 -2.028 0.844  27.025 -2.811 0.984  2.691 1.802  
4.331  27.112 7  AA_DC9DA10:DT2DG10_CD A 9  ? D 10 ? A 10 ? C 2  ? 
1 A DA 10 1_555 C DT 2  1_555 A DG 11 1_555 C DC 1  1_555 -0.955 0.257  3.458 0.834  1.543  33.046 0.176  1.826  3.442 2.709  
-1.465 33.091 8  AA_DA10DG11:DC1DT2_CC A 10 ? C 2  ? A 11 ? C 1  ? 
1 B DA 1  1_555 C DT 5  1_555 B DC 2  1_555 C DG 4  1_555 -0.138 -1.038 3.331 -0.897 -0.080 31.467 -1.897 0.083  3.336 -0.147 
1.653  31.479 9  BB_DA12DC13:DG4DT5_CC B 12 ? C 5  ? B 13 ? C 4  ? 
1 B DC 2  1_555 C DG 4  1_555 B DG 3  1_555 C DC 3  1_555 -0.381 -1.232 3.602 -3.920 -5.584 35.294 -1.090 -0.019 3.767 -9.104 
6.391  35.927 10 BB_DC13DG14:DC3DG4_CC B 13 ? C 4  ? B 14 ? C 3  ? 
1 B DG 3  1_555 C DC 3  1_555 B DT 4  1_555 D DA 9  1_555 -0.715 -1.122 3.223 -0.988 -0.786 22.596 -2.574 1.465  3.287 -2.003 
2.518  22.631 11 BB_DG14DT15:DA9DC3_DC B 14 ? C 3  ? B 15 ? D 9  ? 
1 B DT 4  1_555 D DA 9  1_555 B DC 5  1_555 D DG 8  1_555 0.396  0.926  3.489 -0.970 2.116  38.187 1.129  -0.734 3.523 3.230  
1.481  38.255 12 BB_DT15DC16:DG8DA9_DD B 15 ? D 9  ? B 16 ? D 8  ? 
1 B DC 5  1_555 D DG 8  1_555 B DA 6  1_555 D DT 7  1_555 -0.551 0.532  3.186 0.536  1.442  41.840 0.598  0.826  3.195 2.018  
-0.751 41.867 13 BB_DC16DA17:DT7DG8_DD B 16 ? D 8  ? B 17 ? D 7  ? 
1 B DA 6  1_555 D DT 7  1_555 B DC 7  1_555 D DG 6  1_555 0.496  -0.753 3.114 2.285  3.591  29.128 -2.207 -0.515 3.030 7.093  
-4.513 29.431 14 BB_DA17DC18:DG6DT7_DD B 17 ? D 7  ? B 18 ? D 6  ? 
1 B DC 7  1_555 D DG 6  1_555 B DT 8  1_555 D DA 5  1_555 -0.550 -0.814 3.276 1.016  2.337  34.459 -1.728 1.082  3.198 3.938  
-1.712 34.550 15 BB_DC18DT19:DA5DG6_DD B 18 ? D 6  ? B 19 ? D 5  ? 
1 B DT 8  1_555 D DA 5  1_555 B DC 9  1_555 D DG 4  1_555 0.196  0.618  3.081 0.917  4.454  35.061 0.390  -0.194 3.137 7.354  
-1.514 35.345 16 BB_DT19DC20:DG4DA5_DD B 19 ? D 5  ? B 20 ? D 4  ? 
1 B DC 9  1_555 D DG 4  1_555 B DA 10 1_555 D DT 3  1_555 -0.280 1.187  3.626 -2.305 -1.082 43.143 1.728  0.130  3.606 -1.470 
3.132  43.214 17 BB_DC20DA21:DT3DG4_DD B 20 ? D 4  ? B 21 ? D 3  ? 
# 
loop_
_pdbx_audit_support.funding_organization 
_pdbx_audit_support.country 
_pdbx_audit_support.grant_number 
_pdbx_audit_support.ordinal 
'National Science Foundation (NSF, United States)'                                         'United States' 1360635     1 
'National Institutes of Health/National Institute of General Medical Sciences (NIH/NIGMS)' 'United States' R01GM104960 2 
'National Science Foundation (NSF, United States)'                                         'United States' NSF2004250  3 
# 
_pdbx_initial_refinement_model.id               1 
_pdbx_initial_refinement_model.entity_id_list   ? 
_pdbx_initial_refinement_model.type             'experimental model' 
_pdbx_initial_refinement_model.source_name      PDB 
_pdbx_initial_refinement_model.accession_code   6X8C 
_pdbx_initial_refinement_model.details          ? 
# 
_pdbx_struct_assembly_auth_evidence.id                     1 
_pdbx_struct_assembly_auth_evidence.assembly_id            1 
_pdbx_struct_assembly_auth_evidence.experimental_support   none 
_pdbx_struct_assembly_auth_evidence.details                ? 
# 
